data_3IFU
# 
_entry.id   3IFU 
# 
_audit_conform.dict_name       mmcif_pdbx.dic 
_audit_conform.dict_version    5.388 
_audit_conform.dict_location   http://mmcif.pdb.org/dictionaries/ascii/mmcif_pdbx.dic 
# 
loop_
_database_2.database_id 
_database_2.database_code 
_database_2.pdbx_database_accession 
_database_2.pdbx_DOI 
PDB   3IFU         pdb_00003ifu 10.2210/pdb3ifu/pdb 
RCSB  RCSB054357   ?            ?                   
WWPDB D_1000054357 ?            ?                   
# 
loop_
_pdbx_audit_revision_history.ordinal 
_pdbx_audit_revision_history.data_content_type 
_pdbx_audit_revision_history.major_revision 
_pdbx_audit_revision_history.minor_revision 
_pdbx_audit_revision_history.revision_date 
1 'Structure model' 1 0 2009-10-27 
2 'Structure model' 1 1 2011-07-13 
3 'Structure model' 1 2 2017-10-04 
4 'Structure model' 1 3 2024-03-20 
# 
_pdbx_audit_revision_details.ordinal             1 
_pdbx_audit_revision_details.revision_ordinal    1 
_pdbx_audit_revision_details.data_content_type   'Structure model' 
_pdbx_audit_revision_details.provider            repository 
_pdbx_audit_revision_details.type                'Initial release' 
_pdbx_audit_revision_details.description         ? 
_pdbx_audit_revision_details.details             ? 
# 
loop_
_pdbx_audit_revision_group.ordinal 
_pdbx_audit_revision_group.revision_ordinal 
_pdbx_audit_revision_group.data_content_type 
_pdbx_audit_revision_group.group 
1 2 'Structure model' 'Version format compliance' 
2 3 'Structure model' 'Data collection'           
3 4 'Structure model' 'Data collection'           
4 4 'Structure model' 'Database references'       
5 4 'Structure model' 'Derived calculations'      
# 
loop_
_pdbx_audit_revision_category.ordinal 
_pdbx_audit_revision_category.revision_ordinal 
_pdbx_audit_revision_category.data_content_type 
_pdbx_audit_revision_category.category 
1 3 'Structure model' diffrn_detector 
2 4 'Structure model' chem_comp_atom  
3 4 'Structure model' chem_comp_bond  
4 4 'Structure model' database_2      
5 4 'Structure model' struct_site     
# 
loop_
_pdbx_audit_revision_item.ordinal 
_pdbx_audit_revision_item.revision_ordinal 
_pdbx_audit_revision_item.data_content_type 
_pdbx_audit_revision_item.item 
1 3 'Structure model' '_diffrn_detector.detector'           
2 4 'Structure model' '_database_2.pdbx_DOI'                
3 4 'Structure model' '_database_2.pdbx_database_accession' 
4 4 'Structure model' '_struct_site.pdbx_auth_asym_id'      
5 4 'Structure model' '_struct_site.pdbx_auth_comp_id'      
6 4 'Structure model' '_struct_site.pdbx_auth_seq_id'       
# 
_pdbx_database_status.status_code                     REL 
_pdbx_database_status.entry_id                        3IFU 
_pdbx_database_status.recvd_initial_deposition_date   2009-07-26 
_pdbx_database_status.deposit_site                    RCSB 
_pdbx_database_status.process_site                    PDBJ 
_pdbx_database_status.status_code_sf                  REL 
_pdbx_database_status.status_code_mr                  ? 
_pdbx_database_status.SG_entry                        ? 
_pdbx_database_status.pdb_format_compatible           Y 
_pdbx_database_status.status_code_cs                  ? 
_pdbx_database_status.methods_development_category    ? 
_pdbx_database_status.status_code_nmr_data            ? 
# 
loop_
_audit_author.name 
_audit_author.pdbx_ordinal 
'Sun, Y.' 1 
'Xue, F.' 2 
'Guo, Y.' 3 
'Ma, M.'  4 
'Lou, Z.' 5 
'Rao, Z.' 6 
# 
_citation.id                        primary 
_citation.title                     
'Crystal structure of porcine reproductive and respiratory syndrome virus leader protease Nsp1alpha' 
_citation.journal_abbrev            J.Virol. 
_citation.journal_volume            83 
_citation.page_first                10931 
_citation.page_last                 10940 
_citation.year                      2009 
_citation.journal_id_ASTM           JOVIAM 
_citation.country                   US 
_citation.journal_id_ISSN           0022-538X 
_citation.journal_id_CSD            0825 
_citation.book_publisher            ? 
_citation.pdbx_database_id_PubMed   19706710 
_citation.pdbx_database_id_DOI      10.1128/JVI.02579-08 
# 
loop_
_citation_author.citation_id 
_citation_author.name 
_citation_author.ordinal 
_citation_author.identifier_ORCID 
primary 'Sun, Y.'     1 ? 
primary 'Xue, F.'     2 ? 
primary 'Guo, Y.'     3 ? 
primary 'Ma, M.'      4 ? 
primary 'Hao, N.'     5 ? 
primary 'Zhang, X.C.' 6 ? 
primary 'Lou, Z.'     7 ? 
primary 'Li, X.'      8 ? 
primary 'Rao, Z.'     9 ? 
# 
loop_
_entity.id 
_entity.type 
_entity.src_method 
_entity.pdbx_description 
_entity.formula_weight 
_entity.pdbx_number_of_molecules 
_entity.pdbx_ec 
_entity.pdbx_mutation 
_entity.pdbx_fragment 
_entity.details 
1 polymer     man 'Non-structural protein' 19985.326 1  ? ? 'Leader Protease Nsp1, residues 1-180' ? 
2 non-polymer syn 'ZINC ION'               65.409    2  ? ? ?                                      ? 
3 water       nat water                    18.015    51 ? ? ?                                      ? 
# 
_entity_poly.entity_id                      1 
_entity_poly.type                           'polypeptide(L)' 
_entity_poly.nstd_linkage                   no 
_entity_poly.nstd_monomer                   no 
_entity_poly.pdbx_seq_one_letter_code       
;MSGILDRCTCTPNARVFVAEGQVYCTRCLSARSLLPLNLQVPELGVLGLFYRPEEPLRWTLPRAFPTVECSPAGACWLSA
IFPIARMTSGNLNFQQRMVRVAAEIYRAGQLTPTVLKTLQVYERGCRWYPIVGPVPGVGVYANSLHVSDKPFPGATHVLT
NLPLPQRPKPEDFCPFECAM
;
_entity_poly.pdbx_seq_one_letter_code_can   
;MSGILDRCTCTPNARVFVAEGQVYCTRCLSARSLLPLNLQVPELGVLGLFYRPEEPLRWTLPRAFPTVECSPAGACWLSA
IFPIARMTSGNLNFQQRMVRVAAEIYRAGQLTPTVLKTLQVYERGCRWYPIVGPVPGVGVYANSLHVSDKPFPGATHVLT
NLPLPQRPKPEDFCPFECAM
;
_entity_poly.pdbx_strand_id                 A 
_entity_poly.pdbx_target_identifier         ? 
# 
loop_
_pdbx_entity_nonpoly.entity_id 
_pdbx_entity_nonpoly.name 
_pdbx_entity_nonpoly.comp_id 
2 'ZINC ION' ZN  
3 water      HOH 
# 
loop_
_entity_poly_seq.entity_id 
_entity_poly_seq.num 
_entity_poly_seq.mon_id 
_entity_poly_seq.hetero 
1 1   MET n 
1 2   SER n 
1 3   GLY n 
1 4   ILE n 
1 5   LEU n 
1 6   ASP n 
1 7   ARG n 
1 8   CYS n 
1 9   THR n 
1 10  CYS n 
1 11  THR n 
1 12  PRO n 
1 13  ASN n 
1 14  ALA n 
1 15  ARG n 
1 16  VAL n 
1 17  PHE n 
1 18  VAL n 
1 19  ALA n 
1 20  GLU n 
1 21  GLY n 
1 22  GLN n 
1 23  VAL n 
1 24  TYR n 
1 25  CYS n 
1 26  THR n 
1 27  ARG n 
1 28  CYS n 
1 29  LEU n 
1 30  SER n 
1 31  ALA n 
1 32  ARG n 
1 33  SER n 
1 34  LEU n 
1 35  LEU n 
1 36  PRO n 
1 37  LEU n 
1 38  ASN n 
1 39  LEU n 
1 40  GLN n 
1 41  VAL n 
1 42  PRO n 
1 43  GLU n 
1 44  LEU n 
1 45  GLY n 
1 46  VAL n 
1 47  LEU n 
1 48  GLY n 
1 49  LEU n 
1 50  PHE n 
1 51  TYR n 
1 52  ARG n 
1 53  PRO n 
1 54  GLU n 
1 55  GLU n 
1 56  PRO n 
1 57  LEU n 
1 58  ARG n 
1 59  TRP n 
1 60  THR n 
1 61  LEU n 
1 62  PRO n 
1 63  ARG n 
1 64  ALA n 
1 65  PHE n 
1 66  PRO n 
1 67  THR n 
1 68  VAL n 
1 69  GLU n 
1 70  CYS n 
1 71  SER n 
1 72  PRO n 
1 73  ALA n 
1 74  GLY n 
1 75  ALA n 
1 76  CYS n 
1 77  TRP n 
1 78  LEU n 
1 79  SER n 
1 80  ALA n 
1 81  ILE n 
1 82  PHE n 
1 83  PRO n 
1 84  ILE n 
1 85  ALA n 
1 86  ARG n 
1 87  MET n 
1 88  THR n 
1 89  SER n 
1 90  GLY n 
1 91  ASN n 
1 92  LEU n 
1 93  ASN n 
1 94  PHE n 
1 95  GLN n 
1 96  GLN n 
1 97  ARG n 
1 98  MET n 
1 99  VAL n 
1 100 ARG n 
1 101 VAL n 
1 102 ALA n 
1 103 ALA n 
1 104 GLU n 
1 105 ILE n 
1 106 TYR n 
1 107 ARG n 
1 108 ALA n 
1 109 GLY n 
1 110 GLN n 
1 111 LEU n 
1 112 THR n 
1 113 PRO n 
1 114 THR n 
1 115 VAL n 
1 116 LEU n 
1 117 LYS n 
1 118 THR n 
1 119 LEU n 
1 120 GLN n 
1 121 VAL n 
1 122 TYR n 
1 123 GLU n 
1 124 ARG n 
1 125 GLY n 
1 126 CYS n 
1 127 ARG n 
1 128 TRP n 
1 129 TYR n 
1 130 PRO n 
1 131 ILE n 
1 132 VAL n 
1 133 GLY n 
1 134 PRO n 
1 135 VAL n 
1 136 PRO n 
1 137 GLY n 
1 138 VAL n 
1 139 GLY n 
1 140 VAL n 
1 141 TYR n 
1 142 ALA n 
1 143 ASN n 
1 144 SER n 
1 145 LEU n 
1 146 HIS n 
1 147 VAL n 
1 148 SER n 
1 149 ASP n 
1 150 LYS n 
1 151 PRO n 
1 152 PHE n 
1 153 PRO n 
1 154 GLY n 
1 155 ALA n 
1 156 THR n 
1 157 HIS n 
1 158 VAL n 
1 159 LEU n 
1 160 THR n 
1 161 ASN n 
1 162 LEU n 
1 163 PRO n 
1 164 LEU n 
1 165 PRO n 
1 166 GLN n 
1 167 ARG n 
1 168 PRO n 
1 169 LYS n 
1 170 PRO n 
1 171 GLU n 
1 172 ASP n 
1 173 PHE n 
1 174 CYS n 
1 175 PRO n 
1 176 PHE n 
1 177 GLU n 
1 178 CYS n 
1 179 ALA n 
1 180 MET n 
# 
_entity_src_gen.entity_id                          1 
_entity_src_gen.pdbx_src_id                        1 
_entity_src_gen.pdbx_alt_source_flag               sample 
_entity_src_gen.pdbx_seq_type                      ? 
_entity_src_gen.pdbx_beg_seq_num                   ? 
_entity_src_gen.pdbx_end_seq_num                   ? 
_entity_src_gen.gene_src_common_name               PRRSV 
_entity_src_gen.gene_src_genus                     ? 
_entity_src_gen.pdbx_gene_src_gene                 ORF1a 
_entity_src_gen.gene_src_species                   ? 
_entity_src_gen.gene_src_strain                    ? 
_entity_src_gen.gene_src_tissue                    ? 
_entity_src_gen.gene_src_tissue_fraction           ? 
_entity_src_gen.gene_src_details                   ? 
_entity_src_gen.pdbx_gene_src_fragment             ? 
_entity_src_gen.pdbx_gene_src_scientific_name      'Porcine reproductive and respiratory syndrome virus' 
_entity_src_gen.pdbx_gene_src_ncbi_taxonomy_id     28344 
_entity_src_gen.pdbx_gene_src_variant              ? 
_entity_src_gen.pdbx_gene_src_cell_line            ? 
_entity_src_gen.pdbx_gene_src_atcc                 ? 
_entity_src_gen.pdbx_gene_src_organ                ? 
_entity_src_gen.pdbx_gene_src_organelle            ? 
_entity_src_gen.pdbx_gene_src_cell                 ? 
_entity_src_gen.pdbx_gene_src_cellular_location    ? 
_entity_src_gen.host_org_common_name               ? 
_entity_src_gen.pdbx_host_org_scientific_name      'Escherichia coli BL21(DE3)' 
_entity_src_gen.pdbx_host_org_ncbi_taxonomy_id     469008 
_entity_src_gen.host_org_genus                     ? 
_entity_src_gen.pdbx_host_org_gene                 ? 
_entity_src_gen.pdbx_host_org_organ                ? 
_entity_src_gen.host_org_species                   ? 
_entity_src_gen.pdbx_host_org_tissue               ? 
_entity_src_gen.pdbx_host_org_tissue_fraction      ? 
_entity_src_gen.pdbx_host_org_strain               'BL21(DE3)' 
_entity_src_gen.pdbx_host_org_variant              ? 
_entity_src_gen.pdbx_host_org_cell_line            ? 
_entity_src_gen.pdbx_host_org_atcc                 ? 
_entity_src_gen.pdbx_host_org_culture_collection   ? 
_entity_src_gen.pdbx_host_org_cell                 ? 
_entity_src_gen.pdbx_host_org_organelle            ? 
_entity_src_gen.pdbx_host_org_cellular_location    ? 
_entity_src_gen.pdbx_host_org_vector_type          plasmid 
_entity_src_gen.pdbx_host_org_vector               ? 
_entity_src_gen.host_org_details                   ? 
_entity_src_gen.expression_system_id               ? 
_entity_src_gen.plasmid_name                       pET-28a 
_entity_src_gen.plasmid_details                    ? 
_entity_src_gen.pdbx_description                   ? 
# 
loop_
_chem_comp.id 
_chem_comp.type 
_chem_comp.mon_nstd_flag 
_chem_comp.name 
_chem_comp.pdbx_synonyms 
_chem_comp.formula 
_chem_comp.formula_weight 
ALA 'L-peptide linking' y ALANINE         ? 'C3 H7 N O2'     89.093  
ARG 'L-peptide linking' y ARGININE        ? 'C6 H15 N4 O2 1' 175.209 
ASN 'L-peptide linking' y ASPARAGINE      ? 'C4 H8 N2 O3'    132.118 
ASP 'L-peptide linking' y 'ASPARTIC ACID' ? 'C4 H7 N O4'     133.103 
CYS 'L-peptide linking' y CYSTEINE        ? 'C3 H7 N O2 S'   121.158 
GLN 'L-peptide linking' y GLUTAMINE       ? 'C5 H10 N2 O3'   146.144 
GLU 'L-peptide linking' y 'GLUTAMIC ACID' ? 'C5 H9 N O4'     147.129 
GLY 'peptide linking'   y GLYCINE         ? 'C2 H5 N O2'     75.067  
HIS 'L-peptide linking' y HISTIDINE       ? 'C6 H10 N3 O2 1' 156.162 
HOH non-polymer         . WATER           ? 'H2 O'           18.015  
ILE 'L-peptide linking' y ISOLEUCINE      ? 'C6 H13 N O2'    131.173 
LEU 'L-peptide linking' y LEUCINE         ? 'C6 H13 N O2'    131.173 
LYS 'L-peptide linking' y LYSINE          ? 'C6 H15 N2 O2 1' 147.195 
MET 'L-peptide linking' y METHIONINE      ? 'C5 H11 N O2 S'  149.211 
PHE 'L-peptide linking' y PHENYLALANINE   ? 'C9 H11 N O2'    165.189 
PRO 'L-peptide linking' y PROLINE         ? 'C5 H9 N O2'     115.130 
SER 'L-peptide linking' y SERINE          ? 'C3 H7 N O3'     105.093 
THR 'L-peptide linking' y THREONINE       ? 'C4 H9 N O3'     119.119 
TRP 'L-peptide linking' y TRYPTOPHAN      ? 'C11 H12 N2 O2'  204.225 
TYR 'L-peptide linking' y TYROSINE        ? 'C9 H11 N O3'    181.189 
VAL 'L-peptide linking' y VALINE          ? 'C5 H11 N O2'    117.146 
ZN  non-polymer         . 'ZINC ION'      ? 'Zn 2'           65.409  
# 
loop_
_pdbx_poly_seq_scheme.asym_id 
_pdbx_poly_seq_scheme.entity_id 
_pdbx_poly_seq_scheme.seq_id 
_pdbx_poly_seq_scheme.mon_id 
_pdbx_poly_seq_scheme.ndb_seq_num 
_pdbx_poly_seq_scheme.pdb_seq_num 
_pdbx_poly_seq_scheme.auth_seq_num 
_pdbx_poly_seq_scheme.pdb_mon_id 
_pdbx_poly_seq_scheme.auth_mon_id 
_pdbx_poly_seq_scheme.pdb_strand_id 
_pdbx_poly_seq_scheme.pdb_ins_code 
_pdbx_poly_seq_scheme.hetero 
A 1 1   MET 1   1   ?   ?   ?   A . n 
A 1 2   SER 2   2   ?   ?   ?   A . n 
A 1 3   GLY 3   3   ?   ?   ?   A . n 
A 1 4   ILE 4   4   ?   ?   ?   A . n 
A 1 5   LEU 5   5   ?   ?   ?   A . n 
A 1 6   ASP 6   6   6   ASP ASP A . n 
A 1 7   ARG 7   7   7   ARG ARG A . n 
A 1 8   CYS 8   8   8   CYS CYS A . n 
A 1 9   THR 9   9   9   THR THR A . n 
A 1 10  CYS 10  10  10  CYS CYS A . n 
A 1 11  THR 11  11  11  THR THR A . n 
A 1 12  PRO 12  12  12  PRO PRO A . n 
A 1 13  ASN 13  13  13  ASN ASN A . n 
A 1 14  ALA 14  14  14  ALA ALA A . n 
A 1 15  ARG 15  15  15  ARG ARG A . n 
A 1 16  VAL 16  16  16  VAL VAL A . n 
A 1 17  PHE 17  17  17  PHE PHE A . n 
A 1 18  VAL 18  18  18  VAL VAL A . n 
A 1 19  ALA 19  19  19  ALA ALA A . n 
A 1 20  GLU 20  20  20  GLU GLU A . n 
A 1 21  GLY 21  21  21  GLY GLY A . n 
A 1 22  GLN 22  22  22  GLN GLN A . n 
A 1 23  VAL 23  23  23  VAL VAL A . n 
A 1 24  TYR 24  24  24  TYR TYR A . n 
A 1 25  CYS 25  25  25  CYS CYS A . n 
A 1 26  THR 26  26  26  THR THR A . n 
A 1 27  ARG 27  27  27  ARG ARG A . n 
A 1 28  CYS 28  28  28  CYS CYS A . n 
A 1 29  LEU 29  29  29  LEU LEU A . n 
A 1 30  SER 30  30  30  SER SER A . n 
A 1 31  ALA 31  31  31  ALA ALA A . n 
A 1 32  ARG 32  32  32  ARG ARG A . n 
A 1 33  SER 33  33  33  SER SER A . n 
A 1 34  LEU 34  34  34  LEU LEU A . n 
A 1 35  LEU 35  35  35  LEU LEU A . n 
A 1 36  PRO 36  36  36  PRO PRO A . n 
A 1 37  LEU 37  37  37  LEU LEU A . n 
A 1 38  ASN 38  38  38  ASN ASN A . n 
A 1 39  LEU 39  39  39  LEU LEU A . n 
A 1 40  GLN 40  40  40  GLN GLN A . n 
A 1 41  VAL 41  41  41  VAL VAL A . n 
A 1 42  PRO 42  42  42  PRO PRO A . n 
A 1 43  GLU 43  43  43  GLU GLU A . n 
A 1 44  LEU 44  44  44  LEU LEU A . n 
A 1 45  GLY 45  45  45  GLY GLY A . n 
A 1 46  VAL 46  46  46  VAL VAL A . n 
A 1 47  LEU 47  47  47  LEU LEU A . n 
A 1 48  GLY 48  48  48  GLY GLY A . n 
A 1 49  LEU 49  49  49  LEU LEU A . n 
A 1 50  PHE 50  50  50  PHE PHE A . n 
A 1 51  TYR 51  51  51  TYR TYR A . n 
A 1 52  ARG 52  52  52  ARG ARG A . n 
A 1 53  PRO 53  53  53  PRO PRO A . n 
A 1 54  GLU 54  54  54  GLU GLU A . n 
A 1 55  GLU 55  55  55  GLU GLU A . n 
A 1 56  PRO 56  56  56  PRO PRO A . n 
A 1 57  LEU 57  57  57  LEU LEU A . n 
A 1 58  ARG 58  58  58  ARG ARG A . n 
A 1 59  TRP 59  59  59  TRP TRP A . n 
A 1 60  THR 60  60  60  THR THR A . n 
A 1 61  LEU 61  61  61  LEU LEU A . n 
A 1 62  PRO 62  62  62  PRO PRO A . n 
A 1 63  ARG 63  63  63  ARG ARG A . n 
A 1 64  ALA 64  64  64  ALA ALA A . n 
A 1 65  PHE 65  65  65  PHE PHE A . n 
A 1 66  PRO 66  66  66  PRO PRO A . n 
A 1 67  THR 67  67  67  THR THR A . n 
A 1 68  VAL 68  68  68  VAL VAL A . n 
A 1 69  GLU 69  69  69  GLU GLU A . n 
A 1 70  CYS 70  70  70  CYS CYS A . n 
A 1 71  SER 71  71  71  SER SER A . n 
A 1 72  PRO 72  72  72  PRO PRO A . n 
A 1 73  ALA 73  73  73  ALA ALA A . n 
A 1 74  GLY 74  74  74  GLY GLY A . n 
A 1 75  ALA 75  75  75  ALA ALA A . n 
A 1 76  CYS 76  76  76  CYS CYS A . n 
A 1 77  TRP 77  77  77  TRP TRP A . n 
A 1 78  LEU 78  78  78  LEU LEU A . n 
A 1 79  SER 79  79  79  SER SER A . n 
A 1 80  ALA 80  80  80  ALA ALA A . n 
A 1 81  ILE 81  81  81  ILE ILE A . n 
A 1 82  PHE 82  82  82  PHE PHE A . n 
A 1 83  PRO 83  83  83  PRO PRO A . n 
A 1 84  ILE 84  84  84  ILE ILE A . n 
A 1 85  ALA 85  85  85  ALA ALA A . n 
A 1 86  ARG 86  86  86  ARG ARG A . n 
A 1 87  MET 87  87  87  MET MET A . n 
A 1 88  THR 88  88  88  THR THR A . n 
A 1 89  SER 89  89  89  SER SER A . n 
A 1 90  GLY 90  90  90  GLY GLY A . n 
A 1 91  ASN 91  91  91  ASN ASN A . n 
A 1 92  LEU 92  92  92  LEU LEU A . n 
A 1 93  ASN 93  93  93  ASN ASN A . n 
A 1 94  PHE 94  94  94  PHE PHE A . n 
A 1 95  GLN 95  95  95  GLN GLN A . n 
A 1 96  GLN 96  96  96  GLN GLN A . n 
A 1 97  ARG 97  97  97  ARG ARG A . n 
A 1 98  MET 98  98  98  MET MET A . n 
A 1 99  VAL 99  99  99  VAL VAL A . n 
A 1 100 ARG 100 100 100 ARG ARG A . n 
A 1 101 VAL 101 101 101 VAL VAL A . n 
A 1 102 ALA 102 102 102 ALA ALA A . n 
A 1 103 ALA 103 103 103 ALA ALA A . n 
A 1 104 GLU 104 104 104 GLU GLU A . n 
A 1 105 ILE 105 105 105 ILE ILE A . n 
A 1 106 TYR 106 106 106 TYR TYR A . n 
A 1 107 ARG 107 107 107 ARG ARG A . n 
A 1 108 ALA 108 108 108 ALA ALA A . n 
A 1 109 GLY 109 109 109 GLY GLY A . n 
A 1 110 GLN 110 110 110 GLN GLN A . n 
A 1 111 LEU 111 111 111 LEU LEU A . n 
A 1 112 THR 112 112 112 THR THR A . n 
A 1 113 PRO 113 113 113 PRO PRO A . n 
A 1 114 THR 114 114 114 THR THR A . n 
A 1 115 VAL 115 115 115 VAL VAL A . n 
A 1 116 LEU 116 116 116 LEU LEU A . n 
A 1 117 LYS 117 117 117 LYS LYS A . n 
A 1 118 THR 118 118 118 THR THR A . n 
A 1 119 LEU 119 119 119 LEU LEU A . n 
A 1 120 GLN 120 120 120 GLN GLN A . n 
A 1 121 VAL 121 121 121 VAL VAL A . n 
A 1 122 TYR 122 122 122 TYR TYR A . n 
A 1 123 GLU 123 123 123 GLU GLU A . n 
A 1 124 ARG 124 124 124 ARG ARG A . n 
A 1 125 GLY 125 125 125 GLY GLY A . n 
A 1 126 CYS 126 126 126 CYS CYS A . n 
A 1 127 ARG 127 127 127 ARG ARG A . n 
A 1 128 TRP 128 128 128 TRP TRP A . n 
A 1 129 TYR 129 129 129 TYR TYR A . n 
A 1 130 PRO 130 130 130 PRO PRO A . n 
A 1 131 ILE 131 131 131 ILE ILE A . n 
A 1 132 VAL 132 132 132 VAL VAL A . n 
A 1 133 GLY 133 133 133 GLY GLY A . n 
A 1 134 PRO 134 134 134 PRO PRO A . n 
A 1 135 VAL 135 135 135 VAL VAL A . n 
A 1 136 PRO 136 136 136 PRO PRO A . n 
A 1 137 GLY 137 137 137 GLY GLY A . n 
A 1 138 VAL 138 138 138 VAL VAL A . n 
A 1 139 GLY 139 139 139 GLY GLY A . n 
A 1 140 VAL 140 140 140 VAL VAL A . n 
A 1 141 TYR 141 141 141 TYR TYR A . n 
A 1 142 ALA 142 142 142 ALA ALA A . n 
A 1 143 ASN 143 143 143 ASN ASN A . n 
A 1 144 SER 144 144 144 SER SER A . n 
A 1 145 LEU 145 145 145 LEU LEU A . n 
A 1 146 HIS 146 146 146 HIS HIS A . n 
A 1 147 VAL 147 147 147 VAL VAL A . n 
A 1 148 SER 148 148 148 SER SER A . n 
A 1 149 ASP 149 149 149 ASP ASP A . n 
A 1 150 LYS 150 150 150 LYS LYS A . n 
A 1 151 PRO 151 151 151 PRO PRO A . n 
A 1 152 PHE 152 152 152 PHE PHE A . n 
A 1 153 PRO 153 153 153 PRO PRO A . n 
A 1 154 GLY 154 154 154 GLY GLY A . n 
A 1 155 ALA 155 155 155 ALA ALA A . n 
A 1 156 THR 156 156 156 THR THR A . n 
A 1 157 HIS 157 157 157 HIS HIS A . n 
A 1 158 VAL 158 158 158 VAL VAL A . n 
A 1 159 LEU 159 159 159 LEU LEU A . n 
A 1 160 THR 160 160 160 THR THR A . n 
A 1 161 ASN 161 161 161 ASN ASN A . n 
A 1 162 LEU 162 162 162 LEU LEU A . n 
A 1 163 PRO 163 163 163 PRO PRO A . n 
A 1 164 LEU 164 164 164 LEU LEU A . n 
A 1 165 PRO 165 165 165 PRO PRO A . n 
A 1 166 GLN 166 166 166 GLN GLN A . n 
A 1 167 ARG 167 167 167 ARG ARG A . n 
A 1 168 PRO 168 168 168 PRO PRO A . n 
A 1 169 LYS 169 169 169 LYS LYS A . n 
A 1 170 PRO 170 170 170 PRO PRO A . n 
A 1 171 GLU 171 171 171 GLU GLU A . n 
A 1 172 ASP 172 172 172 ASP ASP A . n 
A 1 173 PHE 173 173 173 PHE PHE A . n 
A 1 174 CYS 174 174 174 CYS CYS A . n 
A 1 175 PRO 175 175 175 PRO PRO A . n 
A 1 176 PHE 176 176 176 PHE PHE A . n 
A 1 177 GLU 177 177 177 GLU GLU A . n 
A 1 178 CYS 178 178 178 CYS CYS A . n 
A 1 179 ALA 179 179 179 ALA ALA A . n 
A 1 180 MET 180 180 180 MET MET A . n 
# 
loop_
_pdbx_nonpoly_scheme.asym_id 
_pdbx_nonpoly_scheme.entity_id 
_pdbx_nonpoly_scheme.mon_id 
_pdbx_nonpoly_scheme.ndb_seq_num 
_pdbx_nonpoly_scheme.pdb_seq_num 
_pdbx_nonpoly_scheme.auth_seq_num 
_pdbx_nonpoly_scheme.pdb_mon_id 
_pdbx_nonpoly_scheme.auth_mon_id 
_pdbx_nonpoly_scheme.pdb_strand_id 
_pdbx_nonpoly_scheme.pdb_ins_code 
B 2 ZN  1  181 1  ZN  ZN  A . 
C 2 ZN  1  182 2  ZN  ZN  A . 
D 3 HOH 1  183 1  HOH TIP A . 
D 3 HOH 2  184 2  HOH TIP A . 
D 3 HOH 3  185 3  HOH TIP A . 
D 3 HOH 4  186 4  HOH TIP A . 
D 3 HOH 5  187 7  HOH TIP A . 
D 3 HOH 6  188 8  HOH TIP A . 
D 3 HOH 7  189 9  HOH TIP A . 
D 3 HOH 8  190 10 HOH TIP A . 
D 3 HOH 9  191 11 HOH TIP A . 
D 3 HOH 10 192 12 HOH TIP A . 
D 3 HOH 11 193 13 HOH TIP A . 
D 3 HOH 12 194 14 HOH TIP A . 
D 3 HOH 13 195 15 HOH TIP A . 
D 3 HOH 14 196 16 HOH TIP A . 
D 3 HOH 15 197 17 HOH TIP A . 
D 3 HOH 16 198 18 HOH TIP A . 
D 3 HOH 17 199 19 HOH TIP A . 
D 3 HOH 18 200 20 HOH TIP A . 
D 3 HOH 19 201 22 HOH TIP A . 
D 3 HOH 20 202 23 HOH TIP A . 
D 3 HOH 21 203 24 HOH TIP A . 
D 3 HOH 22 204 25 HOH TIP A . 
D 3 HOH 23 205 26 HOH TIP A . 
D 3 HOH 24 206 27 HOH TIP A . 
D 3 HOH 25 207 28 HOH TIP A . 
D 3 HOH 26 208 29 HOH TIP A . 
D 3 HOH 27 209 30 HOH TIP A . 
D 3 HOH 28 210 31 HOH TIP A . 
D 3 HOH 29 211 32 HOH TIP A . 
D 3 HOH 30 212 33 HOH TIP A . 
D 3 HOH 31 213 34 HOH TIP A . 
D 3 HOH 32 214 35 HOH TIP A . 
D 3 HOH 33 215 36 HOH TIP A . 
D 3 HOH 34 216 37 HOH TIP A . 
D 3 HOH 35 217 39 HOH TIP A . 
D 3 HOH 36 218 40 HOH TIP A . 
D 3 HOH 37 219 41 HOH TIP A . 
D 3 HOH 38 220 42 HOH TIP A . 
D 3 HOH 39 221 43 HOH TIP A . 
D 3 HOH 40 222 44 HOH TIP A . 
D 3 HOH 41 223 45 HOH TIP A . 
D 3 HOH 42 224 46 HOH TIP A . 
D 3 HOH 43 225 47 HOH TIP A . 
D 3 HOH 44 226 48 HOH TIP A . 
D 3 HOH 45 227 49 HOH TIP A . 
D 3 HOH 46 228 50 HOH TIP A . 
D 3 HOH 47 229 51 HOH TIP A . 
D 3 HOH 48 230 52 HOH TIP A . 
D 3 HOH 49 231 53 HOH TIP A . 
D 3 HOH 50 232 54 HOH TIP A . 
D 3 HOH 51 233 55 HOH TIP A . 
# 
loop_
_software.name 
_software.classification 
_software.version 
_software.citation_id 
_software.pdbx_ordinal 
_software.date 
_software.type 
_software.location 
_software.language 
MAR345dtb 'data collection' .   ? 1 ? ? ? ? 
SHELX     'model building'  .   ? 2 ? ? ? ? 
CNS       refinement        1.1 ? 3 ? ? ? ? 
HKL-2000  'data reduction'  .   ? 4 ? ? ? ? 
HKL-2000  'data scaling'    .   ? 5 ? ? ? ? 
SHELX     phasing           .   ? 6 ? ? ? ? 
# 
_cell.entry_id           3IFU 
_cell.length_a           51.000 
_cell.length_b           51.000 
_cell.length_c           154.600 
_cell.angle_alpha        90.00 
_cell.angle_beta         90.00 
_cell.angle_gamma        90.00 
_cell.Z_PDB              8 
_cell.pdbx_unique_axis   ? 
_cell.length_a_esd       ? 
_cell.length_b_esd       ? 
_cell.length_c_esd       ? 
_cell.angle_alpha_esd    ? 
_cell.angle_beta_esd     ? 
_cell.angle_gamma_esd    ? 
# 
_symmetry.entry_id                         3IFU 
_symmetry.space_group_name_H-M             'P 43 21 2' 
_symmetry.pdbx_full_space_group_name_H-M   ? 
_symmetry.cell_setting                     ? 
_symmetry.Int_Tables_number                96 
_symmetry.space_group_name_Hall            ? 
# 
_exptl.entry_id          3IFU 
_exptl.method            'X-RAY DIFFRACTION' 
_exptl.crystals_number   1 
# 
_exptl_crystal.id                    1 
_exptl_crystal.density_meas          ? 
_exptl_crystal.density_Matthews      2.52 
_exptl_crystal.density_percent_sol   51.09 
_exptl_crystal.description           ? 
_exptl_crystal.F_000                 ? 
_exptl_crystal.preparation           ? 
# 
_exptl_crystal_grow.crystal_id      1 
_exptl_crystal_grow.method          'VAPOR DIFFUSION, HANGING DROP' 
_exptl_crystal_grow.temp            291 
_exptl_crystal_grow.temp_details    ? 
_exptl_crystal_grow.pH              8.5 
_exptl_crystal_grow.pdbx_details    
'100mM Tris-HCl, 25%(v/v) tert-butanol, pH 8.5, VAPOR DIFFUSION, HANGING DROP, temperature 291K' 
_exptl_crystal_grow.pdbx_pH_range   . 
# 
_diffrn.id                     1 
_diffrn.ambient_temp           100 
_diffrn.ambient_temp_details   ? 
_diffrn.crystal_id             1 
# 
_diffrn_detector.diffrn_id              1 
_diffrn_detector.detector               'IMAGE PLATE' 
_diffrn_detector.type                   'MAR555 FLAT PANEL' 
_diffrn_detector.pdbx_collection_date   2008-03-05 
_diffrn_detector.details                mirrors 
# 
_diffrn_radiation.diffrn_id                        1 
_diffrn_radiation.wavelength_id                    1 
_diffrn_radiation.pdbx_monochromatic_or_laue_m_l   M 
_diffrn_radiation.monochromator                    'Si 111 CHANNEL' 
_diffrn_radiation.pdbx_diffrn_protocol             MAD 
_diffrn_radiation.pdbx_scattering_type             x-ray 
# 
loop_
_diffrn_radiation_wavelength.id 
_diffrn_radiation_wavelength.wavelength 
_diffrn_radiation_wavelength.wt 
1 1.2821 1.0 
2 1.2827 1.0 
# 
_diffrn_source.diffrn_id                   1 
_diffrn_source.source                      SYNCHROTRON 
_diffrn_source.type                        'BSRF BEAMLINE 1W2B' 
_diffrn_source.pdbx_synchrotron_site       BSRF 
_diffrn_source.pdbx_synchrotron_beamline   1W2B 
_diffrn_source.pdbx_wavelength             ? 
_diffrn_source.pdbx_wavelength_list        '1.2821, 1.2827' 
# 
_reflns.entry_id                     3IFU 
_reflns.observed_criterion_sigma_I   0 
_reflns.observed_criterion_sigma_F   0 
_reflns.d_resolution_low             50.0 
_reflns.d_resolution_high            2.42 
_reflns.number_obs                   8279 
_reflns.number_all                   8281 
_reflns.percent_possible_obs         99.0 
_reflns.pdbx_Rmerge_I_obs            0.065 
_reflns.pdbx_Rsym_value              ? 
_reflns.pdbx_netI_over_sigmaI        ? 
_reflns.B_iso_Wilson_estimate        ? 
_reflns.pdbx_redundancy              ? 
_reflns.R_free_details               ? 
_reflns.limit_h_max                  ? 
_reflns.limit_h_min                  ? 
_reflns.limit_k_max                  ? 
_reflns.limit_k_min                  ? 
_reflns.limit_l_max                  ? 
_reflns.limit_l_min                  ? 
_reflns.observed_criterion_F_max     ? 
_reflns.observed_criterion_F_min     ? 
_reflns.pdbx_chi_squared             ? 
_reflns.pdbx_scaling_rejects         ? 
_reflns.pdbx_diffrn_id               1 
_reflns.pdbx_ordinal                 1 
# 
_reflns_shell.d_res_high             2.42 
_reflns_shell.d_res_low              2.5 
_reflns_shell.percent_possible_all   95 
_reflns_shell.Rmerge_I_obs           0.419 
_reflns_shell.pdbx_Rsym_value        ? 
_reflns_shell.meanI_over_sigI_obs    ? 
_reflns_shell.pdbx_redundancy        ? 
_reflns_shell.percent_possible_obs   ? 
_reflns_shell.number_unique_all      ? 
_reflns_shell.number_measured_all    ? 
_reflns_shell.number_measured_obs    ? 
_reflns_shell.number_unique_obs      ? 
_reflns_shell.pdbx_chi_squared       ? 
_reflns_shell.pdbx_diffrn_id         ? 
_reflns_shell.pdbx_ordinal           1 
# 
_refine.entry_id                                 3IFU 
_refine.ls_number_reflns_obs                     8269 
_refine.ls_number_reflns_all                     8281 
_refine.pdbx_ls_sigma_I                          ? 
_refine.pdbx_ls_sigma_F                          0 
_refine.pdbx_data_cutoff_high_absF               ? 
_refine.pdbx_data_cutoff_low_absF                ? 
_refine.pdbx_data_cutoff_high_rms_absF           ? 
_refine.ls_d_res_low                             50 
_refine.ls_d_res_high                            2.42 
_refine.ls_percent_reflns_obs                    ? 
_refine.ls_R_factor_obs                          0.231 
_refine.ls_R_factor_all                          0.237 
_refine.ls_R_factor_R_work                       0.223 
_refine.ls_R_factor_R_free                       0.257 
_refine.ls_R_factor_R_free_error                 ? 
_refine.ls_R_factor_R_free_error_details         ? 
_refine.ls_percent_reflns_R_free                 ? 
_refine.ls_number_reflns_R_free                  410 
_refine.ls_number_parameters                     ? 
_refine.ls_number_restraints                     ? 
_refine.occupancy_min                            ? 
_refine.occupancy_max                            ? 
_refine.correlation_coeff_Fo_to_Fc               ? 
_refine.correlation_coeff_Fo_to_Fc_free          ? 
_refine.B_iso_mean                               ? 
_refine.aniso_B[1][1]                            ? 
_refine.aniso_B[2][2]                            ? 
_refine.aniso_B[3][3]                            ? 
_refine.aniso_B[1][2]                            ? 
_refine.aniso_B[1][3]                            ? 
_refine.aniso_B[2][3]                            ? 
_refine.solvent_model_details                    ? 
_refine.solvent_model_param_ksol                 ? 
_refine.solvent_model_param_bsol                 ? 
_refine.pdbx_solvent_vdw_probe_radii             ? 
_refine.pdbx_solvent_ion_probe_radii             ? 
_refine.pdbx_solvent_shrinkage_radii             ? 
_refine.pdbx_ls_cross_valid_method               ? 
_refine.details                                  ? 
_refine.pdbx_starting_model                      ? 
_refine.pdbx_method_to_determine_struct          MAD 
_refine.pdbx_isotropic_thermal_model             ? 
_refine.pdbx_stereochemistry_target_values       'Engh & Huber' 
_refine.pdbx_stereochem_target_val_spec_case     ? 
_refine.pdbx_R_Free_selection_details            random 
_refine.pdbx_overall_ESU_R                       ? 
_refine.pdbx_overall_ESU_R_Free                  ? 
_refine.overall_SU_ML                            ? 
_refine.overall_SU_B                             ? 
_refine.ls_redundancy_reflns_obs                 ? 
_refine.B_iso_min                                ? 
_refine.B_iso_max                                ? 
_refine.overall_SU_R_Cruickshank_DPI             ? 
_refine.overall_SU_R_free                        ? 
_refine.ls_wR_factor_R_free                      ? 
_refine.ls_wR_factor_R_work                      ? 
_refine.overall_FOM_free_R_set                   ? 
_refine.overall_FOM_work_R_set                   ? 
_refine.pdbx_refine_id                           'X-RAY DIFFRACTION' 
_refine.pdbx_overall_phase_error                 ? 
_refine.pdbx_diffrn_id                           1 
_refine.pdbx_TLS_residual_ADP_flag               ? 
_refine.pdbx_overall_SU_R_free_Cruickshank_DPI   ? 
_refine.pdbx_overall_SU_R_Blow_DPI               ? 
_refine.pdbx_overall_SU_R_free_Blow_DPI          ? 
# 
_refine_hist.pdbx_refine_id                   'X-RAY DIFFRACTION' 
_refine_hist.cycle_id                         LAST 
_refine_hist.pdbx_number_atoms_protein        1367 
_refine_hist.pdbx_number_atoms_nucleic_acid   0 
_refine_hist.pdbx_number_atoms_ligand         2 
_refine_hist.number_atoms_solvent             51 
_refine_hist.number_atoms_total               1420 
_refine_hist.d_res_high                       2.42 
_refine_hist.d_res_low                        50 
# 
loop_
_refine_ls_restr.type 
_refine_ls_restr.dev_ideal 
_refine_ls_restr.dev_ideal_target 
_refine_ls_restr.weight 
_refine_ls_restr.number 
_refine_ls_restr.pdbx_refine_id 
_refine_ls_restr.pdbx_restraint_function 
c_angle_deg 2.070 ? ? ? 'X-RAY DIFFRACTION' ? 
c_bond_d    0.012 ? ? ? 'X-RAY DIFFRACTION' ? 
# 
_struct.entry_id                  3IFU 
_struct.title                     
'The Crystal Structure of Porcine Reproductive and Respiratory Syndrome Virus (PRRSV) Leader Protease Nsp1' 
_struct.pdbx_model_details        ? 
_struct.pdbx_CASP_flag            ? 
_struct.pdbx_model_type_details   ? 
# 
_struct_keywords.entry_id        3IFU 
_struct_keywords.pdbx_keywords   TRANSCRIPTION 
_struct_keywords.text            'PRRSV, nsp1, zinc finger, papain-like cysteine protease, TRANSCRIPTION' 
# 
loop_
_struct_asym.id 
_struct_asym.pdbx_blank_PDB_chainid_flag 
_struct_asym.pdbx_modified 
_struct_asym.entity_id 
_struct_asym.details 
A N N 1 ? 
B N N 2 ? 
C N N 2 ? 
D N N 3 ? 
# 
_struct_ref.id                         1 
_struct_ref.db_name                    UNP 
_struct_ref.db_code                    B6VGX5_PRRSV 
_struct_ref.pdbx_db_accession          B6VGX5 
_struct_ref.entity_id                  1 
_struct_ref.pdbx_seq_one_letter_code   
;MSGILDRCTCTPNARVFVAEGQVYCTRCLSARSLLPLNLQVPELGVLGLFYRPEEPLRWTLPRAFPTVECSPAGACWLSA
IFPIARMTSGNLNFQQRMVRVAAEIYRAGQLTPTVLKTLQVYERGCRWYPIVGPVPGVGVYANSLHVSDKPFPGATHVLT
NLPLPQRPKPEDFCPFECAM
;
_struct_ref.pdbx_align_begin           1 
_struct_ref.pdbx_db_isoform            ? 
# 
_struct_ref_seq.align_id                      1 
_struct_ref_seq.ref_id                        1 
_struct_ref_seq.pdbx_PDB_id_code              3IFU 
_struct_ref_seq.pdbx_strand_id                A 
_struct_ref_seq.seq_align_beg                 1 
_struct_ref_seq.pdbx_seq_align_beg_ins_code   ? 
_struct_ref_seq.seq_align_end                 180 
_struct_ref_seq.pdbx_seq_align_end_ins_code   ? 
_struct_ref_seq.pdbx_db_accession             B6VGX5 
_struct_ref_seq.db_align_beg                  1 
_struct_ref_seq.pdbx_db_align_beg_ins_code    ? 
_struct_ref_seq.db_align_end                  180 
_struct_ref_seq.pdbx_db_align_end_ins_code    ? 
_struct_ref_seq.pdbx_auth_seq_align_beg       1 
_struct_ref_seq.pdbx_auth_seq_align_end       180 
# 
_pdbx_struct_assembly.id                   1 
_pdbx_struct_assembly.details              author_and_software_defined_assembly 
_pdbx_struct_assembly.method_details       PISA 
_pdbx_struct_assembly.oligomeric_details   dimeric 
_pdbx_struct_assembly.oligomeric_count     2 
# 
loop_
_pdbx_struct_assembly_prop.biol_id 
_pdbx_struct_assembly_prop.type 
_pdbx_struct_assembly_prop.value 
_pdbx_struct_assembly_prop.details 
1 'ABSA (A^2)' 2420  ? 
1 MORE         -20   ? 
1 'SSA (A^2)'  16540 ? 
# 
_pdbx_struct_assembly_gen.assembly_id       1 
_pdbx_struct_assembly_gen.oper_expression   1,2 
_pdbx_struct_assembly_gen.asym_id_list      A,B,C,D 
# 
loop_
_pdbx_struct_oper_list.id 
_pdbx_struct_oper_list.type 
_pdbx_struct_oper_list.name 
_pdbx_struct_oper_list.symmetry_operation 
_pdbx_struct_oper_list.matrix[1][1] 
_pdbx_struct_oper_list.matrix[1][2] 
_pdbx_struct_oper_list.matrix[1][3] 
_pdbx_struct_oper_list.vector[1] 
_pdbx_struct_oper_list.matrix[2][1] 
_pdbx_struct_oper_list.matrix[2][2] 
_pdbx_struct_oper_list.matrix[2][3] 
_pdbx_struct_oper_list.vector[2] 
_pdbx_struct_oper_list.matrix[3][1] 
_pdbx_struct_oper_list.matrix[3][2] 
_pdbx_struct_oper_list.matrix[3][3] 
_pdbx_struct_oper_list.vector[3] 
1 'identity operation'         1_555 x,y,z  1.0000000000  0.0000000000  0.0000000000  0.0000000000  0.0000000000  1.0000000000  0.0000000000 0.0000000000  0.0000000000  0.0000000000 1.0000000000  0.0000000000  
2 'crystal symmetry operation' 7_555 y,x,-z -0.2083051683 -0.8822962235 -0.4220927988 18.3520084196 -0.8822962235 -0.0167339802 0.4703970109 19.3125697069 -0.4220927988 0.4703970109 -0.7749608515 -5.9470739825 
# 
loop_
_struct_conf.conf_type_id 
_struct_conf.id 
_struct_conf.pdbx_PDB_helix_id 
_struct_conf.beg_label_comp_id 
_struct_conf.beg_label_asym_id 
_struct_conf.beg_label_seq_id 
_struct_conf.pdbx_beg_PDB_ins_code 
_struct_conf.end_label_comp_id 
_struct_conf.end_label_asym_id 
_struct_conf.end_label_seq_id 
_struct_conf.pdbx_end_PDB_ins_code 
_struct_conf.beg_auth_comp_id 
_struct_conf.beg_auth_asym_id 
_struct_conf.beg_auth_seq_id 
_struct_conf.end_auth_comp_id 
_struct_conf.end_auth_asym_id 
_struct_conf.end_auth_seq_id 
_struct_conf.pdbx_PDB_helix_class 
_struct_conf.details 
_struct_conf.pdbx_PDB_helix_length 
HELX_P HELX_P1 1 VAL A 41  ? GLY A 45  ? VAL A 41  GLY A 45  5 ? 5  
HELX_P HELX_P2 2 VAL A 46  ? PHE A 50  ? VAL A 46  PHE A 50  5 ? 5  
HELX_P HELX_P3 3 ALA A 75  ? SER A 79  ? ALA A 75  SER A 79  5 ? 5  
HELX_P HELX_P4 4 ALA A 80  ? THR A 88  ? ALA A 80  THR A 88  1 ? 9  
HELX_P HELX_P5 5 GLY A 90  ? LEU A 92  ? GLY A 90  LEU A 92  5 ? 3  
HELX_P HELX_P6 6 ASN A 93  ? GLY A 109 ? ASN A 93  GLY A 109 1 ? 17 
HELX_P HELX_P7 7 THR A 112 ? LEU A 119 ? THR A 112 LEU A 119 1 ? 8  
# 
_struct_conf_type.id          HELX_P 
_struct_conf_type.criteria    ? 
_struct_conf_type.reference   ? 
# 
loop_
_struct_conn.id 
_struct_conn.conn_type_id 
_struct_conn.pdbx_leaving_atom_flag 
_struct_conn.pdbx_PDB_id 
_struct_conn.ptnr1_label_asym_id 
_struct_conn.ptnr1_label_comp_id 
_struct_conn.ptnr1_label_seq_id 
_struct_conn.ptnr1_label_atom_id 
_struct_conn.pdbx_ptnr1_label_alt_id 
_struct_conn.pdbx_ptnr1_PDB_ins_code 
_struct_conn.pdbx_ptnr1_standard_comp_id 
_struct_conn.ptnr1_symmetry 
_struct_conn.ptnr2_label_asym_id 
_struct_conn.ptnr2_label_comp_id 
_struct_conn.ptnr2_label_seq_id 
_struct_conn.ptnr2_label_atom_id 
_struct_conn.pdbx_ptnr2_label_alt_id 
_struct_conn.pdbx_ptnr2_PDB_ins_code 
_struct_conn.ptnr1_auth_asym_id 
_struct_conn.ptnr1_auth_comp_id 
_struct_conn.ptnr1_auth_seq_id 
_struct_conn.ptnr2_auth_asym_id 
_struct_conn.ptnr2_auth_comp_id 
_struct_conn.ptnr2_auth_seq_id 
_struct_conn.ptnr2_symmetry 
_struct_conn.pdbx_ptnr3_label_atom_id 
_struct_conn.pdbx_ptnr3_label_seq_id 
_struct_conn.pdbx_ptnr3_label_comp_id 
_struct_conn.pdbx_ptnr3_label_asym_id 
_struct_conn.pdbx_ptnr3_label_alt_id 
_struct_conn.pdbx_ptnr3_PDB_ins_code 
_struct_conn.details 
_struct_conn.pdbx_dist_value 
_struct_conn.pdbx_value_order 
_struct_conn.pdbx_role 
metalc1 metalc ? ? A CYS 8   SG  ? ? ? 1_555 C ZN . ZN ? ? A CYS 8   A ZN 182 1_555 ? ? ? ? ? ? ? 2.537 ? ? 
metalc2 metalc ? ? A CYS 10  SG  ? ? ? 1_555 C ZN . ZN ? ? A CYS 10  A ZN 182 1_555 ? ? ? ? ? ? ? 2.495 ? ? 
metalc3 metalc ? ? A CYS 25  SG  ? ? ? 1_555 C ZN . ZN ? ? A CYS 25  A ZN 182 1_555 ? ? ? ? ? ? ? 2.442 ? ? 
metalc4 metalc ? ? A CYS 28  SG  ? ? ? 1_555 C ZN . ZN ? ? A CYS 28  A ZN 182 1_555 ? ? ? ? ? ? ? 2.445 ? ? 
metalc5 metalc ? ? A CYS 70  SG  ? ? ? 1_555 B ZN . ZN ? ? A CYS 70  A ZN 181 1_555 ? ? ? ? ? ? ? 2.354 ? ? 
metalc6 metalc ? ? A CYS 76  SG  ? ? ? 1_555 B ZN . ZN ? ? A CYS 76  A ZN 181 1_555 ? ? ? ? ? ? ? 2.546 ? ? 
metalc7 metalc ? ? A HIS 146 ND1 ? ? ? 1_555 B ZN . ZN ? ? A HIS 146 A ZN 181 1_555 ? ? ? ? ? ? ? 2.218 ? ? 
metalc8 metalc ? ? A MET 180 OXT ? ? ? 1_555 B ZN . ZN ? ? A MET 180 A ZN 181 1_555 ? ? ? ? ? ? ? 2.072 ? ? 
# 
_struct_conn_type.id          metalc 
_struct_conn_type.criteria    ? 
_struct_conn_type.reference   ? 
# 
loop_
_pdbx_struct_conn_angle.id 
_pdbx_struct_conn_angle.ptnr1_label_atom_id 
_pdbx_struct_conn_angle.ptnr1_label_alt_id 
_pdbx_struct_conn_angle.ptnr1_label_asym_id 
_pdbx_struct_conn_angle.ptnr1_label_comp_id 
_pdbx_struct_conn_angle.ptnr1_label_seq_id 
_pdbx_struct_conn_angle.ptnr1_auth_atom_id 
_pdbx_struct_conn_angle.ptnr1_auth_asym_id 
_pdbx_struct_conn_angle.ptnr1_auth_comp_id 
_pdbx_struct_conn_angle.ptnr1_auth_seq_id 
_pdbx_struct_conn_angle.ptnr1_PDB_ins_code 
_pdbx_struct_conn_angle.ptnr1_symmetry 
_pdbx_struct_conn_angle.ptnr2_label_atom_id 
_pdbx_struct_conn_angle.ptnr2_label_alt_id 
_pdbx_struct_conn_angle.ptnr2_label_asym_id 
_pdbx_struct_conn_angle.ptnr2_label_comp_id 
_pdbx_struct_conn_angle.ptnr2_label_seq_id 
_pdbx_struct_conn_angle.ptnr2_auth_atom_id 
_pdbx_struct_conn_angle.ptnr2_auth_asym_id 
_pdbx_struct_conn_angle.ptnr2_auth_comp_id 
_pdbx_struct_conn_angle.ptnr2_auth_seq_id 
_pdbx_struct_conn_angle.ptnr2_PDB_ins_code 
_pdbx_struct_conn_angle.ptnr2_symmetry 
_pdbx_struct_conn_angle.ptnr3_label_atom_id 
_pdbx_struct_conn_angle.ptnr3_label_alt_id 
_pdbx_struct_conn_angle.ptnr3_label_asym_id 
_pdbx_struct_conn_angle.ptnr3_label_comp_id 
_pdbx_struct_conn_angle.ptnr3_label_seq_id 
_pdbx_struct_conn_angle.ptnr3_auth_atom_id 
_pdbx_struct_conn_angle.ptnr3_auth_asym_id 
_pdbx_struct_conn_angle.ptnr3_auth_comp_id 
_pdbx_struct_conn_angle.ptnr3_auth_seq_id 
_pdbx_struct_conn_angle.ptnr3_PDB_ins_code 
_pdbx_struct_conn_angle.ptnr3_symmetry 
_pdbx_struct_conn_angle.value 
_pdbx_struct_conn_angle.value_esd 
1  SG  ? A CYS 8   ? A CYS 8   ? 1_555 ZN ? C ZN . ? A ZN 182 ? 1_555 SG  ? A CYS 10  ? A CYS 10  ? 1_555 112.6 ? 
2  SG  ? A CYS 8   ? A CYS 8   ? 1_555 ZN ? C ZN . ? A ZN 182 ? 1_555 SG  ? A CYS 25  ? A CYS 25  ? 1_555 101.9 ? 
3  SG  ? A CYS 10  ? A CYS 10  ? 1_555 ZN ? C ZN . ? A ZN 182 ? 1_555 SG  ? A CYS 25  ? A CYS 25  ? 1_555 112.8 ? 
4  SG  ? A CYS 8   ? A CYS 8   ? 1_555 ZN ? C ZN . ? A ZN 182 ? 1_555 SG  ? A CYS 28  ? A CYS 28  ? 1_555 105.6 ? 
5  SG  ? A CYS 10  ? A CYS 10  ? 1_555 ZN ? C ZN . ? A ZN 182 ? 1_555 SG  ? A CYS 28  ? A CYS 28  ? 1_555 112.4 ? 
6  SG  ? A CYS 25  ? A CYS 25  ? 1_555 ZN ? C ZN . ? A ZN 182 ? 1_555 SG  ? A CYS 28  ? A CYS 28  ? 1_555 110.9 ? 
7  SG  ? A CYS 70  ? A CYS 70  ? 1_555 ZN ? B ZN . ? A ZN 181 ? 1_555 SG  ? A CYS 76  ? A CYS 76  ? 1_555 122.1 ? 
8  SG  ? A CYS 70  ? A CYS 70  ? 1_555 ZN ? B ZN . ? A ZN 181 ? 1_555 ND1 ? A HIS 146 ? A HIS 146 ? 1_555 111.4 ? 
9  SG  ? A CYS 76  ? A CYS 76  ? 1_555 ZN ? B ZN . ? A ZN 181 ? 1_555 ND1 ? A HIS 146 ? A HIS 146 ? 1_555 116.9 ? 
10 SG  ? A CYS 70  ? A CYS 70  ? 1_555 ZN ? B ZN . ? A ZN 181 ? 1_555 OXT ? A MET 180 ? A MET 180 ? 1_555 114.9 ? 
11 SG  ? A CYS 76  ? A CYS 76  ? 1_555 ZN ? B ZN . ? A ZN 181 ? 1_555 OXT ? A MET 180 ? A MET 180 ? 1_555 91.0  ? 
12 ND1 ? A HIS 146 ? A HIS 146 ? 1_555 ZN ? B ZN . ? A ZN 181 ? 1_555 OXT ? A MET 180 ? A MET 180 ? 1_555 94.8  ? 
# 
_struct_mon_prot_cis.pdbx_id                1 
_struct_mon_prot_cis.label_comp_id          SER 
_struct_mon_prot_cis.label_seq_id           71 
_struct_mon_prot_cis.label_asym_id          A 
_struct_mon_prot_cis.label_alt_id           . 
_struct_mon_prot_cis.pdbx_PDB_ins_code      ? 
_struct_mon_prot_cis.auth_comp_id           SER 
_struct_mon_prot_cis.auth_seq_id            71 
_struct_mon_prot_cis.auth_asym_id           A 
_struct_mon_prot_cis.pdbx_label_comp_id_2   PRO 
_struct_mon_prot_cis.pdbx_label_seq_id_2    72 
_struct_mon_prot_cis.pdbx_label_asym_id_2   A 
_struct_mon_prot_cis.pdbx_PDB_ins_code_2    ? 
_struct_mon_prot_cis.pdbx_auth_comp_id_2    PRO 
_struct_mon_prot_cis.pdbx_auth_seq_id_2     72 
_struct_mon_prot_cis.pdbx_auth_asym_id_2    A 
_struct_mon_prot_cis.pdbx_PDB_model_num     1 
_struct_mon_prot_cis.pdbx_omega_angle       -0.09 
# 
loop_
_struct_sheet.id 
_struct_sheet.type 
_struct_sheet.number_strands 
_struct_sheet.details 
A ? 2 ? 
B ? 4 ? 
# 
loop_
_struct_sheet_order.sheet_id 
_struct_sheet_order.range_id_1 
_struct_sheet_order.range_id_2 
_struct_sheet_order.offset 
_struct_sheet_order.sense 
A 1 2 ? anti-parallel 
B 1 2 ? anti-parallel 
B 2 3 ? anti-parallel 
B 3 4 ? anti-parallel 
# 
loop_
_struct_sheet_range.sheet_id 
_struct_sheet_range.id 
_struct_sheet_range.beg_label_comp_id 
_struct_sheet_range.beg_label_asym_id 
_struct_sheet_range.beg_label_seq_id 
_struct_sheet_range.pdbx_beg_PDB_ins_code 
_struct_sheet_range.end_label_comp_id 
_struct_sheet_range.end_label_asym_id 
_struct_sheet_range.end_label_seq_id 
_struct_sheet_range.pdbx_end_PDB_ins_code 
_struct_sheet_range.beg_auth_comp_id 
_struct_sheet_range.beg_auth_asym_id 
_struct_sheet_range.beg_auth_seq_id 
_struct_sheet_range.end_auth_comp_id 
_struct_sheet_range.end_auth_asym_id 
_struct_sheet_range.end_auth_seq_id 
A 1 VAL A 16  ? VAL A 18  ? VAL A 16  VAL A 18  
A 2 VAL A 23  ? CYS A 25  ? VAL A 23  CYS A 25  
B 1 ARG A 127 ? PRO A 130 ? ARG A 127 PRO A 130 
B 2 HIS A 157 ? THR A 160 ? HIS A 157 THR A 160 
B 3 VAL A 140 ? ALA A 142 ? VAL A 140 ALA A 142 
B 4 VAL A 147 ? SER A 148 ? VAL A 147 SER A 148 
# 
loop_
_pdbx_struct_sheet_hbond.sheet_id 
_pdbx_struct_sheet_hbond.range_id_1 
_pdbx_struct_sheet_hbond.range_id_2 
_pdbx_struct_sheet_hbond.range_1_label_atom_id 
_pdbx_struct_sheet_hbond.range_1_label_comp_id 
_pdbx_struct_sheet_hbond.range_1_label_asym_id 
_pdbx_struct_sheet_hbond.range_1_label_seq_id 
_pdbx_struct_sheet_hbond.range_1_PDB_ins_code 
_pdbx_struct_sheet_hbond.range_1_auth_atom_id 
_pdbx_struct_sheet_hbond.range_1_auth_comp_id 
_pdbx_struct_sheet_hbond.range_1_auth_asym_id 
_pdbx_struct_sheet_hbond.range_1_auth_seq_id 
_pdbx_struct_sheet_hbond.range_2_label_atom_id 
_pdbx_struct_sheet_hbond.range_2_label_comp_id 
_pdbx_struct_sheet_hbond.range_2_label_asym_id 
_pdbx_struct_sheet_hbond.range_2_label_seq_id 
_pdbx_struct_sheet_hbond.range_2_PDB_ins_code 
_pdbx_struct_sheet_hbond.range_2_auth_atom_id 
_pdbx_struct_sheet_hbond.range_2_auth_comp_id 
_pdbx_struct_sheet_hbond.range_2_auth_asym_id 
_pdbx_struct_sheet_hbond.range_2_auth_seq_id 
A 1 2 N PHE A 17  ? N PHE A 17  O TYR A 24  ? O TYR A 24  
B 1 2 N ARG A 127 ? N ARG A 127 O THR A 160 ? O THR A 160 
B 2 3 O LEU A 159 ? O LEU A 159 N VAL A 140 ? N VAL A 140 
B 3 4 N TYR A 141 ? N TYR A 141 O SER A 148 ? O SER A 148 
# 
loop_
_struct_site.id 
_struct_site.pdbx_evidence_code 
_struct_site.pdbx_auth_asym_id 
_struct_site.pdbx_auth_comp_id 
_struct_site.pdbx_auth_seq_id 
_struct_site.pdbx_auth_ins_code 
_struct_site.pdbx_num_residues 
_struct_site.details 
AC1 Software A ZN 181 ? 4 'BINDING SITE FOR RESIDUE ZN A 181' 
AC2 Software A ZN 182 ? 4 'BINDING SITE FOR RESIDUE ZN A 182' 
# 
loop_
_struct_site_gen.id 
_struct_site_gen.site_id 
_struct_site_gen.pdbx_num_res 
_struct_site_gen.label_comp_id 
_struct_site_gen.label_asym_id 
_struct_site_gen.label_seq_id 
_struct_site_gen.pdbx_auth_ins_code 
_struct_site_gen.auth_comp_id 
_struct_site_gen.auth_asym_id 
_struct_site_gen.auth_seq_id 
_struct_site_gen.label_atom_id 
_struct_site_gen.label_alt_id 
_struct_site_gen.symmetry 
_struct_site_gen.details 
1 AC1 4 CYS A 70  ? CYS A 70  . ? 1_555 ? 
2 AC1 4 CYS A 76  ? CYS A 76  . ? 1_555 ? 
3 AC1 4 HIS A 146 ? HIS A 146 . ? 1_555 ? 
4 AC1 4 MET A 180 ? MET A 180 . ? 1_555 ? 
5 AC2 4 CYS A 8   ? CYS A 8   . ? 1_555 ? 
6 AC2 4 CYS A 10  ? CYS A 10  . ? 1_555 ? 
7 AC2 4 CYS A 25  ? CYS A 25  . ? 1_555 ? 
8 AC2 4 CYS A 28  ? CYS A 28  . ? 1_555 ? 
# 
_pdbx_validate_symm_contact.id                1 
_pdbx_validate_symm_contact.PDB_model_num     1 
_pdbx_validate_symm_contact.auth_atom_id_1    O 
_pdbx_validate_symm_contact.auth_asym_id_1    A 
_pdbx_validate_symm_contact.auth_comp_id_1    HOH 
_pdbx_validate_symm_contact.auth_seq_id_1     195 
_pdbx_validate_symm_contact.PDB_ins_code_1    ? 
_pdbx_validate_symm_contact.label_alt_id_1    ? 
_pdbx_validate_symm_contact.site_symmetry_1   1_555 
_pdbx_validate_symm_contact.auth_atom_id_2    O 
_pdbx_validate_symm_contact.auth_asym_id_2    A 
_pdbx_validate_symm_contact.auth_comp_id_2    HOH 
_pdbx_validate_symm_contact.auth_seq_id_2     195 
_pdbx_validate_symm_contact.PDB_ins_code_2    ? 
_pdbx_validate_symm_contact.label_alt_id_2    ? 
_pdbx_validate_symm_contact.site_symmetry_2   7_555 
_pdbx_validate_symm_contact.dist              2.10 
# 
loop_
_pdbx_validate_torsion.id 
_pdbx_validate_torsion.PDB_model_num 
_pdbx_validate_torsion.auth_comp_id 
_pdbx_validate_torsion.auth_asym_id 
_pdbx_validate_torsion.auth_seq_id 
_pdbx_validate_torsion.PDB_ins_code 
_pdbx_validate_torsion.label_alt_id 
_pdbx_validate_torsion.phi 
_pdbx_validate_torsion.psi 
1  1 PRO A 12  ? ? -56.03  -4.99   
2  1 GLU A 20  ? ? 47.29   -124.64 
3  1 PRO A 36  ? ? -45.55  2.17    
4  1 LEU A 37  ? ? 71.73   -24.56  
5  1 PHE A 50  ? ? -136.78 -33.22  
6  1 PRO A 53  ? ? -57.31  175.89  
7  1 GLU A 55  ? ? -138.15 -142.61 
8  1 PRO A 56  ? ? -53.89  -167.38 
9  1 ARG A 58  ? ? 86.60   -11.06  
10 1 ASN A 93  ? ? 179.53  -20.68  
11 1 ASN A 143 ? ? -142.49 -156.67 
12 1 GLN A 166 ? ? -60.02  -176.73 
13 1 PRO A 170 ? ? -49.55  161.88  
# 
loop_
_pdbx_unobs_or_zero_occ_residues.id 
_pdbx_unobs_or_zero_occ_residues.PDB_model_num 
_pdbx_unobs_or_zero_occ_residues.polymer_flag 
_pdbx_unobs_or_zero_occ_residues.occupancy_flag 
_pdbx_unobs_or_zero_occ_residues.auth_asym_id 
_pdbx_unobs_or_zero_occ_residues.auth_comp_id 
_pdbx_unobs_or_zero_occ_residues.auth_seq_id 
_pdbx_unobs_or_zero_occ_residues.PDB_ins_code 
_pdbx_unobs_or_zero_occ_residues.label_asym_id 
_pdbx_unobs_or_zero_occ_residues.label_comp_id 
_pdbx_unobs_or_zero_occ_residues.label_seq_id 
1 1 Y 1 A MET 1 ? A MET 1 
2 1 Y 1 A SER 2 ? A SER 2 
3 1 Y 1 A GLY 3 ? A GLY 3 
4 1 Y 1 A ILE 4 ? A ILE 4 
5 1 Y 1 A LEU 5 ? A LEU 5 
# 
loop_
_chem_comp_atom.comp_id 
_chem_comp_atom.atom_id 
_chem_comp_atom.type_symbol 
_chem_comp_atom.pdbx_aromatic_flag 
_chem_comp_atom.pdbx_stereo_config 
_chem_comp_atom.pdbx_ordinal 
ALA N    N  N N 1   
ALA CA   C  N S 2   
ALA C    C  N N 3   
ALA O    O  N N 4   
ALA CB   C  N N 5   
ALA OXT  O  N N 6   
ALA H    H  N N 7   
ALA H2   H  N N 8   
ALA HA   H  N N 9   
ALA HB1  H  N N 10  
ALA HB2  H  N N 11  
ALA HB3  H  N N 12  
ALA HXT  H  N N 13  
ARG N    N  N N 14  
ARG CA   C  N S 15  
ARG C    C  N N 16  
ARG O    O  N N 17  
ARG CB   C  N N 18  
ARG CG   C  N N 19  
ARG CD   C  N N 20  
ARG NE   N  N N 21  
ARG CZ   C  N N 22  
ARG NH1  N  N N 23  
ARG NH2  N  N N 24  
ARG OXT  O  N N 25  
ARG H    H  N N 26  
ARG H2   H  N N 27  
ARG HA   H  N N 28  
ARG HB2  H  N N 29  
ARG HB3  H  N N 30  
ARG HG2  H  N N 31  
ARG HG3  H  N N 32  
ARG HD2  H  N N 33  
ARG HD3  H  N N 34  
ARG HE   H  N N 35  
ARG HH11 H  N N 36  
ARG HH12 H  N N 37  
ARG HH21 H  N N 38  
ARG HH22 H  N N 39  
ARG HXT  H  N N 40  
ASN N    N  N N 41  
ASN CA   C  N S 42  
ASN C    C  N N 43  
ASN O    O  N N 44  
ASN CB   C  N N 45  
ASN CG   C  N N 46  
ASN OD1  O  N N 47  
ASN ND2  N  N N 48  
ASN OXT  O  N N 49  
ASN H    H  N N 50  
ASN H2   H  N N 51  
ASN HA   H  N N 52  
ASN HB2  H  N N 53  
ASN HB3  H  N N 54  
ASN HD21 H  N N 55  
ASN HD22 H  N N 56  
ASN HXT  H  N N 57  
ASP N    N  N N 58  
ASP CA   C  N S 59  
ASP C    C  N N 60  
ASP O    O  N N 61  
ASP CB   C  N N 62  
ASP CG   C  N N 63  
ASP OD1  O  N N 64  
ASP OD2  O  N N 65  
ASP OXT  O  N N 66  
ASP H    H  N N 67  
ASP H2   H  N N 68  
ASP HA   H  N N 69  
ASP HB2  H  N N 70  
ASP HB3  H  N N 71  
ASP HD2  H  N N 72  
ASP HXT  H  N N 73  
CYS N    N  N N 74  
CYS CA   C  N R 75  
CYS C    C  N N 76  
CYS O    O  N N 77  
CYS CB   C  N N 78  
CYS SG   S  N N 79  
CYS OXT  O  N N 80  
CYS H    H  N N 81  
CYS H2   H  N N 82  
CYS HA   H  N N 83  
CYS HB2  H  N N 84  
CYS HB3  H  N N 85  
CYS HG   H  N N 86  
CYS HXT  H  N N 87  
GLN N    N  N N 88  
GLN CA   C  N S 89  
GLN C    C  N N 90  
GLN O    O  N N 91  
GLN CB   C  N N 92  
GLN CG   C  N N 93  
GLN CD   C  N N 94  
GLN OE1  O  N N 95  
GLN NE2  N  N N 96  
GLN OXT  O  N N 97  
GLN H    H  N N 98  
GLN H2   H  N N 99  
GLN HA   H  N N 100 
GLN HB2  H  N N 101 
GLN HB3  H  N N 102 
GLN HG2  H  N N 103 
GLN HG3  H  N N 104 
GLN HE21 H  N N 105 
GLN HE22 H  N N 106 
GLN HXT  H  N N 107 
GLU N    N  N N 108 
GLU CA   C  N S 109 
GLU C    C  N N 110 
GLU O    O  N N 111 
GLU CB   C  N N 112 
GLU CG   C  N N 113 
GLU CD   C  N N 114 
GLU OE1  O  N N 115 
GLU OE2  O  N N 116 
GLU OXT  O  N N 117 
GLU H    H  N N 118 
GLU H2   H  N N 119 
GLU HA   H  N N 120 
GLU HB2  H  N N 121 
GLU HB3  H  N N 122 
GLU HG2  H  N N 123 
GLU HG3  H  N N 124 
GLU HE2  H  N N 125 
GLU HXT  H  N N 126 
GLY N    N  N N 127 
GLY CA   C  N N 128 
GLY C    C  N N 129 
GLY O    O  N N 130 
GLY OXT  O  N N 131 
GLY H    H  N N 132 
GLY H2   H  N N 133 
GLY HA2  H  N N 134 
GLY HA3  H  N N 135 
GLY HXT  H  N N 136 
HIS N    N  N N 137 
HIS CA   C  N S 138 
HIS C    C  N N 139 
HIS O    O  N N 140 
HIS CB   C  N N 141 
HIS CG   C  Y N 142 
HIS ND1  N  Y N 143 
HIS CD2  C  Y N 144 
HIS CE1  C  Y N 145 
HIS NE2  N  Y N 146 
HIS OXT  O  N N 147 
HIS H    H  N N 148 
HIS H2   H  N N 149 
HIS HA   H  N N 150 
HIS HB2  H  N N 151 
HIS HB3  H  N N 152 
HIS HD1  H  N N 153 
HIS HD2  H  N N 154 
HIS HE1  H  N N 155 
HIS HE2  H  N N 156 
HIS HXT  H  N N 157 
HOH O    O  N N 158 
HOH H1   H  N N 159 
HOH H2   H  N N 160 
ILE N    N  N N 161 
ILE CA   C  N S 162 
ILE C    C  N N 163 
ILE O    O  N N 164 
ILE CB   C  N S 165 
ILE CG1  C  N N 166 
ILE CG2  C  N N 167 
ILE CD1  C  N N 168 
ILE OXT  O  N N 169 
ILE H    H  N N 170 
ILE H2   H  N N 171 
ILE HA   H  N N 172 
ILE HB   H  N N 173 
ILE HG12 H  N N 174 
ILE HG13 H  N N 175 
ILE HG21 H  N N 176 
ILE HG22 H  N N 177 
ILE HG23 H  N N 178 
ILE HD11 H  N N 179 
ILE HD12 H  N N 180 
ILE HD13 H  N N 181 
ILE HXT  H  N N 182 
LEU N    N  N N 183 
LEU CA   C  N S 184 
LEU C    C  N N 185 
LEU O    O  N N 186 
LEU CB   C  N N 187 
LEU CG   C  N N 188 
LEU CD1  C  N N 189 
LEU CD2  C  N N 190 
LEU OXT  O  N N 191 
LEU H    H  N N 192 
LEU H2   H  N N 193 
LEU HA   H  N N 194 
LEU HB2  H  N N 195 
LEU HB3  H  N N 196 
LEU HG   H  N N 197 
LEU HD11 H  N N 198 
LEU HD12 H  N N 199 
LEU HD13 H  N N 200 
LEU HD21 H  N N 201 
LEU HD22 H  N N 202 
LEU HD23 H  N N 203 
LEU HXT  H  N N 204 
LYS N    N  N N 205 
LYS CA   C  N S 206 
LYS C    C  N N 207 
LYS O    O  N N 208 
LYS CB   C  N N 209 
LYS CG   C  N N 210 
LYS CD   C  N N 211 
LYS CE   C  N N 212 
LYS NZ   N  N N 213 
LYS OXT  O  N N 214 
LYS H    H  N N 215 
LYS H2   H  N N 216 
LYS HA   H  N N 217 
LYS HB2  H  N N 218 
LYS HB3  H  N N 219 
LYS HG2  H  N N 220 
LYS HG3  H  N N 221 
LYS HD2  H  N N 222 
LYS HD3  H  N N 223 
LYS HE2  H  N N 224 
LYS HE3  H  N N 225 
LYS HZ1  H  N N 226 
LYS HZ2  H  N N 227 
LYS HZ3  H  N N 228 
LYS HXT  H  N N 229 
MET N    N  N N 230 
MET CA   C  N S 231 
MET C    C  N N 232 
MET O    O  N N 233 
MET CB   C  N N 234 
MET CG   C  N N 235 
MET SD   S  N N 236 
MET CE   C  N N 237 
MET OXT  O  N N 238 
MET H    H  N N 239 
MET H2   H  N N 240 
MET HA   H  N N 241 
MET HB2  H  N N 242 
MET HB3  H  N N 243 
MET HG2  H  N N 244 
MET HG3  H  N N 245 
MET HE1  H  N N 246 
MET HE2  H  N N 247 
MET HE3  H  N N 248 
MET HXT  H  N N 249 
PHE N    N  N N 250 
PHE CA   C  N S 251 
PHE C    C  N N 252 
PHE O    O  N N 253 
PHE CB   C  N N 254 
PHE CG   C  Y N 255 
PHE CD1  C  Y N 256 
PHE CD2  C  Y N 257 
PHE CE1  C  Y N 258 
PHE CE2  C  Y N 259 
PHE CZ   C  Y N 260 
PHE OXT  O  N N 261 
PHE H    H  N N 262 
PHE H2   H  N N 263 
PHE HA   H  N N 264 
PHE HB2  H  N N 265 
PHE HB3  H  N N 266 
PHE HD1  H  N N 267 
PHE HD2  H  N N 268 
PHE HE1  H  N N 269 
PHE HE2  H  N N 270 
PHE HZ   H  N N 271 
PHE HXT  H  N N 272 
PRO N    N  N N 273 
PRO CA   C  N S 274 
PRO C    C  N N 275 
PRO O    O  N N 276 
PRO CB   C  N N 277 
PRO CG   C  N N 278 
PRO CD   C  N N 279 
PRO OXT  O  N N 280 
PRO H    H  N N 281 
PRO HA   H  N N 282 
PRO HB2  H  N N 283 
PRO HB3  H  N N 284 
PRO HG2  H  N N 285 
PRO HG3  H  N N 286 
PRO HD2  H  N N 287 
PRO HD3  H  N N 288 
PRO HXT  H  N N 289 
SER N    N  N N 290 
SER CA   C  N S 291 
SER C    C  N N 292 
SER O    O  N N 293 
SER CB   C  N N 294 
SER OG   O  N N 295 
SER OXT  O  N N 296 
SER H    H  N N 297 
SER H2   H  N N 298 
SER HA   H  N N 299 
SER HB2  H  N N 300 
SER HB3  H  N N 301 
SER HG   H  N N 302 
SER HXT  H  N N 303 
THR N    N  N N 304 
THR CA   C  N S 305 
THR C    C  N N 306 
THR O    O  N N 307 
THR CB   C  N R 308 
THR OG1  O  N N 309 
THR CG2  C  N N 310 
THR OXT  O  N N 311 
THR H    H  N N 312 
THR H2   H  N N 313 
THR HA   H  N N 314 
THR HB   H  N N 315 
THR HG1  H  N N 316 
THR HG21 H  N N 317 
THR HG22 H  N N 318 
THR HG23 H  N N 319 
THR HXT  H  N N 320 
TRP N    N  N N 321 
TRP CA   C  N S 322 
TRP C    C  N N 323 
TRP O    O  N N 324 
TRP CB   C  N N 325 
TRP CG   C  Y N 326 
TRP CD1  C  Y N 327 
TRP CD2  C  Y N 328 
TRP NE1  N  Y N 329 
TRP CE2  C  Y N 330 
TRP CE3  C  Y N 331 
TRP CZ2  C  Y N 332 
TRP CZ3  C  Y N 333 
TRP CH2  C  Y N 334 
TRP OXT  O  N N 335 
TRP H    H  N N 336 
TRP H2   H  N N 337 
TRP HA   H  N N 338 
TRP HB2  H  N N 339 
TRP HB3  H  N N 340 
TRP HD1  H  N N 341 
TRP HE1  H  N N 342 
TRP HE3  H  N N 343 
TRP HZ2  H  N N 344 
TRP HZ3  H  N N 345 
TRP HH2  H  N N 346 
TRP HXT  H  N N 347 
TYR N    N  N N 348 
TYR CA   C  N S 349 
TYR C    C  N N 350 
TYR O    O  N N 351 
TYR CB   C  N N 352 
TYR CG   C  Y N 353 
TYR CD1  C  Y N 354 
TYR CD2  C  Y N 355 
TYR CE1  C  Y N 356 
TYR CE2  C  Y N 357 
TYR CZ   C  Y N 358 
TYR OH   O  N N 359 
TYR OXT  O  N N 360 
TYR H    H  N N 361 
TYR H2   H  N N 362 
TYR HA   H  N N 363 
TYR HB2  H  N N 364 
TYR HB3  H  N N 365 
TYR HD1  H  N N 366 
TYR HD2  H  N N 367 
TYR HE1  H  N N 368 
TYR HE2  H  N N 369 
TYR HH   H  N N 370 
TYR HXT  H  N N 371 
VAL N    N  N N 372 
VAL CA   C  N S 373 
VAL C    C  N N 374 
VAL O    O  N N 375 
VAL CB   C  N N 376 
VAL CG1  C  N N 377 
VAL CG2  C  N N 378 
VAL OXT  O  N N 379 
VAL H    H  N N 380 
VAL H2   H  N N 381 
VAL HA   H  N N 382 
VAL HB   H  N N 383 
VAL HG11 H  N N 384 
VAL HG12 H  N N 385 
VAL HG13 H  N N 386 
VAL HG21 H  N N 387 
VAL HG22 H  N N 388 
VAL HG23 H  N N 389 
VAL HXT  H  N N 390 
ZN  ZN   ZN N N 391 
# 
loop_
_chem_comp_bond.comp_id 
_chem_comp_bond.atom_id_1 
_chem_comp_bond.atom_id_2 
_chem_comp_bond.value_order 
_chem_comp_bond.pdbx_aromatic_flag 
_chem_comp_bond.pdbx_stereo_config 
_chem_comp_bond.pdbx_ordinal 
ALA N   CA   sing N N 1   
ALA N   H    sing N N 2   
ALA N   H2   sing N N 3   
ALA CA  C    sing N N 4   
ALA CA  CB   sing N N 5   
ALA CA  HA   sing N N 6   
ALA C   O    doub N N 7   
ALA C   OXT  sing N N 8   
ALA CB  HB1  sing N N 9   
ALA CB  HB2  sing N N 10  
ALA CB  HB3  sing N N 11  
ALA OXT HXT  sing N N 12  
ARG N   CA   sing N N 13  
ARG N   H    sing N N 14  
ARG N   H2   sing N N 15  
ARG CA  C    sing N N 16  
ARG CA  CB   sing N N 17  
ARG CA  HA   sing N N 18  
ARG C   O    doub N N 19  
ARG C   OXT  sing N N 20  
ARG CB  CG   sing N N 21  
ARG CB  HB2  sing N N 22  
ARG CB  HB3  sing N N 23  
ARG CG  CD   sing N N 24  
ARG CG  HG2  sing N N 25  
ARG CG  HG3  sing N N 26  
ARG CD  NE   sing N N 27  
ARG CD  HD2  sing N N 28  
ARG CD  HD3  sing N N 29  
ARG NE  CZ   sing N N 30  
ARG NE  HE   sing N N 31  
ARG CZ  NH1  sing N N 32  
ARG CZ  NH2  doub N N 33  
ARG NH1 HH11 sing N N 34  
ARG NH1 HH12 sing N N 35  
ARG NH2 HH21 sing N N 36  
ARG NH2 HH22 sing N N 37  
ARG OXT HXT  sing N N 38  
ASN N   CA   sing N N 39  
ASN N   H    sing N N 40  
ASN N   H2   sing N N 41  
ASN CA  C    sing N N 42  
ASN CA  CB   sing N N 43  
ASN CA  HA   sing N N 44  
ASN C   O    doub N N 45  
ASN C   OXT  sing N N 46  
ASN CB  CG   sing N N 47  
ASN CB  HB2  sing N N 48  
ASN CB  HB3  sing N N 49  
ASN CG  OD1  doub N N 50  
ASN CG  ND2  sing N N 51  
ASN ND2 HD21 sing N N 52  
ASN ND2 HD22 sing N N 53  
ASN OXT HXT  sing N N 54  
ASP N   CA   sing N N 55  
ASP N   H    sing N N 56  
ASP N   H2   sing N N 57  
ASP CA  C    sing N N 58  
ASP CA  CB   sing N N 59  
ASP CA  HA   sing N N 60  
ASP C   O    doub N N 61  
ASP C   OXT  sing N N 62  
ASP CB  CG   sing N N 63  
ASP CB  HB2  sing N N 64  
ASP CB  HB3  sing N N 65  
ASP CG  OD1  doub N N 66  
ASP CG  OD2  sing N N 67  
ASP OD2 HD2  sing N N 68  
ASP OXT HXT  sing N N 69  
CYS N   CA   sing N N 70  
CYS N   H    sing N N 71  
CYS N   H2   sing N N 72  
CYS CA  C    sing N N 73  
CYS CA  CB   sing N N 74  
CYS CA  HA   sing N N 75  
CYS C   O    doub N N 76  
CYS C   OXT  sing N N 77  
CYS CB  SG   sing N N 78  
CYS CB  HB2  sing N N 79  
CYS CB  HB3  sing N N 80  
CYS SG  HG   sing N N 81  
CYS OXT HXT  sing N N 82  
GLN N   CA   sing N N 83  
GLN N   H    sing N N 84  
GLN N   H2   sing N N 85  
GLN CA  C    sing N N 86  
GLN CA  CB   sing N N 87  
GLN CA  HA   sing N N 88  
GLN C   O    doub N N 89  
GLN C   OXT  sing N N 90  
GLN CB  CG   sing N N 91  
GLN CB  HB2  sing N N 92  
GLN CB  HB3  sing N N 93  
GLN CG  CD   sing N N 94  
GLN CG  HG2  sing N N 95  
GLN CG  HG3  sing N N 96  
GLN CD  OE1  doub N N 97  
GLN CD  NE2  sing N N 98  
GLN NE2 HE21 sing N N 99  
GLN NE2 HE22 sing N N 100 
GLN OXT HXT  sing N N 101 
GLU N   CA   sing N N 102 
GLU N   H    sing N N 103 
GLU N   H2   sing N N 104 
GLU CA  C    sing N N 105 
GLU CA  CB   sing N N 106 
GLU CA  HA   sing N N 107 
GLU C   O    doub N N 108 
GLU C   OXT  sing N N 109 
GLU CB  CG   sing N N 110 
GLU CB  HB2  sing N N 111 
GLU CB  HB3  sing N N 112 
GLU CG  CD   sing N N 113 
GLU CG  HG2  sing N N 114 
GLU CG  HG3  sing N N 115 
GLU CD  OE1  doub N N 116 
GLU CD  OE2  sing N N 117 
GLU OE2 HE2  sing N N 118 
GLU OXT HXT  sing N N 119 
GLY N   CA   sing N N 120 
GLY N   H    sing N N 121 
GLY N   H2   sing N N 122 
GLY CA  C    sing N N 123 
GLY CA  HA2  sing N N 124 
GLY CA  HA3  sing N N 125 
GLY C   O    doub N N 126 
GLY C   OXT  sing N N 127 
GLY OXT HXT  sing N N 128 
HIS N   CA   sing N N 129 
HIS N   H    sing N N 130 
HIS N   H2   sing N N 131 
HIS CA  C    sing N N 132 
HIS CA  CB   sing N N 133 
HIS CA  HA   sing N N 134 
HIS C   O    doub N N 135 
HIS C   OXT  sing N N 136 
HIS CB  CG   sing N N 137 
HIS CB  HB2  sing N N 138 
HIS CB  HB3  sing N N 139 
HIS CG  ND1  sing Y N 140 
HIS CG  CD2  doub Y N 141 
HIS ND1 CE1  doub Y N 142 
HIS ND1 HD1  sing N N 143 
HIS CD2 NE2  sing Y N 144 
HIS CD2 HD2  sing N N 145 
HIS CE1 NE2  sing Y N 146 
HIS CE1 HE1  sing N N 147 
HIS NE2 HE2  sing N N 148 
HIS OXT HXT  sing N N 149 
HOH O   H1   sing N N 150 
HOH O   H2   sing N N 151 
ILE N   CA   sing N N 152 
ILE N   H    sing N N 153 
ILE N   H2   sing N N 154 
ILE CA  C    sing N N 155 
ILE CA  CB   sing N N 156 
ILE CA  HA   sing N N 157 
ILE C   O    doub N N 158 
ILE C   OXT  sing N N 159 
ILE CB  CG1  sing N N 160 
ILE CB  CG2  sing N N 161 
ILE CB  HB   sing N N 162 
ILE CG1 CD1  sing N N 163 
ILE CG1 HG12 sing N N 164 
ILE CG1 HG13 sing N N 165 
ILE CG2 HG21 sing N N 166 
ILE CG2 HG22 sing N N 167 
ILE CG2 HG23 sing N N 168 
ILE CD1 HD11 sing N N 169 
ILE CD1 HD12 sing N N 170 
ILE CD1 HD13 sing N N 171 
ILE OXT HXT  sing N N 172 
LEU N   CA   sing N N 173 
LEU N   H    sing N N 174 
LEU N   H2   sing N N 175 
LEU CA  C    sing N N 176 
LEU CA  CB   sing N N 177 
LEU CA  HA   sing N N 178 
LEU C   O    doub N N 179 
LEU C   OXT  sing N N 180 
LEU CB  CG   sing N N 181 
LEU CB  HB2  sing N N 182 
LEU CB  HB3  sing N N 183 
LEU CG  CD1  sing N N 184 
LEU CG  CD2  sing N N 185 
LEU CG  HG   sing N N 186 
LEU CD1 HD11 sing N N 187 
LEU CD1 HD12 sing N N 188 
LEU CD1 HD13 sing N N 189 
LEU CD2 HD21 sing N N 190 
LEU CD2 HD22 sing N N 191 
LEU CD2 HD23 sing N N 192 
LEU OXT HXT  sing N N 193 
LYS N   CA   sing N N 194 
LYS N   H    sing N N 195 
LYS N   H2   sing N N 196 
LYS CA  C    sing N N 197 
LYS CA  CB   sing N N 198 
LYS CA  HA   sing N N 199 
LYS C   O    doub N N 200 
LYS C   OXT  sing N N 201 
LYS CB  CG   sing N N 202 
LYS CB  HB2  sing N N 203 
LYS CB  HB3  sing N N 204 
LYS CG  CD   sing N N 205 
LYS CG  HG2  sing N N 206 
LYS CG  HG3  sing N N 207 
LYS CD  CE   sing N N 208 
LYS CD  HD2  sing N N 209 
LYS CD  HD3  sing N N 210 
LYS CE  NZ   sing N N 211 
LYS CE  HE2  sing N N 212 
LYS CE  HE3  sing N N 213 
LYS NZ  HZ1  sing N N 214 
LYS NZ  HZ2  sing N N 215 
LYS NZ  HZ3  sing N N 216 
LYS OXT HXT  sing N N 217 
MET N   CA   sing N N 218 
MET N   H    sing N N 219 
MET N   H2   sing N N 220 
MET CA  C    sing N N 221 
MET CA  CB   sing N N 222 
MET CA  HA   sing N N 223 
MET C   O    doub N N 224 
MET C   OXT  sing N N 225 
MET CB  CG   sing N N 226 
MET CB  HB2  sing N N 227 
MET CB  HB3  sing N N 228 
MET CG  SD   sing N N 229 
MET CG  HG2  sing N N 230 
MET CG  HG3  sing N N 231 
MET SD  CE   sing N N 232 
MET CE  HE1  sing N N 233 
MET CE  HE2  sing N N 234 
MET CE  HE3  sing N N 235 
MET OXT HXT  sing N N 236 
PHE N   CA   sing N N 237 
PHE N   H    sing N N 238 
PHE N   H2   sing N N 239 
PHE CA  C    sing N N 240 
PHE CA  CB   sing N N 241 
PHE CA  HA   sing N N 242 
PHE C   O    doub N N 243 
PHE C   OXT  sing N N 244 
PHE CB  CG   sing N N 245 
PHE CB  HB2  sing N N 246 
PHE CB  HB3  sing N N 247 
PHE CG  CD1  doub Y N 248 
PHE CG  CD2  sing Y N 249 
PHE CD1 CE1  sing Y N 250 
PHE CD1 HD1  sing N N 251 
PHE CD2 CE2  doub Y N 252 
PHE CD2 HD2  sing N N 253 
PHE CE1 CZ   doub Y N 254 
PHE CE1 HE1  sing N N 255 
PHE CE2 CZ   sing Y N 256 
PHE CE2 HE2  sing N N 257 
PHE CZ  HZ   sing N N 258 
PHE OXT HXT  sing N N 259 
PRO N   CA   sing N N 260 
PRO N   CD   sing N N 261 
PRO N   H    sing N N 262 
PRO CA  C    sing N N 263 
PRO CA  CB   sing N N 264 
PRO CA  HA   sing N N 265 
PRO C   O    doub N N 266 
PRO C   OXT  sing N N 267 
PRO CB  CG   sing N N 268 
PRO CB  HB2  sing N N 269 
PRO CB  HB3  sing N N 270 
PRO CG  CD   sing N N 271 
PRO CG  HG2  sing N N 272 
PRO CG  HG3  sing N N 273 
PRO CD  HD2  sing N N 274 
PRO CD  HD3  sing N N 275 
PRO OXT HXT  sing N N 276 
SER N   CA   sing N N 277 
SER N   H    sing N N 278 
SER N   H2   sing N N 279 
SER CA  C    sing N N 280 
SER CA  CB   sing N N 281 
SER CA  HA   sing N N 282 
SER C   O    doub N N 283 
SER C   OXT  sing N N 284 
SER CB  OG   sing N N 285 
SER CB  HB2  sing N N 286 
SER CB  HB3  sing N N 287 
SER OG  HG   sing N N 288 
SER OXT HXT  sing N N 289 
THR N   CA   sing N N 290 
THR N   H    sing N N 291 
THR N   H2   sing N N 292 
THR CA  C    sing N N 293 
THR CA  CB   sing N N 294 
THR CA  HA   sing N N 295 
THR C   O    doub N N 296 
THR C   OXT  sing N N 297 
THR CB  OG1  sing N N 298 
THR CB  CG2  sing N N 299 
THR CB  HB   sing N N 300 
THR OG1 HG1  sing N N 301 
THR CG2 HG21 sing N N 302 
THR CG2 HG22 sing N N 303 
THR CG2 HG23 sing N N 304 
THR OXT HXT  sing N N 305 
TRP N   CA   sing N N 306 
TRP N   H    sing N N 307 
TRP N   H2   sing N N 308 
TRP CA  C    sing N N 309 
TRP CA  CB   sing N N 310 
TRP CA  HA   sing N N 311 
TRP C   O    doub N N 312 
TRP C   OXT  sing N N 313 
TRP CB  CG   sing N N 314 
TRP CB  HB2  sing N N 315 
TRP CB  HB3  sing N N 316 
TRP CG  CD1  doub Y N 317 
TRP CG  CD2  sing Y N 318 
TRP CD1 NE1  sing Y N 319 
TRP CD1 HD1  sing N N 320 
TRP CD2 CE2  doub Y N 321 
TRP CD2 CE3  sing Y N 322 
TRP NE1 CE2  sing Y N 323 
TRP NE1 HE1  sing N N 324 
TRP CE2 CZ2  sing Y N 325 
TRP CE3 CZ3  doub Y N 326 
TRP CE3 HE3  sing N N 327 
TRP CZ2 CH2  doub Y N 328 
TRP CZ2 HZ2  sing N N 329 
TRP CZ3 CH2  sing Y N 330 
TRP CZ3 HZ3  sing N N 331 
TRP CH2 HH2  sing N N 332 
TRP OXT HXT  sing N N 333 
TYR N   CA   sing N N 334 
TYR N   H    sing N N 335 
TYR N   H2   sing N N 336 
TYR CA  C    sing N N 337 
TYR CA  CB   sing N N 338 
TYR CA  HA   sing N N 339 
TYR C   O    doub N N 340 
TYR C   OXT  sing N N 341 
TYR CB  CG   sing N N 342 
TYR CB  HB2  sing N N 343 
TYR CB  HB3  sing N N 344 
TYR CG  CD1  doub Y N 345 
TYR CG  CD2  sing Y N 346 
TYR CD1 CE1  sing Y N 347 
TYR CD1 HD1  sing N N 348 
TYR CD2 CE2  doub Y N 349 
TYR CD2 HD2  sing N N 350 
TYR CE1 CZ   doub Y N 351 
TYR CE1 HE1  sing N N 352 
TYR CE2 CZ   sing Y N 353 
TYR CE2 HE2  sing N N 354 
TYR CZ  OH   sing N N 355 
TYR OH  HH   sing N N 356 
TYR OXT HXT  sing N N 357 
VAL N   CA   sing N N 358 
VAL N   H    sing N N 359 
VAL N   H2   sing N N 360 
VAL CA  C    sing N N 361 
VAL CA  CB   sing N N 362 
VAL CA  HA   sing N N 363 
VAL C   O    doub N N 364 
VAL C   OXT  sing N N 365 
VAL CB  CG1  sing N N 366 
VAL CB  CG2  sing N N 367 
VAL CB  HB   sing N N 368 
VAL CG1 HG11 sing N N 369 
VAL CG1 HG12 sing N N 370 
VAL CG1 HG13 sing N N 371 
VAL CG2 HG21 sing N N 372 
VAL CG2 HG22 sing N N 373 
VAL CG2 HG23 sing N N 374 
VAL OXT HXT  sing N N 375 
# 
_atom_sites.entry_id                    3IFU 
_atom_sites.fract_transf_matrix[1][1]   0.00099879 
_atom_sites.fract_transf_matrix[1][2]   -0.01118965 
_atom_sites.fract_transf_matrix[1][3]   -0.01607071 
_atom_sites.fract_transf_matrix[2][1]   0.01644786 
_atom_sites.fract_transf_matrix[2][2]   -0.00825360 
_atom_sites.fract_transf_matrix[2][3]   0.00676901 
_atom_sites.fract_transf_matrix[3][1]   -0.00350565 
_atom_sites.fract_transf_matrix[3][2]   -0.00456054 
_atom_sites.fract_transf_matrix[3][3]   0.00295752 
_atom_sites.fract_transf_vector[1]      -0.034506 
_atom_sites.fract_transf_vector[2]      -0.136703 
_atom_sites.fract_transf_vector[3]      0.085000 
# 
loop_
_atom_type.symbol 
C  
N  
O  
S  
ZN 
# 
loop_
_atom_site.group_PDB 
_atom_site.id 
_atom_site.type_symbol 
_atom_site.label_atom_id 
_atom_site.label_alt_id 
_atom_site.label_comp_id 
_atom_site.label_asym_id 
_atom_site.label_entity_id 
_atom_site.label_seq_id 
_atom_site.pdbx_PDB_ins_code 
_atom_site.Cartn_x 
_atom_site.Cartn_y 
_atom_site.Cartn_z 
_atom_site.occupancy 
_atom_site.B_iso_or_equiv 
_atom_site.pdbx_formal_charge 
_atom_site.auth_seq_id 
_atom_site.auth_comp_id 
_atom_site.auth_asym_id 
_atom_site.auth_atom_id 
_atom_site.pdbx_PDB_model_num 
ATOM   1    N  N   . ASP A 1 6   ? 19.072  0.638   14.861  1.00 74.41 ? 6   ASP A N   1 
ATOM   2    C  CA  . ASP A 1 6   ? 17.853  1.340   15.361  1.00 75.37 ? 6   ASP A CA  1 
ATOM   3    C  C   . ASP A 1 6   ? 16.658  0.960   14.489  1.00 74.66 ? 6   ASP A C   1 
ATOM   4    O  O   . ASP A 1 6   ? 16.514  1.425   13.354  1.00 73.98 ? 6   ASP A O   1 
ATOM   5    C  CB  . ASP A 1 6   ? 18.073  2.856   15.345  1.00 76.04 ? 6   ASP A CB  1 
ATOM   6    C  CG  . ASP A 1 6   ? 17.136  3.589   16.288  1.00 76.97 ? 6   ASP A CG  1 
ATOM   7    O  OD1 . ASP A 1 6   ? 17.093  3.229   17.489  1.00 75.13 ? 6   ASP A OD1 1 
ATOM   8    O  OD2 . ASP A 1 6   ? 16.449  4.527   15.831  1.00 77.82 ? 6   ASP A OD2 1 
ATOM   9    N  N   . ARG A 1 7   ? 15.809  0.104   15.047  1.00 74.21 ? 7   ARG A N   1 
ATOM   10   C  CA  . ARG A 1 7   ? 14.629  -0.424  14.370  1.00 72.74 ? 7   ARG A CA  1 
ATOM   11   C  C   . ARG A 1 7   ? 13.350  -0.048  15.116  1.00 70.30 ? 7   ARG A C   1 
ATOM   12   O  O   . ARG A 1 7   ? 13.382  0.723   16.070  1.00 70.13 ? 7   ARG A O   1 
ATOM   13   C  CB  . ARG A 1 7   ? 14.742  -1.951  14.305  1.00 74.29 ? 7   ARG A CB  1 
ATOM   14   C  CG  . ARG A 1 7   ? 14.595  -2.570  12.925  1.00 78.44 ? 7   ARG A CG  1 
ATOM   15   C  CD  . ARG A 1 7   ? 15.771  -2.284  11.999  1.00 79.58 ? 7   ARG A CD  1 
ATOM   16   N  NE  . ARG A 1 7   ? 15.663  -3.073  10.772  1.00 82.56 ? 7   ARG A NE  1 
ATOM   17   C  CZ  . ARG A 1 7   ? 16.440  -2.924  9.702   1.00 84.75 ? 7   ARG A CZ  1 
ATOM   18   N  NH1 . ARG A 1 7   ? 17.400  -2.005  9.696   1.00 85.55 ? 7   ARG A NH1 1 
ATOM   19   N  NH2 . ARG A 1 7   ? 16.255  -3.692  8.633   1.00 84.26 ? 7   ARG A NH2 1 
ATOM   20   N  N   . CYS A 1 8   ? 12.227  -0.604  14.674  1.00 66.96 ? 8   CYS A N   1 
ATOM   21   C  CA  . CYS A 1 8   ? 10.940  -0.350  15.308  1.00 64.63 ? 8   CYS A CA  1 
ATOM   22   C  C   . CYS A 1 8   ? 10.814  -1.192  16.573  1.00 64.49 ? 8   CYS A C   1 
ATOM   23   O  O   . CYS A 1 8   ? 11.174  -2.369  16.577  1.00 65.00 ? 8   CYS A O   1 
ATOM   24   C  CB  . CYS A 1 8   ? 9.797   -0.704  14.355  1.00 63.65 ? 8   CYS A CB  1 
ATOM   25   S  SG  . CYS A 1 8   ? 8.232   -1.074  15.198  1.00 58.12 ? 8   CYS A SG  1 
ATOM   26   N  N   . THR A 1 9   ? 10.288  -0.592  17.636  1.00 63.89 ? 9   THR A N   1 
ATOM   27   C  CA  . THR A 1 9   ? 10.127  -1.298  18.900  1.00 63.38 ? 9   THR A CA  1 
ATOM   28   C  C   . THR A 1 9   ? 8.714   -1.166  19.443  1.00 62.98 ? 9   THR A C   1 
ATOM   29   O  O   . THR A 1 9   ? 8.521   -0.993  20.644  1.00 63.22 ? 9   THR A O   1 
ATOM   30   C  CB  . THR A 1 9   ? 11.092  -0.767  19.979  1.00 64.04 ? 9   THR A CB  1 
ATOM   31   O  OG1 . THR A 1 9   ? 12.386  -0.562  19.406  1.00 63.51 ? 9   THR A OG1 1 
ATOM   32   C  CG2 . THR A 1 9   ? 11.214  -1.777  21.121  1.00 64.51 ? 9   THR A CG2 1 
ATOM   33   N  N   . CYS A 1 10  ? 7.730   -1.229  18.555  1.00 61.62 ? 10  CYS A N   1 
ATOM   34   C  CA  . CYS A 1 10  ? 6.332   -1.138  18.956  1.00 60.78 ? 10  CYS A CA  1 
ATOM   35   C  C   . CYS A 1 10  ? 5.815   -2.552  19.194  1.00 61.09 ? 10  CYS A C   1 
ATOM   36   O  O   . CYS A 1 10  ? 6.497   -3.527  18.880  1.00 59.68 ? 10  CYS A O   1 
ATOM   37   C  CB  . CYS A 1 10  ? 5.497   -0.477  17.853  1.00 61.20 ? 10  CYS A CB  1 
ATOM   38   S  SG  . CYS A 1 10  ? 5.763   1.295   17.609  1.00 59.53 ? 10  CYS A SG  1 
ATOM   39   N  N   . THR A 1 11  ? 4.620   -2.668  19.763  1.00 61.78 ? 11  THR A N   1 
ATOM   40   C  CA  . THR A 1 11  ? 4.035   -3.986  19.985  1.00 63.87 ? 11  THR A CA  1 
ATOM   41   C  C   . THR A 1 11  ? 3.884   -4.604  18.585  1.00 64.16 ? 11  THR A C   1 
ATOM   42   O  O   . THR A 1 11  ? 3.474   -3.928  17.645  1.00 65.83 ? 11  THR A O   1 
ATOM   43   C  CB  . THR A 1 11  ? 2.666   -3.865  20.688  1.00 64.66 ? 11  THR A CB  1 
ATOM   44   O  OG1 . THR A 1 11  ? 1.793   -3.043  19.905  1.00 66.53 ? 11  THR A OG1 1 
ATOM   45   C  CG2 . THR A 1 11  ? 2.834   -3.230  22.059  1.00 63.87 ? 11  THR A CG2 1 
ATOM   46   N  N   . PRO A 1 12  ? 4.207   -5.899  18.431  1.00 63.75 ? 12  PRO A N   1 
ATOM   47   C  CA  . PRO A 1 12  ? 4.101   -6.549  17.120  1.00 62.32 ? 12  PRO A CA  1 
ATOM   48   C  C   . PRO A 1 12  ? 2.741   -6.495  16.432  1.00 62.07 ? 12  PRO A C   1 
ATOM   49   O  O   . PRO A 1 12  ? 2.615   -6.941  15.290  1.00 62.62 ? 12  PRO A O   1 
ATOM   50   C  CB  . PRO A 1 12  ? 4.549   -7.977  17.411  1.00 62.25 ? 12  PRO A CB  1 
ATOM   51   C  CG  . PRO A 1 12  ? 4.033   -8.191  18.785  1.00 63.13 ? 12  PRO A CG  1 
ATOM   52   C  CD  . PRO A 1 12  ? 4.420   -6.905  19.486  1.00 63.60 ? 12  PRO A CD  1 
ATOM   53   N  N   . ASN A 1 13  ? 1.727   -5.957  17.108  1.00 60.18 ? 13  ASN A N   1 
ATOM   54   C  CA  . ASN A 1 13  ? 0.407   -5.874  16.491  1.00 59.27 ? 13  ASN A CA  1 
ATOM   55   C  C   . ASN A 1 13  ? 0.210   -4.533  15.774  1.00 58.61 ? 13  ASN A C   1 
ATOM   56   O  O   . ASN A 1 13  ? -0.882  -4.229  15.286  1.00 58.28 ? 13  ASN A O   1 
ATOM   57   C  CB  . ASN A 1 13  ? -0.695  -6.097  17.530  1.00 60.03 ? 13  ASN A CB  1 
ATOM   58   C  CG  . ASN A 1 13  ? -0.942  -4.883  18.393  1.00 60.15 ? 13  ASN A CG  1 
ATOM   59   O  OD1 . ASN A 1 13  ? -0.033  -4.366  19.039  1.00 60.82 ? 13  ASN A OD1 1 
ATOM   60   N  ND2 . ASN A 1 13  ? -2.184  -4.422  18.412  1.00 59.82 ? 13  ASN A ND2 1 
ATOM   61   N  N   . ALA A 1 14  ? 1.277   -3.739  15.719  1.00 55.85 ? 14  ALA A N   1 
ATOM   62   C  CA  . ALA A 1 14  ? 1.251   -2.452  15.037  1.00 53.96 ? 14  ALA A CA  1 
ATOM   63   C  C   . ALA A 1 14  ? 1.378   -2.747  13.541  1.00 54.43 ? 14  ALA A C   1 
ATOM   64   O  O   . ALA A 1 14  ? 2.359   -3.357  13.110  1.00 54.01 ? 14  ALA A O   1 
ATOM   65   C  CB  . ALA A 1 14  ? 2.412   -1.594  15.501  1.00 53.48 ? 14  ALA A CB  1 
ATOM   66   N  N   . ARG A 1 15  ? 0.394   -2.317  12.753  1.00 53.11 ? 15  ARG A N   1 
ATOM   67   C  CA  . ARG A 1 15  ? 0.411   -2.570  11.311  1.00 52.68 ? 15  ARG A CA  1 
ATOM   68   C  C   . ARG A 1 15  ? 1.678   -2.150  10.558  1.00 51.85 ? 15  ARG A C   1 
ATOM   69   O  O   . ARG A 1 15  ? 2.439   -1.270  10.980  1.00 49.51 ? 15  ARG A O   1 
ATOM   70   C  CB  . ARG A 1 15  ? -0.816  -1.946  10.648  1.00 53.10 ? 15  ARG A CB  1 
ATOM   71   C  CG  . ARG A 1 15  ? -2.115  -2.577  11.119  1.00 54.98 ? 15  ARG A CG  1 
ATOM   72   C  CD  . ARG A 1 15  ? -3.303  -2.049  10.355  1.00 56.58 ? 15  ARG A CD  1 
ATOM   73   N  NE  . ARG A 1 15  ? -4.563  -2.486  10.945  1.00 59.90 ? 15  ARG A NE  1 
ATOM   74   C  CZ  . ARG A 1 15  ? -5.054  -2.015  12.085  1.00 60.10 ? 15  ARG A CZ  1 
ATOM   75   N  NH1 . ARG A 1 15  ? -6.210  -2.467  12.549  1.00 61.78 ? 15  ARG A NH1 1 
ATOM   76   N  NH2 . ARG A 1 15  ? -4.388  -1.089  12.759  1.00 60.28 ? 15  ARG A NH2 1 
ATOM   77   N  N   . VAL A 1 16  ? 1.872   -2.793  9.415   1.00 49.35 ? 16  VAL A N   1 
ATOM   78   C  CA  . VAL A 1 16  ? 3.037   -2.576  8.583   1.00 47.50 ? 16  VAL A CA  1 
ATOM   79   C  C   . VAL A 1 16  ? 2.710   -2.154  7.149   1.00 46.62 ? 16  VAL A C   1 
ATOM   80   O  O   . VAL A 1 16  ? 1.624   -2.429  6.640   1.00 47.02 ? 16  VAL A O   1 
ATOM   81   C  CB  . VAL A 1 16  ? 3.878   -3.882  8.559   1.00 47.80 ? 16  VAL A CB  1 
ATOM   82   C  CG1 . VAL A 1 16  ? 4.810   -3.890  7.372   1.00 48.74 ? 16  VAL A CG1 1 
ATOM   83   C  CG2 . VAL A 1 16  ? 4.664   -4.016  9.862   1.00 46.15 ? 16  VAL A CG2 1 
ATOM   84   N  N   . PHE A 1 17  ? 3.657   -1.473  6.510   1.00 45.89 ? 17  PHE A N   1 
ATOM   85   C  CA  . PHE A 1 17  ? 3.508   -1.057  5.117   1.00 45.62 ? 17  PHE A CA  1 
ATOM   86   C  C   . PHE A 1 17  ? 4.846   -1.284  4.428   1.00 46.38 ? 17  PHE A C   1 
ATOM   87   O  O   . PHE A 1 17  ? 5.864   -1.437  5.092   1.00 47.73 ? 17  PHE A O   1 
ATOM   88   C  CB  . PHE A 1 17  ? 3.058   0.416   5.015   1.00 44.08 ? 17  PHE A CB  1 
ATOM   89   C  CG  . PHE A 1 17  ? 4.082   1.428   5.478   1.00 43.45 ? 17  PHE A CG  1 
ATOM   90   C  CD1 . PHE A 1 17  ? 5.072   1.896   4.610   1.00 42.93 ? 17  PHE A CD1 1 
ATOM   91   C  CD2 . PHE A 1 17  ? 4.014   1.968   6.770   1.00 42.24 ? 17  PHE A CD2 1 
ATOM   92   C  CE1 . PHE A 1 17  ? 5.977   2.892   5.022   1.00 40.97 ? 17  PHE A CE1 1 
ATOM   93   C  CE2 . PHE A 1 17  ? 4.910   2.958   7.188   1.00 38.95 ? 17  PHE A CE2 1 
ATOM   94   C  CZ  . PHE A 1 17  ? 5.891   3.423   6.312   1.00 40.17 ? 17  PHE A CZ  1 
ATOM   95   N  N   . VAL A 1 18  ? 4.844   -1.338  3.102   1.00 47.26 ? 18  VAL A N   1 
ATOM   96   C  CA  . VAL A 1 18  ? 6.077   -1.562  2.359   1.00 47.43 ? 18  VAL A CA  1 
ATOM   97   C  C   . VAL A 1 18  ? 6.404   -0.401  1.418   1.00 48.96 ? 18  VAL A C   1 
ATOM   98   O  O   . VAL A 1 18  ? 5.575   0.004   0.600   1.00 51.56 ? 18  VAL A O   1 
ATOM   99   C  CB  . VAL A 1 18  ? 5.987   -2.873  1.552   1.00 46.50 ? 18  VAL A CB  1 
ATOM   100  C  CG1 . VAL A 1 18  ? 7.329   -3.218  0.946   1.00 44.55 ? 18  VAL A CG1 1 
ATOM   101  C  CG2 . VAL A 1 18  ? 5.518   -3.986  2.451   1.00 46.05 ? 18  VAL A CG2 1 
ATOM   102  N  N   . ALA A 1 19  ? 7.611   0.144   1.564   1.00 49.77 ? 19  ALA A N   1 
ATOM   103  C  CA  . ALA A 1 19  ? 8.100   1.254   0.739   1.00 50.07 ? 19  ALA A CA  1 
ATOM   104  C  C   . ALA A 1 19  ? 9.406   0.759   0.132   1.00 51.92 ? 19  ALA A C   1 
ATOM   105  O  O   . ALA A 1 19  ? 10.305  0.308   0.847   1.00 50.99 ? 19  ALA A O   1 
ATOM   106  C  CB  . ALA A 1 19  ? 8.338   2.490   1.588   1.00 47.71 ? 19  ALA A CB  1 
ATOM   107  N  N   . GLU A 1 20  ? 9.505   0.845   -1.190  1.00 54.16 ? 20  GLU A N   1 
ATOM   108  C  CA  . GLU A 1 20  ? 10.668  0.333   -1.898  1.00 55.18 ? 20  GLU A CA  1 
ATOM   109  C  C   . GLU A 1 20  ? 10.930  -1.070  -1.340  1.00 54.73 ? 20  GLU A C   1 
ATOM   110  O  O   . GLU A 1 20  ? 10.032  -1.910  -1.348  1.00 54.95 ? 20  GLU A O   1 
ATOM   111  C  CB  . GLU A 1 20  ? 11.868  1.270   -1.727  1.00 56.82 ? 20  GLU A CB  1 
ATOM   112  C  CG  . GLU A 1 20  ? 11.646  2.618   -2.420  1.00 60.52 ? 20  GLU A CG  1 
ATOM   113  C  CD  . GLU A 1 20  ? 12.929  3.272   -2.921  1.00 63.30 ? 20  GLU A CD  1 
ATOM   114  O  OE1 . GLU A 1 20  ? 13.694  2.605   -3.649  1.00 64.30 ? 20  GLU A OE1 1 
ATOM   115  O  OE2 . GLU A 1 20  ? 13.166  4.458   -2.604  1.00 65.45 ? 20  GLU A OE2 1 
ATOM   116  N  N   . GLY A 1 21  ? 12.123  -1.346  -0.846  1.00 53.19 ? 21  GLY A N   1 
ATOM   117  C  CA  . GLY A 1 21  ? 12.353  -2.682  -0.322  1.00 54.38 ? 21  GLY A CA  1 
ATOM   118  C  C   . GLY A 1 21  ? 11.826  -2.910  1.088   1.00 54.05 ? 21  GLY A C   1 
ATOM   119  O  O   . GLY A 1 21  ? 11.139  -3.896  1.348   1.00 53.80 ? 21  GLY A O   1 
ATOM   120  N  N   . GLN A 1 22  ? 12.151  -1.971  1.978   1.00 54.71 ? 22  GLN A N   1 
ATOM   121  C  CA  . GLN A 1 22  ? 11.789  -1.993  3.395   1.00 54.20 ? 22  GLN A CA  1 
ATOM   122  C  C   . GLN A 1 22  ? 10.343  -2.138  3.847   1.00 53.06 ? 22  GLN A C   1 
ATOM   123  O  O   . GLN A 1 22  ? 9.407   -1.602  3.257   1.00 52.23 ? 22  GLN A O   1 
ATOM   124  C  CB  . GLN A 1 22  ? 12.339  -0.747  4.102   1.00 55.46 ? 22  GLN A CB  1 
ATOM   125  C  CG  . GLN A 1 22  ? 13.773  -0.841  4.589   1.00 56.98 ? 22  GLN A CG  1 
ATOM   126  C  CD  . GLN A 1 22  ? 14.000  -2.004  5.526   1.00 56.80 ? 22  GLN A CD  1 
ATOM   127  O  OE1 . GLN A 1 22  ? 13.204  -2.256  6.446   1.00 55.35 ? 22  GLN A OE1 1 
ATOM   128  N  NE2 . GLN A 1 22  ? 15.100  -2.723  5.310   1.00 56.91 ? 22  GLN A NE2 1 
ATOM   129  N  N   . VAL A 1 23  ? 10.212  -2.856  4.953   1.00 51.11 ? 23  VAL A N   1 
ATOM   130  C  CA  . VAL A 1 23  ? 8.956   -3.088  5.628   1.00 48.38 ? 23  VAL A CA  1 
ATOM   131  C  C   . VAL A 1 23  ? 9.052   -2.045  6.738   1.00 47.65 ? 23  VAL A C   1 
ATOM   132  O  O   . VAL A 1 23  ? 10.045  -2.000  7.466   1.00 47.44 ? 23  VAL A O   1 
ATOM   133  C  CB  . VAL A 1 23  ? 8.929   -4.513  6.231   1.00 48.90 ? 23  VAL A CB  1 
ATOM   134  C  CG1 . VAL A 1 23  ? 7.707   -4.709  7.091   1.00 47.05 ? 23  VAL A CG1 1 
ATOM   135  C  CG2 . VAL A 1 23  ? 8.945   -5.540  5.114   1.00 47.95 ? 23  VAL A CG2 1 
ATOM   136  N  N   . TYR A 1 24  ? 8.053   -1.177  6.841   1.00 47.57 ? 24  TYR A N   1 
ATOM   137  C  CA  . TYR A 1 24  ? 8.064   -0.136  7.868   1.00 46.13 ? 24  TYR A CA  1 
ATOM   138  C  C   . TYR A 1 24  ? 6.854   -0.262  8.773   1.00 45.47 ? 24  TYR A C   1 
ATOM   139  O  O   . TYR A 1 24  ? 5.838   -0.830  8.388   1.00 45.70 ? 24  TYR A O   1 
ATOM   140  C  CB  . TYR A 1 24  ? 8.042   1.272   7.249   1.00 45.34 ? 24  TYR A CB  1 
ATOM   141  C  CG  . TYR A 1 24  ? 9.273   1.707   6.476   1.00 43.38 ? 24  TYR A CG  1 
ATOM   142  C  CD1 . TYR A 1 24  ? 9.381   1.485   5.103   1.00 42.46 ? 24  TYR A CD1 1 
ATOM   143  C  CD2 . TYR A 1 24  ? 10.310  2.389   7.114   1.00 44.05 ? 24  TYR A CD2 1 
ATOM   144  C  CE1 . TYR A 1 24  ? 10.488  1.939   4.385   1.00 42.74 ? 24  TYR A CE1 1 
ATOM   145  C  CE2 . TYR A 1 24  ? 11.422  2.844   6.408   1.00 42.31 ? 24  TYR A CE2 1 
ATOM   146  C  CZ  . TYR A 1 24  ? 11.505  2.619   5.048   1.00 42.30 ? 24  TYR A CZ  1 
ATOM   147  O  OH  . TYR A 1 24  ? 12.596  3.092   4.360   1.00 40.98 ? 24  TYR A OH  1 
ATOM   148  N  N   . CYS A 1 25  ? 6.968   0.289   9.975   1.00 45.70 ? 25  CYS A N   1 
ATOM   149  C  CA  . CYS A 1 25  ? 5.883   0.261   10.935  1.00 46.12 ? 25  CYS A CA  1 
ATOM   150  C  C   . CYS A 1 25  ? 4.950   1.437   10.687  1.00 47.66 ? 25  CYS A C   1 
ATOM   151  O  O   . CYS A 1 25  ? 5.396   2.563   10.473  1.00 48.42 ? 25  CYS A O   1 
ATOM   152  C  CB  . CYS A 1 25  ? 6.431   0.344   12.352  1.00 45.12 ? 25  CYS A CB  1 
ATOM   153  S  SG  . CYS A 1 25  ? 5.160   0.642   13.594  1.00 48.04 ? 25  CYS A SG  1 
ATOM   154  N  N   . THR A 1 26  ? 3.652   1.167   10.718  1.00 48.44 ? 26  THR A N   1 
ATOM   155  C  CA  . THR A 1 26  ? 2.639   2.188   10.506  1.00 49.96 ? 26  THR A CA  1 
ATOM   156  C  C   . THR A 1 26  ? 2.610   3.216   11.639  1.00 51.34 ? 26  THR A C   1 
ATOM   157  O  O   . THR A 1 26  ? 2.249   4.372   11.434  1.00 52.41 ? 26  THR A O   1 
ATOM   158  C  CB  . THR A 1 26  ? 1.254   1.523   10.366  1.00 50.57 ? 26  THR A CB  1 
ATOM   159  O  OG1 . THR A 1 26  ? 1.130   0.957   9.055   1.00 54.01 ? 26  THR A OG1 1 
ATOM   160  C  CG2 . THR A 1 26  ? 0.148   2.521   10.577  1.00 53.97 ? 26  THR A CG2 1 
ATOM   161  N  N   . ARG A 1 27  ? 3.010   2.790   12.831  1.00 53.59 ? 27  ARG A N   1 
ATOM   162  C  CA  . ARG A 1 27  ? 3.010   3.655   14.010  1.00 53.97 ? 27  ARG A CA  1 
ATOM   163  C  C   . ARG A 1 27  ? 4.157   4.654   14.165  1.00 53.00 ? 27  ARG A C   1 
ATOM   164  O  O   . ARG A 1 27  ? 3.913   5.842   14.373  1.00 51.95 ? 27  ARG A O   1 
ATOM   165  C  CB  . ARG A 1 27  ? 2.944   2.805   15.285  1.00 56.39 ? 27  ARG A CB  1 
ATOM   166  C  CG  . ARG A 1 27  ? 1.551   2.419   15.717  1.00 57.90 ? 27  ARG A CG  1 
ATOM   167  C  CD  . ARG A 1 27  ? 1.373   2.707   17.205  1.00 62.60 ? 27  ARG A CD  1 
ATOM   168  N  NE  . ARG A 1 27  ? 1.712   1.587   18.082  1.00 63.19 ? 27  ARG A NE  1 
ATOM   169  C  CZ  . ARG A 1 27  ? 1.016   0.451   18.158  1.00 64.45 ? 27  ARG A CZ  1 
ATOM   170  N  NH1 . ARG A 1 27  ? -0.064  0.272   17.405  1.00 62.97 ? 27  ARG A NH1 1 
ATOM   171  N  NH2 . ARG A 1 27  ? 1.389   -0.502  19.005  1.00 64.67 ? 27  ARG A NH2 1 
ATOM   172  N  N   . CYS A 1 28  ? 5.397   4.173   14.086  1.00 52.41 ? 28  CYS A N   1 
ATOM   173  C  CA  . CYS A 1 28  ? 6.575   5.025   14.268  1.00 51.08 ? 28  CYS A CA  1 
ATOM   174  C  C   . CYS A 1 28  ? 7.384   5.307   13.007  1.00 50.61 ? 28  CYS A C   1 
ATOM   175  O  O   . CYS A 1 28  ? 8.382   6.025   13.066  1.00 49.16 ? 28  CYS A O   1 
ATOM   176  C  CB  . CYS A 1 28  ? 7.507   4.412   15.315  1.00 50.89 ? 28  CYS A CB  1 
ATOM   177  S  SG  . CYS A 1 28  ? 8.290   2.873   14.786  1.00 51.64 ? 28  CYS A SG  1 
ATOM   178  N  N   . LEU A 1 29  ? 6.970   4.729   11.881  1.00 48.65 ? 29  LEU A N   1 
ATOM   179  C  CA  . LEU A 1 29  ? 7.650   4.943   10.604  1.00 46.99 ? 29  LEU A CA  1 
ATOM   180  C  C   . LEU A 1 29  ? 9.103   4.460   10.588  1.00 48.07 ? 29  LEU A C   1 
ATOM   181  O  O   . LEU A 1 29  ? 9.901   4.896   9.757   1.00 48.23 ? 29  LEU A O   1 
ATOM   182  C  CB  . LEU A 1 29  ? 7.590   6.426   10.236  1.00 44.54 ? 29  LEU A CB  1 
ATOM   183  C  CG  . LEU A 1 29  ? 6.183   7.024   10.314  1.00 45.91 ? 29  LEU A CG  1 
ATOM   184  C  CD1 . LEU A 1 29  ? 6.226   8.547   10.244  1.00 44.01 ? 29  LEU A CD1 1 
ATOM   185  C  CD2 . LEU A 1 29  ? 5.347   6.441   9.190   1.00 46.17 ? 29  LEU A CD2 1 
ATOM   186  N  N   . SER A 1 30  ? 9.448   3.561   11.505  1.00 49.04 ? 30  SER A N   1 
ATOM   187  C  CA  . SER A 1 30  ? 10.800  3.023   11.563  1.00 50.07 ? 30  SER A CA  1 
ATOM   188  C  C   . SER A 1 30  ? 10.804  1.645   10.928  1.00 51.12 ? 30  SER A C   1 
ATOM   189  O  O   . SER A 1 30  ? 9.788   0.947   10.957  1.00 51.53 ? 30  SER A O   1 
ATOM   190  C  CB  . SER A 1 30  ? 11.271  2.923   13.011  1.00 52.09 ? 30  SER A CB  1 
ATOM   191  O  OG  . SER A 1 30  ? 11.242  4.194   13.640  1.00 57.62 ? 30  SER A OG  1 
ATOM   192  N  N   . ALA A 1 31  ? 11.940  1.257   10.354  1.00 51.31 ? 31  ALA A N   1 
ATOM   193  C  CA  . ALA A 1 31  ? 12.075  -0.051  9.714   1.00 51.76 ? 31  ALA A CA  1 
ATOM   194  C  C   . ALA A 1 31  ? 11.669  -1.177  10.662  1.00 52.33 ? 31  ALA A C   1 
ATOM   195  O  O   . ALA A 1 31  ? 11.969  -1.134  11.851  1.00 52.14 ? 31  ALA A O   1 
ATOM   196  C  CB  . ALA A 1 31  ? 13.509  -0.258  9.247   1.00 50.82 ? 31  ALA A CB  1 
ATOM   197  N  N   . ARG A 1 32  ? 10.990  -2.185  10.129  1.00 53.30 ? 32  ARG A N   1 
ATOM   198  C  CA  . ARG A 1 32  ? 10.545  -3.317  10.932  1.00 55.03 ? 32  ARG A CA  1 
ATOM   199  C  C   . ARG A 1 32  ? 11.364  -4.579  10.716  1.00 55.73 ? 32  ARG A C   1 
ATOM   200  O  O   . ARG A 1 32  ? 11.521  -5.048  9.590   1.00 54.02 ? 32  ARG A O   1 
ATOM   201  C  CB  . ARG A 1 32  ? 9.077   -3.620  10.639  1.00 55.26 ? 32  ARG A CB  1 
ATOM   202  C  CG  . ARG A 1 32  ? 8.144   -3.172  11.734  1.00 58.63 ? 32  ARG A CG  1 
ATOM   203  C  CD  . ARG A 1 32  ? 8.073   -4.198  12.842  1.00 57.05 ? 32  ARG A CD  1 
ATOM   204  N  NE  . ARG A 1 32  ? 6.745   -4.805  12.899  1.00 58.63 ? 32  ARG A NE  1 
ATOM   205  C  CZ  . ARG A 1 32  ? 5.632   -4.145  13.207  1.00 57.55 ? 32  ARG A CZ  1 
ATOM   206  N  NH1 . ARG A 1 32  ? 5.676   -2.852  13.491  1.00 58.72 ? 32  ARG A NH1 1 
ATOM   207  N  NH2 . ARG A 1 32  ? 4.473   -4.778  13.231  1.00 59.79 ? 32  ARG A NH2 1 
ATOM   208  N  N   . SER A 1 33  ? 11.877  -5.132  11.809  1.00 57.96 ? 33  SER A N   1 
ATOM   209  C  CA  . SER A 1 33  ? 12.666  -6.354  11.746  1.00 60.91 ? 33  SER A CA  1 
ATOM   210  C  C   . SER A 1 33  ? 11.763  -7.572  11.611  1.00 62.29 ? 33  SER A C   1 
ATOM   211  O  O   . SER A 1 33  ? 10.540  -7.472  11.695  1.00 62.20 ? 33  SER A O   1 
ATOM   212  C  CB  . SER A 1 33  ? 13.531  -6.505  13.002  1.00 60.98 ? 33  SER A CB  1 
ATOM   213  O  OG  . SER A 1 33  ? 14.643  -5.627  12.975  1.00 63.18 ? 33  SER A OG  1 
ATOM   214  N  N   . LEU A 1 34  ? 12.379  -8.727  11.392  1.00 64.86 ? 34  LEU A N   1 
ATOM   215  C  CA  . LEU A 1 34  ? 11.638  -9.969  11.267  1.00 66.61 ? 34  LEU A CA  1 
ATOM   216  C  C   . LEU A 1 34  ? 11.103  -10.358 12.628  1.00 68.03 ? 34  LEU A C   1 
ATOM   217  O  O   . LEU A 1 34  ? 11.776  -10.183 13.641  1.00 68.06 ? 34  LEU A O   1 
ATOM   218  C  CB  . LEU A 1 34  ? 12.548  -11.078 10.750  1.00 66.60 ? 34  LEU A CB  1 
ATOM   219  C  CG  . LEU A 1 34  ? 12.838  -11.068 9.252   1.00 67.47 ? 34  LEU A CG  1 
ATOM   220  C  CD1 . LEU A 1 34  ? 14.053  -11.940 8.945   1.00 67.32 ? 34  LEU A CD1 1 
ATOM   221  C  CD2 . LEU A 1 34  ? 11.601  -11.551 8.513   1.00 67.30 ? 34  LEU A CD2 1 
ATOM   222  N  N   . LEU A 1 35  ? 9.886   -10.883 12.648  1.00 70.86 ? 35  LEU A N   1 
ATOM   223  C  CA  . LEU A 1 35  ? 9.269   -11.314 13.890  1.00 73.71 ? 35  LEU A CA  1 
ATOM   224  C  C   . LEU A 1 35  ? 9.943   -12.621 14.337  1.00 76.23 ? 35  LEU A C   1 
ATOM   225  O  O   . LEU A 1 35  ? 10.274  -13.470 13.505  1.00 76.33 ? 35  LEU A O   1 
ATOM   226  C  CB  . LEU A 1 35  ? 7.772   -11.514 13.667  1.00 73.20 ? 35  LEU A CB  1 
ATOM   227  C  CG  . LEU A 1 35  ? 6.859   -10.955 14.759  1.00 74.00 ? 35  LEU A CG  1 
ATOM   228  C  CD1 . LEU A 1 35  ? 7.255   -9.526  15.105  1.00 73.09 ? 35  LEU A CD1 1 
ATOM   229  C  CD2 . LEU A 1 35  ? 5.421   -11.009 14.270  1.00 75.96 ? 35  LEU A CD2 1 
ATOM   230  N  N   . PRO A 1 36  ? 10.163  -12.788 15.656  1.00 78.03 ? 36  PRO A N   1 
ATOM   231  C  CA  . PRO A 1 36  ? 10.793  -13.943 16.313  1.00 79.58 ? 36  PRO A CA  1 
ATOM   232  C  C   . PRO A 1 36  ? 10.380  -15.366 15.913  1.00 81.49 ? 36  PRO A C   1 
ATOM   233  O  O   . PRO A 1 36  ? 10.885  -16.328 16.491  1.00 82.40 ? 36  PRO A O   1 
ATOM   234  C  CB  . PRO A 1 36  ? 10.527  -13.676 17.791  1.00 78.42 ? 36  PRO A CB  1 
ATOM   235  C  CG  . PRO A 1 36  ? 10.638  -12.207 17.865  1.00 78.78 ? 36  PRO A CG  1 
ATOM   236  C  CD  . PRO A 1 36  ? 9.829   -11.760 16.660  1.00 78.60 ? 36  PRO A CD  1 
ATOM   237  N  N   . LEU A 1 37  ? 9.483   -15.514 14.938  1.00 83.19 ? 37  LEU A N   1 
ATOM   238  C  CA  . LEU A 1 37  ? 9.031   -16.843 14.506  1.00 84.42 ? 37  LEU A CA  1 
ATOM   239  C  C   . LEU A 1 37  ? 8.134   -17.478 15.566  1.00 84.90 ? 37  LEU A C   1 
ATOM   240  O  O   . LEU A 1 37  ? 7.312   -18.343 15.264  1.00 84.45 ? 37  LEU A O   1 
ATOM   241  C  CB  . LEU A 1 37  ? 10.229  -17.762 14.222  1.00 84.75 ? 37  LEU A CB  1 
ATOM   242  C  CG  . LEU A 1 37  ? 9.959   -19.266 14.060  1.00 86.02 ? 37  LEU A CG  1 
ATOM   243  C  CD1 . LEU A 1 37  ? 9.056   -19.522 12.857  1.00 85.71 ? 37  LEU A CD1 1 
ATOM   244  C  CD2 . LEU A 1 37  ? 11.286  -20.000 13.901  1.00 85.60 ? 37  LEU A CD2 1 
ATOM   245  N  N   . ASN A 1 38  ? 8.309   -17.044 16.809  1.00 85.29 ? 38  ASN A N   1 
ATOM   246  C  CA  . ASN A 1 38  ? 7.511   -17.538 17.921  1.00 85.90 ? 38  ASN A CA  1 
ATOM   247  C  C   . ASN A 1 38  ? 6.243   -16.708 17.930  1.00 85.27 ? 38  ASN A C   1 
ATOM   248  O  O   . ASN A 1 38  ? 5.192   -17.140 18.406  1.00 85.61 ? 38  ASN A O   1 
ATOM   249  C  CB  . ASN A 1 38  ? 8.260   -17.332 19.233  1.00 87.64 ? 38  ASN A CB  1 
ATOM   250  C  CG  . ASN A 1 38  ? 9.558   -18.099 19.282  1.00 90.38 ? 38  ASN A CG  1 
ATOM   251  O  OD1 . ASN A 1 38  ? 9.561   -19.333 19.285  1.00 92.07 ? 38  ASN A OD1 1 
ATOM   252  N  ND2 . ASN A 1 38  ? 10.675  -17.376 19.318  1.00 90.65 ? 38  ASN A ND2 1 
ATOM   253  N  N   . LEU A 1 39  ? 6.369   -15.499 17.396  1.00 83.99 ? 39  LEU A N   1 
ATOM   254  C  CA  . LEU A 1 39  ? 5.263   -14.562 17.309  1.00 81.63 ? 39  LEU A CA  1 
ATOM   255  C  C   . LEU A 1 39  ? 4.686   -14.602 15.897  1.00 80.32 ? 39  LEU A C   1 
ATOM   256  O  O   . LEU A 1 39  ? 3.503   -14.328 15.693  1.00 80.59 ? 39  LEU A O   1 
ATOM   257  C  CB  . LEU A 1 39  ? 5.758   -13.153 17.645  1.00 80.65 ? 39  LEU A CB  1 
ATOM   258  C  CG  . LEU A 1 39  ? 6.222   -12.936 19.090  1.00 79.49 ? 39  LEU A CG  1 
ATOM   259  C  CD1 . LEU A 1 39  ? 7.028   -11.658 19.192  1.00 78.79 ? 39  LEU A CD1 1 
ATOM   260  C  CD2 . LEU A 1 39  ? 5.011   -12.891 20.015  1.00 78.84 ? 39  LEU A CD2 1 
ATOM   261  N  N   . GLN A 1 40  ? 5.528   -14.954 14.929  1.00 78.33 ? 40  GLN A N   1 
ATOM   262  C  CA  . GLN A 1 40  ? 5.111   -15.040 13.536  1.00 76.26 ? 40  GLN A CA  1 
ATOM   263  C  C   . GLN A 1 40  ? 3.756   -15.720 13.418  1.00 75.49 ? 40  GLN A C   1 
ATOM   264  O  O   . GLN A 1 40  ? 3.464   -16.670 14.143  1.00 75.99 ? 40  GLN A O   1 
ATOM   265  C  CB  . GLN A 1 40  ? 6.149   -15.808 12.713  1.00 75.94 ? 40  GLN A CB  1 
ATOM   266  C  CG  . GLN A 1 40  ? 7.395   -15.004 12.355  1.00 76.39 ? 40  GLN A CG  1 
ATOM   267  C  CD  . GLN A 1 40  ? 8.426   -15.829 11.604  1.00 77.18 ? 40  GLN A CD  1 
ATOM   268  O  OE1 . GLN A 1 40  ? 8.105   -16.876 11.035  1.00 76.69 ? 40  GLN A OE1 1 
ATOM   269  N  NE2 . GLN A 1 40  ? 9.671   -15.354 11.585  1.00 76.04 ? 40  GLN A NE2 1 
ATOM   270  N  N   . VAL A 1 41  ? 2.931   -15.217 12.504  1.00 74.80 ? 41  VAL A N   1 
ATOM   271  C  CA  . VAL A 1 41  ? 1.597   -15.755 12.266  1.00 73.79 ? 41  VAL A CA  1 
ATOM   272  C  C   . VAL A 1 41  ? 1.580   -16.430 10.898  1.00 74.28 ? 41  VAL A C   1 
ATOM   273  O  O   . VAL A 1 41  ? 1.239   -15.813 9.890   1.00 75.37 ? 41  VAL A O   1 
ATOM   274  C  CB  . VAL A 1 41  ? 0.532   -14.633 12.308  1.00 72.13 ? 41  VAL A CB  1 
ATOM   275  C  CG1 . VAL A 1 41  ? -0.848  -15.205 12.061  1.00 71.13 ? 41  VAL A CG1 1 
ATOM   276  C  CG2 . VAL A 1 41  ? 0.572   -13.937 13.654  1.00 70.80 ? 41  VAL A CG2 1 
ATOM   277  N  N   . PRO A 1 42  ? 1.948   -17.718 10.852  1.00 74.81 ? 42  PRO A N   1 
ATOM   278  C  CA  . PRO A 1 42  ? 1.997   -18.518 9.625   1.00 74.37 ? 42  PRO A CA  1 
ATOM   279  C  C   . PRO A 1 42  ? 0.842   -18.300 8.659   1.00 74.55 ? 42  PRO A C   1 
ATOM   280  O  O   . PRO A 1 42  ? 1.031   -18.339 7.444   1.00 74.65 ? 42  PRO A O   1 
ATOM   281  C  CB  . PRO A 1 42  ? 2.046   -19.946 10.153  1.00 73.76 ? 42  PRO A CB  1 
ATOM   282  C  CG  . PRO A 1 42  ? 2.869   -19.792 11.403  1.00 75.00 ? 42  PRO A CG  1 
ATOM   283  C  CD  . PRO A 1 42  ? 2.267   -18.549 12.031  1.00 74.70 ? 42  PRO A CD  1 
ATOM   284  N  N   . GLU A 1 43  ? -0.349  -18.063 9.196   1.00 74.49 ? 43  GLU A N   1 
ATOM   285  C  CA  . GLU A 1 43  ? -1.528  -17.868 8.359   1.00 75.34 ? 43  GLU A CA  1 
ATOM   286  C  C   . GLU A 1 43  ? -1.504  -16.568 7.553   1.00 75.00 ? 43  GLU A C   1 
ATOM   287  O  O   . GLU A 1 43  ? -2.344  -16.366 6.672   1.00 74.64 ? 43  GLU A O   1 
ATOM   288  C  CB  . GLU A 1 43  ? -2.801  -17.908 9.218   1.00 77.04 ? 43  GLU A CB  1 
ATOM   289  C  CG  . GLU A 1 43  ? -2.833  -19.032 10.249  1.00 78.61 ? 43  GLU A CG  1 
ATOM   290  C  CD  . GLU A 1 43  ? -2.185  -18.638 11.570  1.00 80.96 ? 43  GLU A CD  1 
ATOM   291  O  OE1 . GLU A 1 43  ? -2.773  -17.806 12.299  1.00 82.33 ? 43  GLU A OE1 1 
ATOM   292  O  OE2 . GLU A 1 43  ? -1.090  -19.154 11.881  1.00 80.35 ? 43  GLU A OE2 1 
ATOM   293  N  N   . LEU A 1 44  ? -0.544  -15.690 7.846   1.00 73.80 ? 44  LEU A N   1 
ATOM   294  C  CA  . LEU A 1 44  ? -0.436  -14.409 7.144   1.00 71.84 ? 44  LEU A CA  1 
ATOM   295  C  C   . LEU A 1 44  ? 0.780   -14.283 6.225   1.00 71.06 ? 44  LEU A C   1 
ATOM   296  O  O   . LEU A 1 44  ? 1.400   -13.223 6.167   1.00 71.09 ? 44  LEU A O   1 
ATOM   297  C  CB  . LEU A 1 44  ? -0.409  -13.257 8.151   1.00 71.23 ? 44  LEU A CB  1 
ATOM   298  C  CG  . LEU A 1 44  ? -1.669  -12.955 8.961   1.00 69.53 ? 44  LEU A CG  1 
ATOM   299  C  CD1 . LEU A 1 44  ? -1.385  -11.807 9.909   1.00 68.18 ? 44  LEU A CD1 1 
ATOM   300  C  CD2 . LEU A 1 44  ? -2.811  -12.603 8.027   1.00 68.48 ? 44  LEU A CD2 1 
ATOM   301  N  N   . GLY A 1 45  ? 1.110   -15.358 5.512   1.00 70.02 ? 45  GLY A N   1 
ATOM   302  C  CA  . GLY A 1 45  ? 2.245   -15.353 4.598   1.00 67.99 ? 45  GLY A CA  1 
ATOM   303  C  C   . GLY A 1 45  ? 3.405   -14.446 4.968   1.00 66.50 ? 45  GLY A C   1 
ATOM   304  O  O   . GLY A 1 45  ? 3.923   -14.495 6.088   1.00 67.75 ? 45  GLY A O   1 
ATOM   305  N  N   . VAL A 1 46  ? 3.816   -13.618 4.013   1.00 65.25 ? 46  VAL A N   1 
ATOM   306  C  CA  . VAL A 1 46  ? 4.918   -12.675 4.208   1.00 63.06 ? 46  VAL A CA  1 
ATOM   307  C  C   . VAL A 1 46  ? 4.623   -11.658 5.310   1.00 61.65 ? 46  VAL A C   1 
ATOM   308  O  O   . VAL A 1 46  ? 5.515   -11.281 6.075   1.00 61.05 ? 46  VAL A O   1 
ATOM   309  C  CB  . VAL A 1 46  ? 5.217   -11.907 2.904   1.00 62.60 ? 46  VAL A CB  1 
ATOM   310  C  CG1 . VAL A 1 46  ? 6.354   -10.921 3.121   1.00 61.75 ? 46  VAL A CG1 1 
ATOM   311  C  CG2 . VAL A 1 46  ? 5.565   -12.892 1.804   1.00 64.87 ? 46  VAL A CG2 1 
ATOM   312  N  N   . LEU A 1 47  ? 3.370   -11.210 5.380   1.00 59.60 ? 47  LEU A N   1 
ATOM   313  C  CA  . LEU A 1 47  ? 2.948   -10.239 6.388   1.00 58.13 ? 47  LEU A CA  1 
ATOM   314  C  C   . LEU A 1 47  ? 3.153   -10.780 7.804   1.00 57.67 ? 47  LEU A C   1 
ATOM   315  O  O   . LEU A 1 47  ? 3.599   -10.060 8.702   1.00 54.42 ? 47  LEU A O   1 
ATOM   316  C  CB  . LEU A 1 47  ? 1.476   -9.881  6.175   1.00 57.35 ? 47  LEU A CB  1 
ATOM   317  C  CG  . LEU A 1 47  ? 0.882   -8.857  7.137   1.00 55.52 ? 47  LEU A CG  1 
ATOM   318  C  CD1 . LEU A 1 47  ? 1.699   -7.581  7.108   1.00 55.20 ? 47  LEU A CD1 1 
ATOM   319  C  CD2 . LEU A 1 47  ? -0.545  -8.582  6.747   1.00 55.49 ? 47  LEU A CD2 1 
ATOM   320  N  N   . GLY A 1 48  ? 2.828   -12.057 7.990   1.00 58.08 ? 48  GLY A N   1 
ATOM   321  C  CA  . GLY A 1 48  ? 2.983   -12.689 9.288   1.00 58.26 ? 48  GLY A CA  1 
ATOM   322  C  C   . GLY A 1 48  ? 4.426   -12.729 9.753   1.00 58.62 ? 48  GLY A C   1 
ATOM   323  O  O   . GLY A 1 48  ? 4.697   -12.990 10.923  1.00 56.81 ? 48  GLY A O   1 
ATOM   324  N  N   . LEU A 1 49  ? 5.354   -12.476 8.838   1.00 59.15 ? 49  LEU A N   1 
ATOM   325  C  CA  . LEU A 1 49  ? 6.770   -12.476 9.185   1.00 61.05 ? 49  LEU A CA  1 
ATOM   326  C  C   . LEU A 1 49  ? 7.133   -11.173 9.912   1.00 61.62 ? 49  LEU A C   1 
ATOM   327  O  O   . LEU A 1 49  ? 8.239   -11.029 10.434  1.00 62.98 ? 49  LEU A O   1 
ATOM   328  C  CB  . LEU A 1 49  ? 7.624   -12.623 7.919   1.00 61.65 ? 49  LEU A CB  1 
ATOM   329  C  CG  . LEU A 1 49  ? 7.197   -13.702 6.912   1.00 63.11 ? 49  LEU A CG  1 
ATOM   330  C  CD1 . LEU A 1 49  ? 8.127   -13.682 5.710   1.00 61.14 ? 49  LEU A CD1 1 
ATOM   331  C  CD2 . LEU A 1 49  ? 7.211   -15.066 7.576   1.00 63.79 ? 49  LEU A CD2 1 
ATOM   332  N  N   . PHE A 1 50  ? 6.198   -10.229 9.949   1.00 60.78 ? 50  PHE A N   1 
ATOM   333  C  CA  . PHE A 1 50  ? 6.444   -8.954  10.611  1.00 60.32 ? 50  PHE A CA  1 
ATOM   334  C  C   . PHE A 1 50  ? 5.268   -8.482  11.463  1.00 61.02 ? 50  PHE A C   1 
ATOM   335  O  O   . PHE A 1 50  ? 5.457   -7.836  12.496  1.00 62.30 ? 50  PHE A O   1 
ATOM   336  C  CB  . PHE A 1 50  ? 6.741   -7.854  9.586   1.00 59.06 ? 50  PHE A CB  1 
ATOM   337  C  CG  . PHE A 1 50  ? 7.881   -8.159  8.655   1.00 58.18 ? 50  PHE A CG  1 
ATOM   338  C  CD1 . PHE A 1 50  ? 7.686   -8.954  7.531   1.00 59.04 ? 50  PHE A CD1 1 
ATOM   339  C  CD2 . PHE A 1 50  ? 9.136   -7.601  8.868   1.00 57.55 ? 50  PHE A CD2 1 
ATOM   340  C  CE1 . PHE A 1 50  ? 8.727   -9.182  6.623   1.00 59.02 ? 50  PHE A CE1 1 
ATOM   341  C  CE2 . PHE A 1 50  ? 10.182  -7.822  7.969   1.00 58.60 ? 50  PHE A CE2 1 
ATOM   342  C  CZ  . PHE A 1 50  ? 9.978   -8.612  6.845   1.00 57.40 ? 50  PHE A CZ  1 
ATOM   343  N  N   . TYR A 1 51  ? 4.059   -8.804  11.015  1.00 60.81 ? 51  TYR A N   1 
ATOM   344  C  CA  . TYR A 1 51  ? 2.839   -8.382  11.686  1.00 60.18 ? 51  TYR A CA  1 
ATOM   345  C  C   . TYR A 1 51  ? 2.051   -9.501  12.364  1.00 62.86 ? 51  TYR A C   1 
ATOM   346  O  O   . TYR A 1 51  ? 1.673   -10.483 11.734  1.00 62.53 ? 51  TYR A O   1 
ATOM   347  C  CB  . TYR A 1 51  ? 1.947   -7.682  10.669  1.00 57.13 ? 51  TYR A CB  1 
ATOM   348  C  CG  . TYR A 1 51  ? 0.571   -7.326  11.164  1.00 54.34 ? 51  TYR A CG  1 
ATOM   349  C  CD1 . TYR A 1 51  ? 0.391   -6.342  12.130  1.00 54.06 ? 51  TYR A CD1 1 
ATOM   350  C  CD2 . TYR A 1 51  ? -0.556  -7.940  10.630  1.00 53.91 ? 51  TYR A CD2 1 
ATOM   351  C  CE1 . TYR A 1 51  ? -0.881  -5.970  12.545  1.00 53.89 ? 51  TYR A CE1 1 
ATOM   352  C  CE2 . TYR A 1 51  ? -1.831  -7.579  11.041  1.00 53.79 ? 51  TYR A CE2 1 
ATOM   353  C  CZ  . TYR A 1 51  ? -1.988  -6.591  11.997  1.00 53.00 ? 51  TYR A CZ  1 
ATOM   354  O  OH  . TYR A 1 51  ? -3.250  -6.208  12.386  1.00 54.26 ? 51  TYR A OH  1 
ATOM   355  N  N   . ARG A 1 52  ? 1.788   -9.316  13.653  1.00 65.24 ? 52  ARG A N   1 
ATOM   356  C  CA  . ARG A 1 52  ? 1.036   -10.273 14.454  1.00 67.25 ? 52  ARG A CA  1 
ATOM   357  C  C   . ARG A 1 52  ? -0.172  -9.522  15.003  1.00 68.03 ? 52  ARG A C   1 
ATOM   358  O  O   . ARG A 1 52  ? -0.056  -8.790  15.987  1.00 67.95 ? 52  ARG A O   1 
ATOM   359  C  CB  . ARG A 1 52  ? 1.903   -10.767 15.615  1.00 69.88 ? 52  ARG A CB  1 
ATOM   360  C  CG  . ARG A 1 52  ? 1.354   -11.961 16.386  1.00 71.56 ? 52  ARG A CG  1 
ATOM   361  C  CD  . ARG A 1 52  ? 2.271   -12.298 17.564  1.00 73.85 ? 52  ARG A CD  1 
ATOM   362  N  NE  . ARG A 1 52  ? 2.015   -13.621 18.132  1.00 75.95 ? 52  ARG A NE  1 
ATOM   363  C  CZ  . ARG A 1 52  ? 0.821   -14.052 18.531  1.00 77.45 ? 52  ARG A CZ  1 
ATOM   364  N  NH1 . ARG A 1 52  ? -0.246  -13.268 18.431  1.00 78.38 ? 52  ARG A NH1 1 
ATOM   365  N  NH2 . ARG A 1 52  ? 0.694   -15.273 19.035  1.00 77.79 ? 52  ARG A NH2 1 
ATOM   366  N  N   . PRO A 1 53  ? -1.350  -9.692  14.380  1.00 68.80 ? 53  PRO A N   1 
ATOM   367  C  CA  . PRO A 1 53  ? -2.554  -8.998  14.845  1.00 70.16 ? 53  PRO A CA  1 
ATOM   368  C  C   . PRO A 1 53  ? -2.909  -9.285  16.304  1.00 71.96 ? 53  PRO A C   1 
ATOM   369  O  O   . PRO A 1 53  ? -2.263  -10.094 16.970  1.00 72.34 ? 53  PRO A O   1 
ATOM   370  C  CB  . PRO A 1 53  ? -3.625  -9.482  13.874  1.00 69.17 ? 53  PRO A CB  1 
ATOM   371  C  CG  . PRO A 1 53  ? -3.175  -10.864 13.563  1.00 69.41 ? 53  PRO A CG  1 
ATOM   372  C  CD  . PRO A 1 53  ? -1.690  -10.688 13.353  1.00 69.33 ? 53  PRO A CD  1 
ATOM   373  N  N   . GLU A 1 54  ? -3.943  -8.613  16.792  1.00 74.16 ? 54  GLU A N   1 
ATOM   374  C  CA  . GLU A 1 54  ? -4.392  -8.769  18.170  1.00 76.04 ? 54  GLU A CA  1 
ATOM   375  C  C   . GLU A 1 54  ? -5.371  -9.912  18.378  1.00 76.28 ? 54  GLU A C   1 
ATOM   376  O  O   . GLU A 1 54  ? -5.369  -10.558 19.427  1.00 75.66 ? 54  GLU A O   1 
ATOM   377  C  CB  . GLU A 1 54  ? -5.040  -7.469  18.650  1.00 77.50 ? 54  GLU A CB  1 
ATOM   378  C  CG  . GLU A 1 54  ? -4.072  -6.519  19.314  1.00 79.40 ? 54  GLU A CG  1 
ATOM   379  C  CD  . GLU A 1 54  ? -3.565  -7.062  20.638  1.00 80.05 ? 54  GLU A CD  1 
ATOM   380  O  OE1 . GLU A 1 54  ? -3.849  -8.246  20.941  1.00 79.19 ? 54  GLU A OE1 1 
ATOM   381  O  OE2 . GLU A 1 54  ? -2.884  -6.305  21.367  1.00 80.24 ? 54  GLU A OE2 1 
ATOM   382  N  N   . GLU A 1 55  ? -6.206  -10.153 17.375  1.00 76.47 ? 55  GLU A N   1 
ATOM   383  C  CA  . GLU A 1 55  ? -7.219  -11.188 17.462  1.00 77.13 ? 55  GLU A CA  1 
ATOM   384  C  C   . GLU A 1 55  ? -7.325  -11.983 16.153  1.00 78.90 ? 55  GLU A C   1 
ATOM   385  O  O   . GLU A 1 55  ? -6.307  -12.253 15.520  1.00 79.88 ? 55  GLU A O   1 
ATOM   386  C  CB  . GLU A 1 55  ? -8.540  -10.522 17.824  1.00 74.45 ? 55  GLU A CB  1 
ATOM   387  C  CG  . GLU A 1 55  ? -8.514  -9.759  19.121  1.00 71.83 ? 55  GLU A CG  1 
ATOM   388  C  CD  . GLU A 1 55  ? -9.882  -9.246  19.496  1.00 69.63 ? 55  GLU A CD  1 
ATOM   389  O  OE1 . GLU A 1 55  ? -10.013 -8.662  20.586  1.00 69.06 ? 55  GLU A OE1 1 
ATOM   390  O  OE2 . GLU A 1 55  ? -10.827 -9.433  18.701  1.00 67.23 ? 55  GLU A OE2 1 
ATOM   391  N  N   . PRO A 1 56  ? -8.544  -12.386 15.733  1.00 80.80 ? 56  PRO A N   1 
ATOM   392  C  CA  . PRO A 1 56  ? -8.604  -13.140 14.476  1.00 81.00 ? 56  PRO A CA  1 
ATOM   393  C  C   . PRO A 1 56  ? -7.936  -12.435 13.307  1.00 80.44 ? 56  PRO A C   1 
ATOM   394  O  O   . PRO A 1 56  ? -7.225  -11.445 13.473  1.00 80.43 ? 56  PRO A O   1 
ATOM   395  C  CB  . PRO A 1 56  ? -10.104 -13.306 14.244  1.00 81.90 ? 56  PRO A CB  1 
ATOM   396  C  CG  . PRO A 1 56  ? -10.633 -13.445 15.628  1.00 82.37 ? 56  PRO A CG  1 
ATOM   397  C  CD  . PRO A 1 56  ? -9.879  -12.361 16.370  1.00 82.03 ? 56  PRO A CD  1 
ATOM   398  N  N   . LEU A 1 57  ? -8.195  -12.954 12.116  1.00 79.65 ? 57  LEU A N   1 
ATOM   399  C  CA  . LEU A 1 57  ? -7.629  -12.406 10.903  1.00 79.34 ? 57  LEU A CA  1 
ATOM   400  C  C   . LEU A 1 57  ? -8.686  -11.717 10.051  1.00 79.31 ? 57  LEU A C   1 
ATOM   401  O  O   . LEU A 1 57  ? -8.526  -10.558 9.685   1.00 80.20 ? 57  LEU A O   1 
ATOM   402  C  CB  . LEU A 1 57  ? -6.962  -13.527 10.100  1.00 79.93 ? 57  LEU A CB  1 
ATOM   403  C  CG  . LEU A 1 57  ? -5.556  -13.990 10.497  1.00 79.49 ? 57  LEU A CG  1 
ATOM   404  C  CD1 . LEU A 1 57  ? -5.426  -14.118 12.006  1.00 80.04 ? 57  LEU A CD1 1 
ATOM   405  C  CD2 . LEU A 1 57  ? -5.268  -15.313 9.809   1.00 79.87 ? 57  LEU A CD2 1 
ATOM   406  N  N   . ARG A 1 58  ? -9.757  -12.454 9.760   1.00 78.02 ? 58  ARG A N   1 
ATOM   407  C  CA  . ARG A 1 58  ? -10.893 -12.027 8.936   1.00 77.64 ? 58  ARG A CA  1 
ATOM   408  C  C   . ARG A 1 58  ? -10.593 -12.301 7.459   1.00 77.14 ? 58  ARG A C   1 
ATOM   409  O  O   . ARG A 1 58  ? -11.474 -12.223 6.604   1.00 78.02 ? 58  ARG A O   1 
ATOM   410  C  CB  . ARG A 1 58  ? -11.283 -10.554 9.188   1.00 79.51 ? 58  ARG A CB  1 
ATOM   411  C  CG  . ARG A 1 58  ? -10.483 -9.482  8.465   1.00 81.36 ? 58  ARG A CG  1 
ATOM   412  C  CD  . ARG A 1 58  ? -10.872 -8.073  8.941   1.00 83.42 ? 58  ARG A CD  1 
ATOM   413  N  NE  . ARG A 1 58  ? -12.132 -7.589  8.367   1.00 86.35 ? 58  ARG A NE  1 
ATOM   414  C  CZ  . ARG A 1 58  ? -13.280 -7.451  9.035   1.00 87.12 ? 58  ARG A CZ  1 
ATOM   415  N  NH1 . ARG A 1 58  ? -13.355 -7.762  10.324  1.00 87.33 ? 58  ARG A NH1 1 
ATOM   416  N  NH2 . ARG A 1 58  ? -14.357 -6.987  8.409   1.00 86.71 ? 58  ARG A NH2 1 
ATOM   417  N  N   . TRP A 1 59  ? -9.334  -12.634 7.183   1.00 75.03 ? 59  TRP A N   1 
ATOM   418  C  CA  . TRP A 1 59  ? -8.854  -13.011 5.852   1.00 73.21 ? 59  TRP A CA  1 
ATOM   419  C  C   . TRP A 1 59  ? -7.443  -13.560 6.012   1.00 73.99 ? 59  TRP A C   1 
ATOM   420  O  O   . TRP A 1 59  ? -6.753  -13.231 6.980   1.00 72.22 ? 59  TRP A O   1 
ATOM   421  C  CB  . TRP A 1 59  ? -8.888  -11.850 4.835   1.00 70.19 ? 59  TRP A CB  1 
ATOM   422  C  CG  . TRP A 1 59  ? -8.207  -10.563 5.213   1.00 68.25 ? 59  TRP A CG  1 
ATOM   423  C  CD1 . TRP A 1 59  ? -8.816  -9.370  5.477   1.00 66.80 ? 59  TRP A CD1 1 
ATOM   424  C  CD2 . TRP A 1 59  ? -6.795  -10.318 5.310   1.00 66.82 ? 59  TRP A CD2 1 
ATOM   425  N  NE1 . TRP A 1 59  ? -7.877  -8.401  5.728   1.00 66.07 ? 59  TRP A NE1 1 
ATOM   426  C  CE2 . TRP A 1 59  ? -6.629  -8.956  5.636   1.00 66.13 ? 59  TRP A CE2 1 
ATOM   427  C  CE3 . TRP A 1 59  ? -5.655  -11.119 5.157   1.00 65.75 ? 59  TRP A CE3 1 
ATOM   428  C  CZ2 . TRP A 1 59  ? -5.371  -8.374  5.812   1.00 65.89 ? 59  TRP A CZ2 1 
ATOM   429  C  CZ3 . TRP A 1 59  ? -4.407  -10.545 5.332   1.00 65.90 ? 59  TRP A CZ3 1 
ATOM   430  C  CH2 . TRP A 1 59  ? -4.274  -9.183  5.657   1.00 66.30 ? 59  TRP A CH2 1 
ATOM   431  N  N   . THR A 1 60  ? -7.016  -14.412 5.083   1.00 75.41 ? 60  THR A N   1 
ATOM   432  C  CA  . THR A 1 60  ? -5.689  -15.012 5.185   1.00 77.84 ? 60  THR A CA  1 
ATOM   433  C  C   . THR A 1 60  ? -4.752  -14.683 4.022   1.00 79.85 ? 60  THR A C   1 
ATOM   434  O  O   . THR A 1 60  ? -5.182  -14.185 2.980   1.00 80.01 ? 60  THR A O   1 
ATOM   435  C  CB  . THR A 1 60  ? -5.803  -16.558 5.355   1.00 77.44 ? 60  THR A CB  1 
ATOM   436  O  OG1 . THR A 1 60  ? -5.051  -16.964 6.506   1.00 76.90 ? 60  THR A OG1 1 
ATOM   437  C  CG2 . THR A 1 60  ? -5.279  -17.299 4.121   1.00 76.45 ? 60  THR A CG2 1 
ATOM   438  N  N   . LEU A 1 61  ? -3.467  -14.971 4.215   1.00 82.34 ? 61  LEU A N   1 
ATOM   439  C  CA  . LEU A 1 61  ? -2.452  -14.703 3.203   1.00 84.57 ? 61  LEU A CA  1 
ATOM   440  C  C   . LEU A 1 61  ? -1.578  -15.921 2.887   1.00 85.74 ? 61  LEU A C   1 
ATOM   441  O  O   . LEU A 1 61  ? -0.835  -16.406 3.744   1.00 85.41 ? 61  LEU A O   1 
ATOM   442  C  CB  . LEU A 1 61  ? -1.558  -13.548 3.667   1.00 85.06 ? 61  LEU A CB  1 
ATOM   443  C  CG  . LEU A 1 61  ? -0.443  -13.093 2.724   1.00 85.21 ? 61  LEU A CG  1 
ATOM   444  C  CD1 . LEU A 1 61  ? -1.054  -12.552 1.437   1.00 85.44 ? 61  LEU A CD1 1 
ATOM   445  C  CD2 . LEU A 1 61  ? 0.400   -12.025 3.406   1.00 85.46 ? 61  LEU A CD2 1 
ATOM   446  N  N   . PRO A 1 62  ? -1.666  -16.435 1.649   1.00 86.47 ? 62  PRO A N   1 
ATOM   447  C  CA  . PRO A 1 62  ? -0.876  -17.596 1.220   1.00 86.94 ? 62  PRO A CA  1 
ATOM   448  C  C   . PRO A 1 62  ? 0.608   -17.243 1.050   1.00 87.69 ? 62  PRO A C   1 
ATOM   449  O  O   . PRO A 1 62  ? 0.945   -16.320 0.309   1.00 87.41 ? 62  PRO A O   1 
ATOM   450  C  CB  . PRO A 1 62  ? -1.520  -17.978 -0.114  1.00 86.86 ? 62  PRO A CB  1 
ATOM   451  C  CG  . PRO A 1 62  ? -2.931  -17.494 0.032   1.00 87.37 ? 62  PRO A CG  1 
ATOM   452  C  CD  . PRO A 1 62  ? -2.729  -16.148 0.671   1.00 86.72 ? 62  PRO A CD  1 
ATOM   453  N  N   . ARG A 1 63  ? 1.484   -17.974 1.740   1.00 88.65 ? 63  ARG A N   1 
ATOM   454  C  CA  . ARG A 1 63  ? 2.933   -17.760 1.659   1.00 89.87 ? 63  ARG A CA  1 
ATOM   455  C  C   . ARG A 1 63  ? 3.372   -17.982 0.212   1.00 90.26 ? 63  ARG A C   1 
ATOM   456  O  O   . ARG A 1 63  ? 2.925   -18.932 -0.436  1.00 89.74 ? 63  ARG A O   1 
ATOM   457  C  CB  . ARG A 1 63  ? 3.651   -18.761 2.568   1.00 91.40 ? 63  ARG A CB  1 
ATOM   458  C  CG  . ARG A 1 63  ? 4.457   -18.154 3.708   1.00 94.31 ? 63  ARG A CG  1 
ATOM   459  C  CD  . ARG A 1 63  ? 5.784   -17.575 3.233   1.00 96.34 ? 63  ARG A CD  1 
ATOM   460  N  NE  . ARG A 1 63  ? 6.766   -17.563 4.317   1.00 98.23 ? 63  ARG A NE  1 
ATOM   461  C  CZ  . ARG A 1 63  ? 8.045   -17.219 4.181   1.00 98.79 ? 63  ARG A CZ  1 
ATOM   462  N  NH1 . ARG A 1 63  ? 8.520   -16.847 2.998   1.00 98.53 ? 63  ARG A NH1 1 
ATOM   463  N  NH2 . ARG A 1 63  ? 8.853   -17.253 5.233   1.00 98.75 ? 63  ARG A NH2 1 
ATOM   464  N  N   . ALA A 1 64  ? 4.239   -17.111 -0.299  1.00 90.49 ? 64  ALA A N   1 
ATOM   465  C  CA  . ALA A 1 64  ? 4.695   -17.252 -1.680  1.00 90.22 ? 64  ALA A CA  1 
ATOM   466  C  C   . ALA A 1 64  ? 5.914   -16.415 -2.065  1.00 89.93 ? 64  ALA A C   1 
ATOM   467  O  O   . ALA A 1 64  ? 6.571   -15.807 -1.217  1.00 90.01 ? 64  ALA A O   1 
ATOM   468  C  CB  . ALA A 1 64  ? 3.540   -16.947 -2.636  1.00 89.99 ? 64  ALA A CB  1 
ATOM   469  N  N   . PHE A 1 65  ? 6.205   -16.406 -3.363  1.00 89.89 ? 65  PHE A N   1 
ATOM   470  C  CA  . PHE A 1 65  ? 7.331   -15.667 -3.923  1.00 89.47 ? 65  PHE A CA  1 
ATOM   471  C  C   . PHE A 1 65  ? 6.817   -14.418 -4.630  1.00 87.77 ? 65  PHE A C   1 
ATOM   472  O  O   . PHE A 1 65  ? 5.751   -14.442 -5.248  1.00 87.39 ? 65  PHE A O   1 
ATOM   473  C  CB  . PHE A 1 65  ? 8.076   -16.531 -4.944  1.00 91.13 ? 65  PHE A CB  1 
ATOM   474  C  CG  . PHE A 1 65  ? 8.690   -17.767 -4.366  1.00 92.71 ? 65  PHE A CG  1 
ATOM   475  C  CD1 . PHE A 1 65  ? 10.019  -17.769 -3.941  1.00 93.83 ? 65  PHE A CD1 1 
ATOM   476  C  CD2 . PHE A 1 65  ? 7.940   -18.934 -4.244  1.00 93.24 ? 65  PHE A CD2 1 
ATOM   477  C  CE1 . PHE A 1 65  ? 10.592  -18.919 -3.405  1.00 94.31 ? 65  PHE A CE1 1 
ATOM   478  C  CE2 . PHE A 1 65  ? 8.498   -20.087 -3.710  1.00 93.08 ? 65  PHE A CE2 1 
ATOM   479  C  CZ  . PHE A 1 65  ? 9.827   -20.083 -3.290  1.00 94.41 ? 65  PHE A CZ  1 
ATOM   480  N  N   . PRO A 1 66  ? 7.565   -13.306 -4.544  1.00 86.42 ? 66  PRO A N   1 
ATOM   481  C  CA  . PRO A 1 66  ? 7.122   -12.078 -5.212  1.00 85.01 ? 66  PRO A CA  1 
ATOM   482  C  C   . PRO A 1 66  ? 7.220   -12.204 -6.736  1.00 83.22 ? 66  PRO A C   1 
ATOM   483  O  O   . PRO A 1 66  ? 8.264   -12.590 -7.269  1.00 83.57 ? 66  PRO A O   1 
ATOM   484  C  CB  . PRO A 1 66  ? 8.079   -11.016 -4.661  1.00 85.11 ? 66  PRO A CB  1 
ATOM   485  C  CG  . PRO A 1 66  ? 8.439   -11.545 -3.305  1.00 85.68 ? 66  PRO A CG  1 
ATOM   486  C  CD  . PRO A 1 66  ? 8.650   -13.018 -3.590  1.00 85.92 ? 66  PRO A CD  1 
ATOM   487  N  N   . THR A 1 67  ? 6.131   -11.896 -7.435  1.00 80.39 ? 67  THR A N   1 
ATOM   488  C  CA  . THR A 1 67  ? 6.123   -11.950 -8.895  1.00 77.13 ? 67  THR A CA  1 
ATOM   489  C  C   . THR A 1 67  ? 6.648   -10.613 -9.423  1.00 75.28 ? 67  THR A C   1 
ATOM   490  O  O   . THR A 1 67  ? 6.653   -9.614  -8.701  1.00 75.43 ? 67  THR A O   1 
ATOM   491  C  CB  . THR A 1 67  ? 4.695   -12.205 -9.425  1.00 77.24 ? 67  THR A CB  1 
ATOM   492  O  OG1 . THR A 1 67  ? 4.308   -13.548 -9.114  1.00 77.32 ? 67  THR A OG1 1 
ATOM   493  C  CG2 . THR A 1 67  ? 4.628   -12.014 -10.930 1.00 78.80 ? 67  THR A CG2 1 
ATOM   494  N  N   . VAL A 1 68  ? 7.101   -10.586 -10.672 1.00 71.11 ? 68  VAL A N   1 
ATOM   495  C  CA  . VAL A 1 68  ? 7.618   -9.347  -11.235 1.00 67.26 ? 68  VAL A CA  1 
ATOM   496  C  C   . VAL A 1 68  ? 6.602   -8.219  -11.117 1.00 65.03 ? 68  VAL A C   1 
ATOM   497  O  O   . VAL A 1 68  ? 6.949   -7.048  -11.291 1.00 64.16 ? 68  VAL A O   1 
ATOM   498  C  CB  . VAL A 1 68  ? 8.006   -9.508  -12.718 1.00 66.30 ? 68  VAL A CB  1 
ATOM   499  C  CG1 . VAL A 1 68  ? 9.237   -10.377 -12.834 1.00 65.37 ? 68  VAL A CG1 1 
ATOM   500  C  CG2 . VAL A 1 68  ? 6.855   -10.114 -13.492 1.00 66.03 ? 68  VAL A CG2 1 
ATOM   501  N  N   . GLU A 1 69  ? 5.353   -8.569  -10.811 1.00 62.18 ? 69  GLU A N   1 
ATOM   502  C  CA  . GLU A 1 69  ? 4.305   -7.564  -10.682 1.00 60.24 ? 69  GLU A CA  1 
ATOM   503  C  C   . GLU A 1 69  ? 3.551   -7.533  -9.348  1.00 58.62 ? 69  GLU A C   1 
ATOM   504  O  O   . GLU A 1 69  ? 2.905   -6.536  -9.031  1.00 57.63 ? 69  GLU A O   1 
ATOM   505  C  CB  . GLU A 1 69  ? 3.308   -7.691  -11.843 1.00 60.59 ? 69  GLU A CB  1 
ATOM   506  C  CG  . GLU A 1 69  ? 2.482   -8.965  -11.882 1.00 61.29 ? 69  GLU A CG  1 
ATOM   507  C  CD  . GLU A 1 69  ? 1.452   -8.952  -13.009 1.00 61.48 ? 69  GLU A CD  1 
ATOM   508  O  OE1 . GLU A 1 69  ? 0.649   -9.900  -13.101 1.00 59.73 ? 69  GLU A OE1 1 
ATOM   509  O  OE2 . GLU A 1 69  ? 1.443   -7.991  -13.808 1.00 61.73 ? 69  GLU A OE2 1 
ATOM   510  N  N   . CYS A 1 70  ? 3.627   -8.606  -8.563  1.00 55.87 ? 70  CYS A N   1 
ATOM   511  C  CA  . CYS A 1 70  ? 2.928   -8.624  -7.281  1.00 53.26 ? 70  CYS A CA  1 
ATOM   512  C  C   . CYS A 1 70  ? 3.885   -8.774  -6.105  1.00 52.35 ? 70  CYS A C   1 
ATOM   513  O  O   . CYS A 1 70  ? 4.389   -9.865  -5.838  1.00 53.63 ? 70  CYS A O   1 
ATOM   514  C  CB  . CYS A 1 70  ? 1.890   -9.755  -7.250  1.00 53.08 ? 70  CYS A CB  1 
ATOM   515  S  SG  . CYS A 1 70  ? 0.951   -9.893  -5.686  1.00 54.30 ? 70  CYS A SG  1 
ATOM   516  N  N   . SER A 1 71  ? 4.131   -7.678  -5.396  1.00 50.60 ? 71  SER A N   1 
ATOM   517  C  CA  . SER A 1 71  ? 5.031   -7.715  -4.249  1.00 49.60 ? 71  SER A CA  1 
ATOM   518  C  C   . SER A 1 71  ? 4.650   -6.689  -3.185  1.00 49.12 ? 71  SER A C   1 
ATOM   519  O  O   . SER A 1 71  ? 4.508   -5.506  -3.478  1.00 49.98 ? 71  SER A O   1 
ATOM   520  C  CB  . SER A 1 71  ? 6.468   -7.467  -4.705  1.00 47.57 ? 71  SER A CB  1 
ATOM   521  O  OG  . SER A 1 71  ? 7.369   -7.628  -3.626  1.00 46.13 ? 71  SER A OG  1 
ATOM   522  N  N   . PRO A 1 72  ? 4.480   -7.129  -1.929  1.00 50.25 ? 72  PRO A N   1 
ATOM   523  C  CA  . PRO A 1 72  ? 4.601   -8.490  -1.380  1.00 50.86 ? 72  PRO A CA  1 
ATOM   524  C  C   . PRO A 1 72  ? 3.644   -9.471  -2.056  1.00 52.29 ? 72  PRO A C   1 
ATOM   525  O  O   . PRO A 1 72  ? 2.486   -9.137  -2.300  1.00 51.90 ? 72  PRO A O   1 
ATOM   526  C  CB  . PRO A 1 72  ? 4.255   -8.297  0.093   1.00 50.02 ? 72  PRO A CB  1 
ATOM   527  C  CG  . PRO A 1 72  ? 4.724   -6.900  0.365   1.00 49.87 ? 72  PRO A CG  1 
ATOM   528  C  CD  . PRO A 1 72  ? 4.248   -6.153  -0.851  1.00 50.44 ? 72  PRO A CD  1 
ATOM   529  N  N   . ALA A 1 73  ? 4.120   -10.677 -2.356  1.00 53.67 ? 73  ALA A N   1 
ATOM   530  C  CA  . ALA A 1 73  ? 3.271   -11.676 -3.009  1.00 54.26 ? 73  ALA A CA  1 
ATOM   531  C  C   . ALA A 1 73  ? 1.951   -11.901 -2.258  1.00 54.64 ? 73  ALA A C   1 
ATOM   532  O  O   . ALA A 1 73  ? 1.950   -12.278 -1.081  1.00 54.33 ? 73  ALA A O   1 
ATOM   533  C  CB  . ALA A 1 73  ? 4.020   -12.992 -3.132  1.00 55.08 ? 73  ALA A CB  1 
ATOM   534  N  N   . GLY A 1 74  ? 0.833   -11.662 -2.937  1.00 53.37 ? 74  GLY A N   1 
ATOM   535  C  CA  . GLY A 1 74  ? -0.465  -11.867 -2.315  1.00 53.59 ? 74  GLY A CA  1 
ATOM   536  C  C   . GLY A 1 74  ? -1.154  -10.644 -1.728  1.00 54.00 ? 74  GLY A C   1 
ATOM   537  O  O   . GLY A 1 74  ? -2.382  -10.574 -1.689  1.00 55.29 ? 74  GLY A O   1 
ATOM   538  N  N   . ALA A 1 75  ? -0.372  -9.682  -1.255  1.00 52.30 ? 75  ALA A N   1 
ATOM   539  C  CA  . ALA A 1 75  ? -0.939  -8.469  -0.679  1.00 50.13 ? 75  ALA A CA  1 
ATOM   540  C  C   . ALA A 1 75  ? -0.108  -7.270  -1.117  1.00 47.91 ? 75  ALA A C   1 
ATOM   541  O  O   . ALA A 1 75  ? 0.472   -6.567  -0.288  1.00 47.09 ? 75  ALA A O   1 
ATOM   542  C  CB  . ALA A 1 75  ? -0.961  -8.574  0.846   1.00 51.56 ? 75  ALA A CB  1 
ATOM   543  N  N   . CYS A 1 76  ? -0.055  -7.042  -2.424  1.00 44.47 ? 76  CYS A N   1 
ATOM   544  C  CA  . CYS A 1 76  ? 0.728   -5.943  -2.953  1.00 43.48 ? 76  CYS A CA  1 
ATOM   545  C  C   . CYS A 1 76  ? 0.195   -4.574  -2.513  1.00 44.21 ? 76  CYS A C   1 
ATOM   546  O  O   . CYS A 1 76  ? 0.879   -3.562  -2.670  1.00 43.36 ? 76  CYS A O   1 
ATOM   547  C  CB  . CYS A 1 76  ? 0.821   -6.040  -4.486  1.00 41.60 ? 76  CYS A CB  1 
ATOM   548  S  SG  . CYS A 1 76  ? -0.726  -5.953  -5.436  1.00 40.72 ? 76  CYS A SG  1 
ATOM   549  N  N   . TRP A 1 77  ? -1.016  -4.547  -1.954  1.00 42.27 ? 77  TRP A N   1 
ATOM   550  C  CA  . TRP A 1 77  ? -1.603  -3.298  -1.477  1.00 42.65 ? 77  TRP A CA  1 
ATOM   551  C  C   . TRP A 1 77  ? -0.820  -2.752  -0.288  1.00 41.73 ? 77  TRP A C   1 
ATOM   552  O  O   . TRP A 1 77  ? -0.945  -1.579  0.054   1.00 43.33 ? 77  TRP A O   1 
ATOM   553  C  CB  . TRP A 1 77  ? -3.068  -3.485  -1.068  1.00 43.93 ? 77  TRP A CB  1 
ATOM   554  C  CG  . TRP A 1 77  ? -3.322  -4.718  -0.259  1.00 46.92 ? 77  TRP A CG  1 
ATOM   555  C  CD1 . TRP A 1 77  ? -3.702  -5.940  -0.735  1.00 47.61 ? 77  TRP A CD1 1 
ATOM   556  C  CD2 . TRP A 1 77  ? -3.190  -4.863  1.160   1.00 47.02 ? 77  TRP A CD2 1 
ATOM   557  N  NE1 . TRP A 1 77  ? -3.815  -6.837  0.296   1.00 48.92 ? 77  TRP A NE1 1 
ATOM   558  C  CE2 . TRP A 1 77  ? -3.510  -6.202  1.474   1.00 49.36 ? 77  TRP A CE2 1 
ATOM   559  C  CE3 . TRP A 1 77  ? -2.832  -3.991  2.200   1.00 49.24 ? 77  TRP A CE3 1 
ATOM   560  C  CZ2 . TRP A 1 77  ? -3.488  -6.696  2.788   1.00 48.74 ? 77  TRP A CZ2 1 
ATOM   561  C  CZ3 . TRP A 1 77  ? -2.808  -4.482  3.511   1.00 50.11 ? 77  TRP A CZ3 1 
ATOM   562  C  CH2 . TRP A 1 77  ? -3.136  -5.822  3.788   1.00 50.11 ? 77  TRP A CH2 1 
ATOM   563  N  N   . LEU A 1 78  ? -0.018  -3.605  0.343   1.00 42.10 ? 78  LEU A N   1 
ATOM   564  C  CA  . LEU A 1 78  ? 0.796   -3.187  1.483   1.00 42.06 ? 78  LEU A CA  1 
ATOM   565  C  C   . LEU A 1 78  ? 1.787   -2.138  1.000   1.00 43.95 ? 78  LEU A C   1 
ATOM   566  O  O   . LEU A 1 78  ? 2.318   -1.337  1.782   1.00 45.40 ? 78  LEU A O   1 
ATOM   567  C  CB  . LEU A 1 78  ? 1.558   -4.378  2.075   1.00 39.23 ? 78  LEU A CB  1 
ATOM   568  C  CG  . LEU A 1 78  ? 0.798   -5.300  3.029   1.00 37.15 ? 78  LEU A CG  1 
ATOM   569  C  CD1 . LEU A 1 78  ? 1.669   -6.477  3.409   1.00 34.22 ? 78  LEU A CD1 1 
ATOM   570  C  CD2 . LEU A 1 78  ? 0.400   -4.525  4.265   1.00 36.34 ? 78  LEU A CD2 1 
ATOM   571  N  N   . SER A 1 79  ? 2.017   -2.159  -0.307  1.00 43.07 ? 79  SER A N   1 
ATOM   572  C  CA  . SER A 1 79  ? 2.927   -1.242  -0.969  1.00 41.54 ? 79  SER A CA  1 
ATOM   573  C  C   . SER A 1 79  ? 2.254   0.088   -1.341  1.00 40.52 ? 79  SER A C   1 
ATOM   574  O  O   . SER A 1 79  ? 2.932   1.065   -1.638  1.00 40.66 ? 79  SER A O   1 
ATOM   575  C  CB  . SER A 1 79  ? 3.484   -1.936  -2.215  1.00 43.03 ? 79  SER A CB  1 
ATOM   576  O  OG  . SER A 1 79  ? 4.218   -1.049  -3.026  1.00 50.02 ? 79  SER A OG  1 
ATOM   577  N  N   . ALA A 1 80  ? 0.923   0.135   -1.316  1.00 39.18 ? 80  ALA A N   1 
ATOM   578  C  CA  . ALA A 1 80  ? 0.203   1.356   -1.667  1.00 37.19 ? 80  ALA A CA  1 
ATOM   579  C  C   . ALA A 1 80  ? -0.163  2.225   -0.462  1.00 37.52 ? 80  ALA A C   1 
ATOM   580  O  O   . ALA A 1 80  ? -0.545  3.391   -0.623  1.00 35.28 ? 80  ALA A O   1 
ATOM   581  C  CB  . ALA A 1 80  ? -1.048  1.011   -2.454  1.00 36.94 ? 80  ALA A CB  1 
ATOM   582  N  N   . ILE A 1 81  ? -0.023  1.669   0.740   1.00 36.12 ? 81  ILE A N   1 
ATOM   583  C  CA  . ILE A 1 81  ? -0.358  2.397   1.961   1.00 36.99 ? 81  ILE A CA  1 
ATOM   584  C  C   . ILE A 1 81  ? 0.364   3.745   2.137   1.00 37.61 ? 81  ILE A C   1 
ATOM   585  O  O   . ILE A 1 81  ? -0.285  4.779   2.333   1.00 36.85 ? 81  ILE A O   1 
ATOM   586  C  CB  . ILE A 1 81  ? -0.132  1.512   3.215   1.00 35.46 ? 81  ILE A CB  1 
ATOM   587  C  CG1 . ILE A 1 81  ? -0.962  0.228   3.090   1.00 37.25 ? 81  ILE A CG1 1 
ATOM   588  C  CG2 . ILE A 1 81  ? -0.543  2.269   4.470   1.00 32.76 ? 81  ILE A CG2 1 
ATOM   589  C  CD1 . ILE A 1 81  ? -1.033  -0.597  4.337   1.00 36.73 ? 81  ILE A CD1 1 
ATOM   590  N  N   . PHE A 1 82  ? 1.691   3.742   2.055   1.00 36.62 ? 82  PHE A N   1 
ATOM   591  C  CA  . PHE A 1 82  ? 2.453   4.973   2.208   1.00 36.94 ? 82  PHE A CA  1 
ATOM   592  C  C   . PHE A 1 82  ? 2.179   6.031   1.126   1.00 36.52 ? 82  PHE A C   1 
ATOM   593  O  O   . PHE A 1 82  ? 1.911   7.188   1.449   1.00 40.16 ? 82  PHE A O   1 
ATOM   594  C  CB  . PHE A 1 82  ? 3.959   4.680   2.263   1.00 38.03 ? 82  PHE A CB  1 
ATOM   595  C  CG  . PHE A 1 82  ? 4.798   5.910   2.410   1.00 37.46 ? 82  PHE A CG  1 
ATOM   596  C  CD1 . PHE A 1 82  ? 4.804   6.625   3.603   1.00 37.97 ? 82  PHE A CD1 1 
ATOM   597  C  CD2 . PHE A 1 82  ? 5.519   6.406   1.331   1.00 37.53 ? 82  PHE A CD2 1 
ATOM   598  C  CE1 . PHE A 1 82  ? 5.509   7.824   3.720   1.00 35.92 ? 82  PHE A CE1 1 
ATOM   599  C  CE2 . PHE A 1 82  ? 6.226   7.602   1.439   1.00 36.87 ? 82  PHE A CE2 1 
ATOM   600  C  CZ  . PHE A 1 82  ? 6.217   8.312   2.639   1.00 37.06 ? 82  PHE A CZ  1 
ATOM   601  N  N   . PRO A 1 83  ? 2.261   5.664   -0.170  1.00 36.07 ? 83  PRO A N   1 
ATOM   602  C  CA  . PRO A 1 83  ? 2.003   6.653   -1.225  1.00 34.80 ? 83  PRO A CA  1 
ATOM   603  C  C   . PRO A 1 83  ? 0.628   7.322   -1.130  1.00 35.35 ? 83  PRO A C   1 
ATOM   604  O  O   . PRO A 1 83  ? 0.506   8.535   -1.317  1.00 34.88 ? 83  PRO A O   1 
ATOM   605  C  CB  . PRO A 1 83  ? 2.156   5.839   -2.504  1.00 31.83 ? 83  PRO A CB  1 
ATOM   606  C  CG  . PRO A 1 83  ? 3.180   4.847   -2.125  1.00 32.68 ? 83  PRO A CG  1 
ATOM   607  C  CD  . PRO A 1 83  ? 2.734   4.400   -0.758  1.00 32.72 ? 83  PRO A CD  1 
ATOM   608  N  N   . ILE A 1 84  ? -0.406  6.532   -0.851  1.00 37.11 ? 84  ILE A N   1 
ATOM   609  C  CA  . ILE A 1 84  ? -1.755  7.088   -0.729  1.00 38.64 ? 84  ILE A CA  1 
ATOM   610  C  C   . ILE A 1 84  ? -1.830  8.037   0.468   1.00 38.85 ? 84  ILE A C   1 
ATOM   611  O  O   . ILE A 1 84  ? -2.454  9.089   0.395   1.00 39.48 ? 84  ILE A O   1 
ATOM   612  C  CB  . ILE A 1 84  ? -2.826  5.977   -0.567  1.00 37.26 ? 84  ILE A CB  1 
ATOM   613  C  CG1 . ILE A 1 84  ? -2.959  5.185   -1.870  1.00 34.06 ? 84  ILE A CG1 1 
ATOM   614  C  CG2 . ILE A 1 84  ? -4.154  6.593   -0.178  1.00 34.01 ? 84  ILE A CG2 1 
ATOM   615  C  CD1 . ILE A 1 84  ? -3.768  3.914   -1.744  1.00 33.54 ? 84  ILE A CD1 1 
ATOM   616  N  N   . ALA A 1 85  ? -1.186  7.668   1.565   1.00 38.69 ? 85  ALA A N   1 
ATOM   617  C  CA  . ALA A 1 85  ? -1.194  8.521   2.740   1.00 40.34 ? 85  ALA A CA  1 
ATOM   618  C  C   . ALA A 1 85  ? -0.398  9.809   2.513   1.00 40.65 ? 85  ALA A C   1 
ATOM   619  O  O   . ALA A 1 85  ? -0.847  10.887  2.902   1.00 40.75 ? 85  ALA A O   1 
ATOM   620  C  CB  . ALA A 1 85  ? -0.643  7.766   3.942   1.00 40.85 ? 85  ALA A CB  1 
ATOM   621  N  N   . ARG A 1 86  ? 0.772   9.716   1.885   1.00 39.74 ? 86  ARG A N   1 
ATOM   622  C  CA  . ARG A 1 86  ? 1.568   10.920  1.664   1.00 42.45 ? 86  ARG A CA  1 
ATOM   623  C  C   . ARG A 1 86  ? 0.932   11.920  0.717   1.00 42.17 ? 86  ARG A C   1 
ATOM   624  O  O   . ARG A 1 86  ? 0.964   13.121  0.970   1.00 42.96 ? 86  ARG A O   1 
ATOM   625  C  CB  . ARG A 1 86  ? 2.959   10.607  1.122   1.00 44.41 ? 86  ARG A CB  1 
ATOM   626  C  CG  . ARG A 1 86  ? 3.889   11.815  1.246   1.00 47.45 ? 86  ARG A CG  1 
ATOM   627  C  CD  . ARG A 1 86  ? 4.504   11.838  2.639   1.00 53.36 ? 86  ARG A CD  1 
ATOM   628  N  NE  . ARG A 1 86  ? 4.524   13.137  3.321   1.00 56.29 ? 86  ARG A NE  1 
ATOM   629  C  CZ  . ARG A 1 86  ? 3.451   13.879  3.576   1.00 56.05 ? 86  ARG A CZ  1 
ATOM   630  N  NH1 . ARG A 1 86  ? 2.249   13.477  3.190   1.00 56.94 ? 86  ARG A NH1 1 
ATOM   631  N  NH2 . ARG A 1 86  ? 3.570   15.001  4.271   1.00 54.72 ? 86  ARG A NH2 1 
ATOM   632  N  N   . MET A 1 87  ? 0.374   11.425  -0.383  1.00 41.99 ? 87  MET A N   1 
ATOM   633  C  CA  . MET A 1 87  ? -0.257  12.284  -1.376  1.00 41.64 ? 87  MET A CA  1 
ATOM   634  C  C   . MET A 1 87  ? -1.595  12.811  -0.894  1.00 42.25 ? 87  MET A C   1 
ATOM   635  O  O   . MET A 1 87  ? -2.149  13.742  -1.463  1.00 43.08 ? 87  MET A O   1 
ATOM   636  C  CB  . MET A 1 87  ? -0.463  11.512  -2.678  1.00 39.59 ? 87  MET A CB  1 
ATOM   637  C  CG  . MET A 1 87  ? 0.768   10.762  -3.155  1.00 40.08 ? 87  MET A CG  1 
ATOM   638  S  SD  . MET A 1 87  ? 0.602   10.057  -4.808  1.00 40.05 ? 87  MET A SD  1 
ATOM   639  C  CE  . MET A 1 87  ? -0.288  8.565   -4.477  1.00 37.89 ? 87  MET A CE  1 
ATOM   640  N  N   . THR A 1 88  ? -2.099  12.223  0.180   1.00 45.20 ? 88  THR A N   1 
ATOM   641  C  CA  . THR A 1 88  ? -3.401  12.586  0.719   1.00 47.19 ? 88  THR A CA  1 
ATOM   642  C  C   . THR A 1 88  ? -3.367  13.383  2.041   1.00 48.31 ? 88  THR A C   1 
ATOM   643  O  O   . THR A 1 88  ? -4.405  13.646  2.648   1.00 47.59 ? 88  THR A O   1 
ATOM   644  C  CB  . THR A 1 88  ? -4.268  11.284  0.833   1.00 46.59 ? 88  THR A CB  1 
ATOM   645  O  OG1 . THR A 1 88  ? -4.803  10.950  -0.454  1.00 47.89 ? 88  THR A OG1 1 
ATOM   646  C  CG2 . THR A 1 88  ? -5.390  11.451  1.762   1.00 50.06 ? 88  THR A CG2 1 
ATOM   647  N  N   . SER A 1 89  ? -2.178  13.796  2.471   1.00 48.50 ? 89  SER A N   1 
ATOM   648  C  CA  . SER A 1 89  ? -2.050  14.568  3.707   1.00 49.07 ? 89  SER A CA  1 
ATOM   649  C  C   . SER A 1 89  ? -1.009  15.676  3.588   1.00 50.86 ? 89  SER A C   1 
ATOM   650  O  O   . SER A 1 89  ? -0.305  15.777  2.586   1.00 49.98 ? 89  SER A O   1 
ATOM   651  C  CB  . SER A 1 89  ? -1.666  13.651  4.868   1.00 48.85 ? 89  SER A CB  1 
ATOM   652  O  OG  . SER A 1 89  ? -0.428  13.005  4.614   1.00 48.17 ? 89  SER A OG  1 
ATOM   653  N  N   . GLY A 1 90  ? -0.920  16.506  4.624   1.00 53.56 ? 90  GLY A N   1 
ATOM   654  C  CA  . GLY A 1 90  ? 0.049   17.588  4.643   1.00 55.47 ? 90  GLY A CA  1 
ATOM   655  C  C   . GLY A 1 90  ? 1.143   17.288  5.651   1.00 58.53 ? 90  GLY A C   1 
ATOM   656  O  O   . GLY A 1 90  ? 1.285   16.145  6.088   1.00 58.03 ? 90  GLY A O   1 
ATOM   657  N  N   . ASN A 1 91  ? 1.915   18.305  6.029   1.00 61.62 ? 91  ASN A N   1 
ATOM   658  C  CA  . ASN A 1 91  ? 3.000   18.127  6.994   1.00 64.44 ? 91  ASN A CA  1 
ATOM   659  C  C   . ASN A 1 91  ? 2.493   17.815  8.398   1.00 65.37 ? 91  ASN A C   1 
ATOM   660  O  O   . ASN A 1 91  ? 2.901   16.821  9.004   1.00 66.54 ? 91  ASN A O   1 
ATOM   661  C  CB  . ASN A 1 91  ? 3.894   19.370  7.028   1.00 66.37 ? 91  ASN A CB  1 
ATOM   662  C  CG  . ASN A 1 91  ? 5.042   19.292  6.032   1.00 69.69 ? 91  ASN A CG  1 
ATOM   663  O  OD1 . ASN A 1 91  ? 4.845   18.995  4.855   1.00 69.20 ? 91  ASN A OD1 1 
ATOM   664  N  ND2 . ASN A 1 91  ? 6.252   19.567  6.505   1.00 72.72 ? 91  ASN A ND2 1 
ATOM   665  N  N   . LEU A 1 92  ? 1.612   18.663  8.915   1.00 66.22 ? 92  LEU A N   1 
ATOM   666  C  CA  . LEU A 1 92  ? 1.051   18.458  10.250  1.00 67.47 ? 92  LEU A CA  1 
ATOM   667  C  C   . LEU A 1 92  ? -0.301  17.791  10.050  1.00 66.22 ? 92  LEU A C   1 
ATOM   668  O  O   . LEU A 1 92  ? -1.338  18.425  10.232  1.00 67.69 ? 92  LEU A O   1 
ATOM   669  C  CB  . LEU A 1 92  ? 0.866   19.803  10.971  1.00 70.21 ? 92  LEU A CB  1 
ATOM   670  C  CG  . LEU A 1 92  ? 2.035   20.797  11.091  1.00 71.62 ? 92  LEU A CG  1 
ATOM   671  C  CD1 . LEU A 1 92  ? 3.298   20.070  11.562  1.00 72.00 ? 92  LEU A CD1 1 
ATOM   672  C  CD2 . LEU A 1 92  ? 2.282   21.477  9.747   1.00 72.13 ? 92  LEU A CD2 1 
ATOM   673  N  N   . ASN A 1 93  ? -0.284  16.512  9.682   1.00 63.66 ? 93  ASN A N   1 
ATOM   674  C  CA  . ASN A 1 93  ? -1.514  15.776  9.404   1.00 59.71 ? 93  ASN A CA  1 
ATOM   675  C  C   . ASN A 1 93  ? -1.197  14.334  8.992   1.00 57.12 ? 93  ASN A C   1 
ATOM   676  O  O   . ASN A 1 93  ? -2.046  13.445  9.092   1.00 55.61 ? 93  ASN A O   1 
ATOM   677  C  CB  . ASN A 1 93  ? -2.258  16.492  8.263   1.00 61.06 ? 93  ASN A CB  1 
ATOM   678  C  CG  . ASN A 1 93  ? -3.636  15.917  7.990   1.00 62.69 ? 93  ASN A CG  1 
ATOM   679  O  OD1 . ASN A 1 93  ? -4.383  15.595  8.917   1.00 61.49 ? 93  ASN A OD1 1 
ATOM   680  N  ND2 . ASN A 1 93  ? -3.991  15.810  6.708   1.00 61.27 ? 93  ASN A ND2 1 
ATOM   681  N  N   . PHE A 1 94  ? 0.038   14.111  8.544   1.00 54.18 ? 94  PHE A N   1 
ATOM   682  C  CA  . PHE A 1 94  ? 0.486   12.799  8.075   1.00 51.52 ? 94  PHE A CA  1 
ATOM   683  C  C   . PHE A 1 94  ? 0.276   11.566  8.959   1.00 50.38 ? 94  PHE A C   1 
ATOM   684  O  O   . PHE A 1 94  ? -0.225  10.553  8.477   1.00 48.56 ? 94  PHE A O   1 
ATOM   685  C  CB  . PHE A 1 94  ? 1.965   12.843  7.683   1.00 48.88 ? 94  PHE A CB  1 
ATOM   686  C  CG  . PHE A 1 94  ? 2.472   11.540  7.139   1.00 45.43 ? 94  PHE A CG  1 
ATOM   687  C  CD1 . PHE A 1 94  ? 2.204   11.174  5.825   1.00 43.15 ? 94  PHE A CD1 1 
ATOM   688  C  CD2 . PHE A 1 94  ? 3.161   10.648  7.958   1.00 44.65 ? 94  PHE A CD2 1 
ATOM   689  C  CE1 . PHE A 1 94  ? 2.605   9.951   5.335   1.00 41.63 ? 94  PHE A CE1 1 
ATOM   690  C  CE2 . PHE A 1 94  ? 3.571   9.411   7.473   1.00 45.49 ? 94  PHE A CE2 1 
ATOM   691  C  CZ  . PHE A 1 94  ? 3.290   9.062   6.157   1.00 43.44 ? 94  PHE A CZ  1 
ATOM   692  N  N   . GLN A 1 95  ? 0.680   11.623  10.226  1.00 50.24 ? 95  GLN A N   1 
ATOM   693  C  CA  . GLN A 1 95  ? 0.520   10.460  11.102  1.00 53.10 ? 95  GLN A CA  1 
ATOM   694  C  C   . GLN A 1 95  ? -0.920  9.980   11.154  1.00 52.56 ? 95  GLN A C   1 
ATOM   695  O  O   . GLN A 1 95  ? -1.205  8.803   10.953  1.00 51.10 ? 95  GLN A O   1 
ATOM   696  C  CB  . GLN A 1 95  ? 0.997   10.772  12.521  1.00 54.42 ? 95  GLN A CB  1 
ATOM   697  C  CG  . GLN A 1 95  ? 2.491   11.006  12.625  1.00 60.47 ? 95  GLN A CG  1 
ATOM   698  C  CD  . GLN A 1 95  ? 2.945   11.243  14.053  1.00 62.86 ? 95  GLN A CD  1 
ATOM   699  O  OE1 . GLN A 1 95  ? 2.512   12.199  14.703  1.00 62.58 ? 95  GLN A OE1 1 
ATOM   700  N  NE2 . GLN A 1 95  ? 3.822   10.372  14.552  1.00 62.56 ? 95  GLN A NE2 1 
ATOM   701  N  N   . GLN A 1 96  ? -1.828  10.904  11.429  1.00 53.34 ? 96  GLN A N   1 
ATOM   702  C  CA  . GLN A 1 96  ? -3.236  10.569  11.509  1.00 54.41 ? 96  GLN A CA  1 
ATOM   703  C  C   . GLN A 1 96  ? -3.655  9.889   10.213  1.00 52.25 ? 96  GLN A C   1 
ATOM   704  O  O   . GLN A 1 96  ? -4.287  8.840   10.225  1.00 53.12 ? 96  GLN A O   1 
ATOM   705  C  CB  . GLN A 1 96  ? -4.048  11.838  11.723  1.00 56.24 ? 96  GLN A CB  1 
ATOM   706  C  CG  . GLN A 1 96  ? -5.498  11.598  12.013  1.00 61.24 ? 96  GLN A CG  1 
ATOM   707  C  CD  . GLN A 1 96  ? -6.372  12.570  11.267  1.00 65.91 ? 96  GLN A CD  1 
ATOM   708  O  OE1 . GLN A 1 96  ? -6.548  12.455  10.049  1.00 69.06 ? 96  GLN A OE1 1 
ATOM   709  N  NE2 . GLN A 1 96  ? -6.914  13.551  11.985  1.00 67.33 ? 96  GLN A NE2 1 
ATOM   710  N  N   . ARG A 1 97  ? -3.279  10.498  9.098   1.00 50.83 ? 97  ARG A N   1 
ATOM   711  C  CA  . ARG A 1 97  ? -3.596  9.974   7.774   1.00 47.62 ? 97  ARG A CA  1 
ATOM   712  C  C   . ARG A 1 97  ? -3.049  8.562   7.545   1.00 45.69 ? 97  ARG A C   1 
ATOM   713  O  O   . ARG A 1 97  ? -3.767  7.692   7.062   1.00 44.22 ? 97  ARG A O   1 
ATOM   714  C  CB  . ARG A 1 97  ? -3.033  10.914  6.714   1.00 48.26 ? 97  ARG A CB  1 
ATOM   715  C  CG  . ARG A 1 97  ? -3.584  10.668  5.346   1.00 49.70 ? 97  ARG A CG  1 
ATOM   716  C  CD  . ARG A 1 97  ? -5.080  10.872  5.355   1.00 50.05 ? 97  ARG A CD  1 
ATOM   717  N  NE  . ARG A 1 97  ? -5.695  10.337  4.149   1.00 49.64 ? 97  ARG A NE  1 
ATOM   718  C  CZ  . ARG A 1 97  ? -7.003  10.252  3.966   1.00 49.24 ? 97  ARG A CZ  1 
ATOM   719  N  NH1 . ARG A 1 97  ? -7.822  10.666  4.918   1.00 51.89 ? 97  ARG A NH1 1 
ATOM   720  N  NH2 . ARG A 1 97  ? -7.485  9.765   2.836   1.00 49.64 ? 97  ARG A NH2 1 
ATOM   721  N  N   . MET A 1 98  ? -1.777  8.344   7.882   1.00 44.08 ? 98  MET A N   1 
ATOM   722  C  CA  . MET A 1 98  ? -1.138  7.041   7.716   1.00 42.43 ? 98  MET A CA  1 
ATOM   723  C  C   . MET A 1 98  ? -1.918  5.969   8.459   1.00 43.26 ? 98  MET A C   1 
ATOM   724  O  O   . MET A 1 98  ? -2.193  4.892   7.922   1.00 43.33 ? 98  MET A O   1 
ATOM   725  C  CB  . MET A 1 98  ? 0.302   7.090   8.235   1.00 40.27 ? 98  MET A CB  1 
ATOM   726  C  CG  . MET A 1 98  ? 0.983   5.723   8.434   1.00 42.15 ? 98  MET A CG  1 
ATOM   727  S  SD  . MET A 1 98  ? 1.011   4.584   7.002   1.00 44.39 ? 98  MET A SD  1 
ATOM   728  C  CE  . MET A 1 98  ? 2.115   5.397   5.888   1.00 38.24 ? 98  MET A CE  1 
ATOM   729  N  N   . VAL A 1 99  ? -2.285  6.285   9.695   1.00 41.79 ? 99  VAL A N   1 
ATOM   730  C  CA  . VAL A 1 99  ? -3.034  5.368   10.546  1.00 41.10 ? 99  VAL A CA  1 
ATOM   731  C  C   . VAL A 1 99  ? -4.439  5.017   10.015  1.00 41.77 ? 99  VAL A C   1 
ATOM   732  O  O   . VAL A 1 99  ? -4.865  3.862   10.109  1.00 42.56 ? 99  VAL A O   1 
ATOM   733  C  CB  . VAL A 1 99  ? -3.135  5.944   11.972  1.00 40.52 ? 99  VAL A CB  1 
ATOM   734  C  CG1 . VAL A 1 99  ? -3.992  5.058   12.838  1.00 39.65 ? 99  VAL A CG1 1 
ATOM   735  C  CG2 . VAL A 1 99  ? -1.741  6.076   12.565  1.00 36.86 ? 99  VAL A CG2 1 
ATOM   736  N  N   . ARG A 1 100 ? -5.148  5.997   9.454   1.00 41.25 ? 100 ARG A N   1 
ATOM   737  C  CA  . ARG A 1 100 ? -6.492  5.768   8.916   1.00 43.91 ? 100 ARG A CA  1 
ATOM   738  C  C   . ARG A 1 100 ? -6.438  5.002   7.594   1.00 45.50 ? 100 ARG A C   1 
ATOM   739  O  O   . ARG A 1 100 ? -7.296  4.167   7.318   1.00 47.03 ? 100 ARG A O   1 
ATOM   740  C  CB  . ARG A 1 100 ? -7.213  7.096   8.688   1.00 44.26 ? 100 ARG A CB  1 
ATOM   741  C  CG  . ARG A 1 100 ? -7.265  8.001   9.907   1.00 48.46 ? 100 ARG A CG  1 
ATOM   742  C  CD  . ARG A 1 100 ? -8.306  7.551   10.905  1.00 50.67 ? 100 ARG A CD  1 
ATOM   743  N  NE  . ARG A 1 100 ? -9.659  7.697   10.376  1.00 52.66 ? 100 ARG A NE  1 
ATOM   744  C  CZ  . ARG A 1 100 ? -10.754 7.327   11.029  1.00 51.16 ? 100 ARG A CZ  1 
ATOM   745  N  NH1 . ARG A 1 100 ? -10.648 6.792   12.232  1.00 51.27 ? 100 ARG A NH1 1 
ATOM   746  N  NH2 . ARG A 1 100 ? -11.950 7.484   10.479  1.00 51.21 ? 100 ARG A NH2 1 
ATOM   747  N  N   . VAL A 1 101 ? -5.430  5.305   6.777   1.00 46.57 ? 101 VAL A N   1 
ATOM   748  C  CA  . VAL A 1 101 ? -5.244  4.648   5.485   1.00 45.73 ? 101 VAL A CA  1 
ATOM   749  C  C   . VAL A 1 101 ? -4.902  3.158   5.642   1.00 47.22 ? 101 VAL A C   1 
ATOM   750  O  O   . VAL A 1 101 ? -5.429  2.314   4.915   1.00 47.43 ? 101 VAL A O   1 
ATOM   751  C  CB  . VAL A 1 101 ? -4.127  5.334   4.686   1.00 43.68 ? 101 VAL A CB  1 
ATOM   752  C  CG1 . VAL A 1 101 ? -3.774  4.508   3.459   1.00 43.30 ? 101 VAL A CG1 1 
ATOM   753  C  CG2 . VAL A 1 101 ? -4.570  6.720   4.281   1.00 43.89 ? 101 VAL A CG2 1 
ATOM   754  N  N   . ALA A 1 102 ? -4.016  2.841   6.587   1.00 46.49 ? 102 ALA A N   1 
ATOM   755  C  CA  . ALA A 1 102 ? -3.624  1.454   6.827   1.00 45.99 ? 102 ALA A CA  1 
ATOM   756  C  C   . ALA A 1 102 ? -4.831  0.655   7.321   1.00 46.74 ? 102 ALA A C   1 
ATOM   757  O  O   . ALA A 1 102 ? -5.152  -0.400  6.779   1.00 45.30 ? 102 ALA A O   1 
ATOM   758  C  CB  . ALA A 1 102 ? -2.499  1.399   7.854   1.00 44.45 ? 102 ALA A CB  1 
ATOM   759  N  N   . ALA A 1 103 ? -5.506  1.184   8.341   1.00 46.76 ? 103 ALA A N   1 
ATOM   760  C  CA  . ALA A 1 103 ? -6.679  0.533   8.926   1.00 46.30 ? 103 ALA A CA  1 
ATOM   761  C  C   . ALA A 1 103 ? -7.737  0.215   7.876   1.00 45.15 ? 103 ALA A C   1 
ATOM   762  O  O   . ALA A 1 103 ? -8.291  -0.881  7.867   1.00 44.94 ? 103 ALA A O   1 
ATOM   763  C  CB  . ALA A 1 103 ? -7.285  1.421   10.037  1.00 45.90 ? 103 ALA A CB  1 
ATOM   764  N  N   . GLU A 1 104 ? -8.024  1.177   7.003   1.00 44.33 ? 104 GLU A N   1 
ATOM   765  C  CA  . GLU A 1 104 ? -9.013  0.972   5.951   1.00 46.33 ? 104 GLU A CA  1 
ATOM   766  C  C   . GLU A 1 104 ? -8.609  -0.177  5.031   1.00 47.03 ? 104 GLU A C   1 
ATOM   767  O  O   . GLU A 1 104 ? -9.359  -1.128  4.843   1.00 46.54 ? 104 GLU A O   1 
ATOM   768  C  CB  . GLU A 1 104 ? -9.181  2.235   5.104   1.00 45.51 ? 104 GLU A CB  1 
ATOM   769  C  CG  . GLU A 1 104 ? -10.146 3.255   5.651   1.00 51.76 ? 104 GLU A CG  1 
ATOM   770  C  CD  . GLU A 1 104 ? -11.570 2.725   5.762   1.00 54.52 ? 104 GLU A CD  1 
ATOM   771  O  OE1 . GLU A 1 104 ? -11.951 1.831   4.970   1.00 55.36 ? 104 GLU A OE1 1 
ATOM   772  O  OE2 . GLU A 1 104 ? -12.313 3.219   6.636   1.00 55.73 ? 104 GLU A OE2 1 
ATOM   773  N  N   . ILE A 1 105 ? -7.410  -0.075  4.469   1.00 47.89 ? 105 ILE A N   1 
ATOM   774  C  CA  . ILE A 1 105 ? -6.893  -1.077  3.545   1.00 47.39 ? 105 ILE A CA  1 
ATOM   775  C  C   . ILE A 1 105 ? -6.763  -2.458  4.197   1.00 48.29 ? 105 ILE A C   1 
ATOM   776  O  O   . ILE A 1 105 ? -7.219  -3.456  3.632   1.00 49.04 ? 105 ILE A O   1 
ATOM   777  C  CB  . ILE A 1 105 ? -5.542  -0.589  2.937   1.00 44.91 ? 105 ILE A CB  1 
ATOM   778  C  CG1 . ILE A 1 105 ? -5.803  0.638   2.045   1.00 40.89 ? 105 ILE A CG1 1 
ATOM   779  C  CG2 . ILE A 1 105 ? -4.890  -1.693  2.132   1.00 44.87 ? 105 ILE A CG2 1 
ATOM   780  C  CD1 . ILE A 1 105 ? -4.580  1.240   1.412   1.00 41.39 ? 105 ILE A CD1 1 
ATOM   781  N  N   . TYR A 1 106 ? -6.161  -2.515  5.383   1.00 46.10 ? 106 TYR A N   1 
ATOM   782  C  CA  . TYR A 1 106 ? -6.022  -3.784  6.096   1.00 45.24 ? 106 TYR A CA  1 
ATOM   783  C  C   . TYR A 1 106 ? -7.388  -4.441  6.280   1.00 47.22 ? 106 TYR A C   1 
ATOM   784  O  O   . TYR A 1 106 ? -7.544  -5.645  6.065   1.00 47.86 ? 106 TYR A O   1 
ATOM   785  C  CB  . TYR A 1 106 ? -5.396  -3.571  7.476   1.00 40.17 ? 106 TYR A CB  1 
ATOM   786  C  CG  . TYR A 1 106 ? -3.907  -3.741  7.509   1.00 38.51 ? 106 TYR A CG  1 
ATOM   787  C  CD1 . TYR A 1 106 ? -3.073  -2.870  6.812   1.00 37.47 ? 106 TYR A CD1 1 
ATOM   788  C  CD2 . TYR A 1 106 ? -3.323  -4.768  8.246   1.00 37.75 ? 106 TYR A CD2 1 
ATOM   789  C  CE1 . TYR A 1 106 ? -1.698  -3.013  6.849   1.00 37.82 ? 106 TYR A CE1 1 
ATOM   790  C  CE2 . TYR A 1 106 ? -1.942  -4.923  8.289   1.00 37.36 ? 106 TYR A CE2 1 
ATOM   791  C  CZ  . TYR A 1 106 ? -1.137  -4.045  7.585   1.00 38.42 ? 106 TYR A CZ  1 
ATOM   792  O  OH  . TYR A 1 106 ? 0.225   -4.213  7.585   1.00 36.35 ? 106 TYR A OH  1 
ATOM   793  N  N   . ARG A 1 107 ? -8.373  -3.647  6.693   1.00 47.02 ? 107 ARG A N   1 
ATOM   794  C  CA  . ARG A 1 107 ? -9.720  -4.157  6.905   1.00 47.59 ? 107 ARG A CA  1 
ATOM   795  C  C   . ARG A 1 107 ? -10.270 -4.776  5.618   1.00 47.62 ? 107 ARG A C   1 
ATOM   796  O  O   . ARG A 1 107 ? -10.738 -5.915  5.610   1.00 47.39 ? 107 ARG A O   1 
ATOM   797  C  CB  . ARG A 1 107 ? -10.640 -3.031  7.379   1.00 48.40 ? 107 ARG A CB  1 
ATOM   798  C  CG  . ARG A 1 107 ? -12.070 -3.475  7.575   1.00 51.09 ? 107 ARG A CG  1 
ATOM   799  C  CD  . ARG A 1 107 ? -12.875 -2.482  8.377   1.00 51.96 ? 107 ARG A CD  1 
ATOM   800  N  NE  . ARG A 1 107 ? -13.275 -1.313  7.607   1.00 54.78 ? 107 ARG A NE  1 
ATOM   801  C  CZ  . ARG A 1 107 ? -14.009 -0.322  8.106   1.00 55.89 ? 107 ARG A CZ  1 
ATOM   802  N  NH1 . ARG A 1 107 ? -14.407 -0.372  9.370   1.00 56.58 ? 107 ARG A NH1 1 
ATOM   803  N  NH2 . ARG A 1 107 ? -14.355 0.709   7.346   1.00 54.76 ? 107 ARG A NH2 1 
ATOM   804  N  N   . ALA A 1 108 ? -10.205 -4.016  4.532   1.00 48.44 ? 108 ALA A N   1 
ATOM   805  C  CA  . ALA A 1 108 ? -10.690 -4.481  3.244   1.00 49.84 ? 108 ALA A CA  1 
ATOM   806  C  C   . ALA A 1 108 ? -9.849  -5.655  2.724   1.00 50.82 ? 108 ALA A C   1 
ATOM   807  O  O   . ALA A 1 108 ? -10.333 -6.458  1.921   1.00 51.44 ? 108 ALA A O   1 
ATOM   808  C  CB  . ALA A 1 108 ? -10.670 -3.332  2.241   1.00 49.13 ? 108 ALA A CB  1 
ATOM   809  N  N   . GLY A 1 109 ? -8.598  -5.743  3.183   1.00 49.84 ? 109 GLY A N   1 
ATOM   810  C  CA  . GLY A 1 109 ? -7.707  -6.814  2.757   1.00 49.95 ? 109 GLY A CA  1 
ATOM   811  C  C   . GLY A 1 109 ? -7.418  -6.808  1.265   1.00 50.44 ? 109 GLY A C   1 
ATOM   812  O  O   . GLY A 1 109 ? -7.061  -7.834  0.673   1.00 48.75 ? 109 GLY A O   1 
ATOM   813  N  N   . GLN A 1 110 ? -7.576  -5.639  0.656   1.00 50.13 ? 110 GLN A N   1 
ATOM   814  C  CA  . GLN A 1 110 ? -7.351  -5.467  -0.768  1.00 52.21 ? 110 GLN A CA  1 
ATOM   815  C  C   . GLN A 1 110 ? -7.560  -3.999  -1.106  1.00 52.20 ? 110 GLN A C   1 
ATOM   816  O  O   . GLN A 1 110 ? -8.068  -3.240  -0.285  1.00 53.65 ? 110 GLN A O   1 
ATOM   817  C  CB  . GLN A 1 110 ? -8.339  -6.321  -1.564  1.00 53.51 ? 110 GLN A CB  1 
ATOM   818  C  CG  . GLN A 1 110 ? -9.799  -6.103  -1.172  1.00 56.93 ? 110 GLN A CG  1 
ATOM   819  C  CD  . GLN A 1 110 ? -10.772 -6.929  -2.015  1.00 59.12 ? 110 GLN A CD  1 
ATOM   820  O  OE1 . GLN A 1 110 ? -10.593 -8.143  -2.192  1.00 60.95 ? 110 GLN A OE1 1 
ATOM   821  N  NE2 . GLN A 1 110 ? -11.813 -6.273  -2.529  1.00 57.22 ? 110 GLN A NE2 1 
ATOM   822  N  N   . LEU A 1 111 ? -7.159  -3.597  -2.306  1.00 51.62 ? 111 LEU A N   1 
ATOM   823  C  CA  . LEU A 1 111 ? -7.333  -2.217  -2.733  1.00 51.98 ? 111 LEU A CA  1 
ATOM   824  C  C   . LEU A 1 111 ? -8.428  -2.236  -3.782  1.00 52.85 ? 111 LEU A C   1 
ATOM   825  O  O   . LEU A 1 111 ? -8.418  -3.071  -4.690  1.00 55.18 ? 111 LEU A O   1 
ATOM   826  C  CB  . LEU A 1 111 ? -6.026  -1.668  -3.313  1.00 52.03 ? 111 LEU A CB  1 
ATOM   827  C  CG  . LEU A 1 111 ? -5.811  -0.146  -3.320  1.00 52.33 ? 111 LEU A CG  1 
ATOM   828  C  CD1 . LEU A 1 111 ? -6.343  0.509   -2.034  1.00 51.43 ? 111 LEU A CD1 1 
ATOM   829  C  CD2 . LEU A 1 111 ? -4.321  0.118   -3.464  1.00 48.96 ? 111 LEU A CD2 1 
ATOM   830  N  N   . THR A 1 112 ? -9.382  -1.324  -3.660  1.00 52.24 ? 112 THR A N   1 
ATOM   831  C  CA  . THR A 1 112 ? -10.491 -1.302  -4.597  1.00 51.75 ? 112 THR A CA  1 
ATOM   832  C  C   . THR A 1 112 ? -11.015 0.116   -4.829  1.00 51.27 ? 112 THR A C   1 
ATOM   833  O  O   . THR A 1 112 ? -10.757 1.014   -4.024  1.00 49.93 ? 112 THR A O   1 
ATOM   834  C  CB  . THR A 1 112 ? -11.623 -2.185  -4.057  1.00 51.58 ? 112 THR A CB  1 
ATOM   835  O  OG1 . THR A 1 112 ? -12.570 -2.429  -5.091  1.00 55.99 ? 112 THR A OG1 1 
ATOM   836  C  CG2 . THR A 1 112 ? -12.326 -1.502  -2.897  1.00 51.16 ? 112 THR A CG2 1 
ATOM   837  N  N   . PRO A 1 113 ? -11.753 0.338   -5.935  1.00 51.57 ? 113 PRO A N   1 
ATOM   838  C  CA  . PRO A 1 113 ? -12.283 1.681   -6.202  1.00 52.68 ? 113 PRO A CA  1 
ATOM   839  C  C   . PRO A 1 113 ? -13.071 2.213   -5.008  1.00 53.51 ? 113 PRO A C   1 
ATOM   840  O  O   . PRO A 1 113 ? -13.056 3.410   -4.713  1.00 55.04 ? 113 PRO A O   1 
ATOM   841  C  CB  . PRO A 1 113 ? -13.171 1.467   -7.422  1.00 50.77 ? 113 PRO A CB  1 
ATOM   842  C  CG  . PRO A 1 113 ? -12.459 0.386   -8.155  1.00 52.34 ? 113 PRO A CG  1 
ATOM   843  C  CD  . PRO A 1 113 ? -12.074 -0.576  -7.046  1.00 50.92 ? 113 PRO A CD  1 
ATOM   844  N  N   . THR A 1 114 ? -13.754 1.308   -4.320  1.00 52.58 ? 114 THR A N   1 
ATOM   845  C  CA  . THR A 1 114 ? -14.549 1.676   -3.165  1.00 53.79 ? 114 THR A CA  1 
ATOM   846  C  C   . THR A 1 114 ? -13.669 2.115   -1.995  1.00 54.72 ? 114 THR A C   1 
ATOM   847  O  O   . THR A 1 114 ? -13.995 3.080   -1.302  1.00 55.34 ? 114 THR A O   1 
ATOM   848  C  CB  . THR A 1 114 ? -15.465 0.503   -2.751  1.00 53.48 ? 114 THR A CB  1 
ATOM   849  O  OG1 . THR A 1 114 ? -16.516 0.364   -3.719  1.00 52.87 ? 114 THR A OG1 1 
ATOM   850  C  CG2 . THR A 1 114 ? -16.058 0.736   -1.377  1.00 51.02 ? 114 THR A CG2 1 
ATOM   851  N  N   . VAL A 1 115 ? -12.556 1.420   -1.778  1.00 54.81 ? 115 VAL A N   1 
ATOM   852  C  CA  . VAL A 1 115 ? -11.653 1.781   -0.693  1.00 53.11 ? 115 VAL A CA  1 
ATOM   853  C  C   . VAL A 1 115 ? -10.947 3.098   -1.011  1.00 52.09 ? 115 VAL A C   1 
ATOM   854  O  O   . VAL A 1 115 ? -10.580 3.845   -0.105  1.00 53.01 ? 115 VAL A O   1 
ATOM   855  C  CB  . VAL A 1 115 ? -10.601 0.681   -0.441  1.00 52.89 ? 115 VAL A CB  1 
ATOM   856  C  CG1 . VAL A 1 115 ? -9.573  1.158   0.576   1.00 52.35 ? 115 VAL A CG1 1 
ATOM   857  C  CG2 . VAL A 1 115 ? -11.279 -0.560  0.088   1.00 52.73 ? 115 VAL A CG2 1 
ATOM   858  N  N   . LEU A 1 116 ? -10.760 3.387   -2.294  1.00 50.46 ? 116 LEU A N   1 
ATOM   859  C  CA  . LEU A 1 116 ? -10.118 4.638   -2.682  1.00 50.97 ? 116 LEU A CA  1 
ATOM   860  C  C   . LEU A 1 116 ? -11.107 5.790   -2.505  1.00 52.30 ? 116 LEU A C   1 
ATOM   861  O  O   . LEU A 1 116 ? -10.715 6.914   -2.203  1.00 53.03 ? 116 LEU A O   1 
ATOM   862  C  CB  . LEU A 1 116 ? -9.624  4.568   -4.131  1.00 48.67 ? 116 LEU A CB  1 
ATOM   863  C  CG  . LEU A 1 116 ? -8.458  3.613   -4.404  1.00 48.41 ? 116 LEU A CG  1 
ATOM   864  C  CD1 . LEU A 1 116 ? -8.159  3.561   -5.892  1.00 47.82 ? 116 LEU A CD1 1 
ATOM   865  C  CD2 . LEU A 1 116 ? -7.237  4.068   -3.633  1.00 48.85 ? 116 LEU A CD2 1 
ATOM   866  N  N   . LYS A 1 117 ? -12.393 5.504   -2.693  1.00 53.89 ? 117 LYS A N   1 
ATOM   867  C  CA  . LYS A 1 117 ? -13.433 6.512   -2.519  1.00 54.26 ? 117 LYS A CA  1 
ATOM   868  C  C   . LYS A 1 117 ? -13.564 6.833   -1.036  1.00 52.58 ? 117 LYS A C   1 
ATOM   869  O  O   . LYS A 1 117 ? -13.676 7.993   -0.660  1.00 52.94 ? 117 LYS A O   1 
ATOM   870  C  CB  . LYS A 1 117 ? -14.774 6.012   -3.062  1.00 56.08 ? 117 LYS A CB  1 
ATOM   871  C  CG  . LYS A 1 117 ? -14.815 5.915   -4.574  1.00 61.17 ? 117 LYS A CG  1 
ATOM   872  C  CD  . LYS A 1 117 ? -16.077 5.209   -5.065  1.00 64.84 ? 117 LYS A CD  1 
ATOM   873  C  CE  . LYS A 1 117 ? -16.120 5.130   -6.599  1.00 64.70 ? 117 LYS A CE  1 
ATOM   874  N  NZ  . LYS A 1 117 ? -17.269 4.306   -7.086  1.00 64.56 ? 117 LYS A NZ  1 
ATOM   875  N  N   . THR A 1 118 ? -13.548 5.801   -0.198  1.00 50.75 ? 118 THR A N   1 
ATOM   876  C  CA  . THR A 1 118 ? -13.646 5.985   1.251   1.00 51.58 ? 118 THR A CA  1 
ATOM   877  C  C   . THR A 1 118 ? -12.476 6.857   1.732   1.00 51.53 ? 118 THR A C   1 
ATOM   878  O  O   . THR A 1 118 ? -12.621 7.679   2.646   1.00 49.06 ? 118 THR A O   1 
ATOM   879  C  CB  . THR A 1 118 ? -13.606 4.617   1.998   1.00 51.30 ? 118 THR A CB  1 
ATOM   880  O  OG1 . THR A 1 118 ? -14.661 3.776   1.519   1.00 51.31 ? 118 THR A OG1 1 
ATOM   881  C  CG2 . THR A 1 118 ? -13.779 4.811   3.493   1.00 50.12 ? 118 THR A CG2 1 
ATOM   882  N  N   . LEU A 1 119 ? -11.323 6.671   1.095   1.00 51.36 ? 119 LEU A N   1 
ATOM   883  C  CA  . LEU A 1 119 ? -10.116 7.415   1.427   1.00 51.43 ? 119 LEU A CA  1 
ATOM   884  C  C   . LEU A 1 119 ? -10.050 8.761   0.707   1.00 52.93 ? 119 LEU A C   1 
ATOM   885  O  O   . LEU A 1 119 ? -9.081  9.505   0.863   1.00 51.76 ? 119 LEU A O   1 
ATOM   886  C  CB  . LEU A 1 119 ? -8.875  6.586   1.084   1.00 51.00 ? 119 LEU A CB  1 
ATOM   887  C  CG  . LEU A 1 119 ? -8.628  5.345   1.941   1.00 48.85 ? 119 LEU A CG  1 
ATOM   888  C  CD1 . LEU A 1 119 ? -7.337  4.689   1.512   1.00 48.72 ? 119 LEU A CD1 1 
ATOM   889  C  CD2 . LEU A 1 119 ? -8.561  5.741   3.410   1.00 47.64 ? 119 LEU A CD2 1 
ATOM   890  N  N   . GLN A 1 120 ? -11.078 9.062   -0.084  1.00 53.56 ? 120 GLN A N   1 
ATOM   891  C  CA  . GLN A 1 120 ? -11.154 10.328  -0.811  1.00 52.91 ? 120 GLN A CA  1 
ATOM   892  C  C   . GLN A 1 120 ? -9.854  10.679  -1.499  1.00 51.44 ? 120 GLN A C   1 
ATOM   893  O  O   . GLN A 1 120 ? -9.392  11.821  -1.437  1.00 52.28 ? 120 GLN A O   1 
ATOM   894  C  CB  . GLN A 1 120 ? -11.525 11.453  0.145   1.00 55.38 ? 120 GLN A CB  1 
ATOM   895  C  CG  . GLN A 1 120 ? -12.932 11.382  0.657   1.00 58.93 ? 120 GLN A CG  1 
ATOM   896  C  CD  . GLN A 1 120 ? -13.122 12.242  1.878   1.00 62.77 ? 120 GLN A CD  1 
ATOM   897  O  OE1 . GLN A 1 120 ? -14.251 12.539  2.271   1.00 63.46 ? 120 GLN A OE1 1 
ATOM   898  N  NE2 . GLN A 1 120 ? -12.013 12.639  2.500   1.00 62.37 ? 120 GLN A NE2 1 
ATOM   899  N  N   . VAL A 1 121 ? -9.264  9.689   -2.154  1.00 49.14 ? 121 VAL A N   1 
ATOM   900  C  CA  . VAL A 1 121 ? -8.012  9.881   -2.859  1.00 47.46 ? 121 VAL A CA  1 
ATOM   901  C  C   . VAL A 1 121 ? -8.152  10.928  -3.964  1.00 48.37 ? 121 VAL A C   1 
ATOM   902  O  O   . VAL A 1 121 ? -7.290  11.801  -4.121  1.00 45.43 ? 121 VAL A O   1 
ATOM   903  C  CB  . VAL A 1 121 ? -7.531  8.536   -3.432  1.00 47.02 ? 121 VAL A CB  1 
ATOM   904  C  CG1 . VAL A 1 121 ? -6.592  8.747   -4.600  1.00 45.86 ? 121 VAL A CG1 1 
ATOM   905  C  CG2 . VAL A 1 121 ? -6.842  7.754   -2.337  1.00 46.53 ? 121 VAL A CG2 1 
ATOM   906  N  N   . TYR A 1 122 ? -9.246  10.853  -4.714  1.00 48.53 ? 122 TYR A N   1 
ATOM   907  C  CA  . TYR A 1 122 ? -9.475  11.794  -5.799  1.00 49.39 ? 122 TYR A CA  1 
ATOM   908  C  C   . TYR A 1 122 ? -9.781  13.226  -5.319  1.00 51.73 ? 122 TYR A C   1 
ATOM   909  O  O   . TYR A 1 122 ? -9.197  14.195  -5.820  1.00 50.13 ? 122 TYR A O   1 
ATOM   910  C  CB  . TYR A 1 122 ? -10.617 11.299  -6.692  1.00 48.02 ? 122 TYR A CB  1 
ATOM   911  C  CG  . TYR A 1 122 ? -10.801 12.130  -7.941  1.00 47.39 ? 122 TYR A CG  1 
ATOM   912  C  CD1 . TYR A 1 122 ? -10.183 11.774  -9.137  1.00 46.56 ? 122 TYR A CD1 1 
ATOM   913  C  CD2 . TYR A 1 122 ? -11.553 13.308  -7.911  1.00 46.65 ? 122 TYR A CD2 1 
ATOM   914  C  CE1 . TYR A 1 122 ? -10.305 12.574  -10.277 1.00 48.10 ? 122 TYR A CE1 1 
ATOM   915  C  CE2 . TYR A 1 122 ? -11.680 14.114  -9.040  1.00 47.86 ? 122 TYR A CE2 1 
ATOM   916  C  CZ  . TYR A 1 122 ? -11.054 13.745  -10.218 1.00 48.52 ? 122 TYR A CZ  1 
ATOM   917  O  OH  . TYR A 1 122 ? -11.167 14.558  -11.325 1.00 48.29 ? 122 TYR A OH  1 
ATOM   918  N  N   . GLU A 1 123 ? -10.689 13.368  -4.354  1.00 53.85 ? 123 GLU A N   1 
ATOM   919  C  CA  . GLU A 1 123 ? -11.041 14.701  -3.887  1.00 56.58 ? 123 GLU A CA  1 
ATOM   920  C  C   . GLU A 1 123 ? -9.829  15.393  -3.268  1.00 56.13 ? 123 GLU A C   1 
ATOM   921  O  O   . GLU A 1 123 ? -9.754  16.622  -3.253  1.00 55.68 ? 123 GLU A O   1 
ATOM   922  C  CB  . GLU A 1 123 ? -12.193 14.646  -2.871  1.00 58.64 ? 123 GLU A CB  1 
ATOM   923  C  CG  . GLU A 1 123 ? -11.750 14.612  -1.403  1.00 65.68 ? 123 GLU A CG  1 
ATOM   924  C  CD  . GLU A 1 123 ? -12.381 15.725  -0.550  1.00 69.03 ? 123 GLU A CD  1 
ATOM   925  O  OE1 . GLU A 1 123 ? -13.630 15.814  -0.517  1.00 71.56 ? 123 GLU A OE1 1 
ATOM   926  O  OE2 . GLU A 1 123 ? -11.632 16.505  0.090   1.00 69.04 ? 123 GLU A OE2 1 
ATOM   927  N  N   . ARG A 1 124 ? -8.876  14.608  -2.775  1.00 54.52 ? 124 ARG A N   1 
ATOM   928  C  CA  . ARG A 1 124 ? -7.689  15.177  -2.152  1.00 52.96 ? 124 ARG A CA  1 
ATOM   929  C  C   . ARG A 1 124 ? -6.561  15.524  -3.120  1.00 51.78 ? 124 ARG A C   1 
ATOM   930  O  O   . ARG A 1 124 ? -5.498  15.991  -2.695  1.00 51.45 ? 124 ARG A O   1 
ATOM   931  C  CB  . ARG A 1 124 ? -7.185  14.252  -1.041  1.00 54.05 ? 124 ARG A CB  1 
ATOM   932  C  CG  . ARG A 1 124 ? -8.020  14.345  0.242   1.00 56.06 ? 124 ARG A CG  1 
ATOM   933  C  CD  . ARG A 1 124 ? -7.837  13.122  1.115   1.00 58.10 ? 124 ARG A CD  1 
ATOM   934  N  NE  . ARG A 1 124 ? -8.710  13.122  2.285   1.00 60.16 ? 124 ARG A NE  1 
ATOM   935  C  CZ  . ARG A 1 124 ? -8.411  13.665  3.463   1.00 60.69 ? 124 ARG A CZ  1 
ATOM   936  N  NH1 . ARG A 1 124 ? -7.245  14.267  3.658   1.00 60.79 ? 124 ARG A NH1 1 
ATOM   937  N  NH2 . ARG A 1 124 ? -9.286  13.602  4.455   1.00 60.55 ? 124 ARG A NH2 1 
ATOM   938  N  N   . GLY A 1 125 ? -6.786  15.300  -4.413  1.00 48.60 ? 125 GLY A N   1 
ATOM   939  C  CA  . GLY A 1 125 ? -5.772  15.656  -5.388  1.00 48.93 ? 125 GLY A CA  1 
ATOM   940  C  C   . GLY A 1 125 ? -5.075  14.580  -6.204  1.00 49.46 ? 125 GLY A C   1 
ATOM   941  O  O   . GLY A 1 125 ? -4.251  14.906  -7.060  1.00 50.08 ? 125 GLY A O   1 
ATOM   942  N  N   . CYS A 1 126 ? -5.379  13.312  -5.959  1.00 47.78 ? 126 CYS A N   1 
ATOM   943  C  CA  . CYS A 1 126 ? -4.730  12.253  -6.725  1.00 47.64 ? 126 CYS A CA  1 
ATOM   944  C  C   . CYS A 1 126 ? -5.481  11.979  -8.025  1.00 47.25 ? 126 CYS A C   1 
ATOM   945  O  O   . CYS A 1 126 ? -6.707  12.028  -8.070  1.00 46.85 ? 126 CYS A O   1 
ATOM   946  C  CB  . CYS A 1 126 ? -4.632  10.960  -5.901  1.00 47.32 ? 126 CYS A CB  1 
ATOM   947  S  SG  . CYS A 1 126 ? -3.583  11.053  -4.430  1.00 45.62 ? 126 CYS A SG  1 
ATOM   948  N  N   . ARG A 1 127 ? -4.726  11.690  -9.078  1.00 46.77 ? 127 ARG A N   1 
ATOM   949  C  CA  . ARG A 1 127 ? -5.295  11.407  -10.385 1.00 45.54 ? 127 ARG A CA  1 
ATOM   950  C  C   . ARG A 1 127 ? -4.521  10.252  -10.984 1.00 45.32 ? 127 ARG A C   1 
ATOM   951  O  O   . ARG A 1 127 ? -3.332  10.107  -10.709 1.00 47.62 ? 127 ARG A O   1 
ATOM   952  C  CB  . ARG A 1 127 ? -5.152  12.629  -11.294 1.00 46.09 ? 127 ARG A CB  1 
ATOM   953  C  CG  . ARG A 1 127 ? -5.855  13.890  -10.788 1.00 47.96 ? 127 ARG A CG  1 
ATOM   954  C  CD  . ARG A 1 127 ? -7.362  13.868  -11.075 1.00 47.95 ? 127 ARG A CD  1 
ATOM   955  N  NE  . ARG A 1 127 ? -8.056  15.026  -10.507 1.00 46.69 ? 127 ARG A NE  1 
ATOM   956  C  CZ  . ARG A 1 127 ? -8.329  15.194  -9.211  1.00 46.77 ? 127 ARG A CZ  1 
ATOM   957  N  NH1 . ARG A 1 127 ? -7.979  14.278  -8.320  1.00 43.11 ? 127 ARG A NH1 1 
ATOM   958  N  NH2 . ARG A 1 127 ? -8.946  16.294  -8.800  1.00 49.54 ? 127 ARG A NH2 1 
ATOM   959  N  N   . TRP A 1 128 ? -5.191  9.418   -11.777 1.00 43.94 ? 128 TRP A N   1 
ATOM   960  C  CA  . TRP A 1 128 ? -4.522  8.302   -12.443 1.00 42.19 ? 128 TRP A CA  1 
ATOM   961  C  C   . TRP A 1 128 ? -4.013  8.820   -13.780 1.00 42.96 ? 128 TRP A C   1 
ATOM   962  O  O   . TRP A 1 128 ? -4.588  9.742   -14.351 1.00 42.71 ? 128 TRP A O   1 
ATOM   963  C  CB  . TRP A 1 128 ? -5.479  7.134   -12.694 1.00 40.01 ? 128 TRP A CB  1 
ATOM   964  C  CG  . TRP A 1 128 ? -5.791  6.324   -11.478 1.00 39.82 ? 128 TRP A CG  1 
ATOM   965  C  CD1 . TRP A 1 128 ? -6.941  6.360   -10.740 1.00 37.94 ? 128 TRP A CD1 1 
ATOM   966  C  CD2 . TRP A 1 128 ? -4.930  5.369   -10.836 1.00 37.45 ? 128 TRP A CD2 1 
ATOM   967  N  NE1 . TRP A 1 128 ? -6.850  5.489   -9.677  1.00 39.67 ? 128 TRP A NE1 1 
ATOM   968  C  CE2 . TRP A 1 128 ? -5.625  4.869   -9.711  1.00 38.02 ? 128 TRP A CE2 1 
ATOM   969  C  CE3 . TRP A 1 128 ? -3.638  4.891   -11.101 1.00 33.96 ? 128 TRP A CE3 1 
ATOM   970  C  CZ2 . TRP A 1 128 ? -5.071  3.911   -8.847  1.00 36.33 ? 128 TRP A CZ2 1 
ATOM   971  C  CZ3 . TRP A 1 128 ? -3.085  3.937   -10.241 1.00 34.38 ? 128 TRP A CZ3 1 
ATOM   972  C  CH2 . TRP A 1 128 ? -3.803  3.460   -9.129  1.00 35.78 ? 128 TRP A CH2 1 
ATOM   973  N  N   . TYR A 1 129 ? -2.931  8.237   -14.276 1.00 43.61 ? 129 TYR A N   1 
ATOM   974  C  CA  . TYR A 1 129 ? -2.374  8.657   -15.552 1.00 46.27 ? 129 TYR A CA  1 
ATOM   975  C  C   . TYR A 1 129 ? -1.851  7.439   -16.280 1.00 49.10 ? 129 TYR A C   1 
ATOM   976  O  O   . TYR A 1 129 ? -1.313  6.516   -15.657 1.00 51.95 ? 129 TYR A O   1 
ATOM   977  C  CB  . TYR A 1 129 ? -1.211  9.629   -15.352 1.00 46.02 ? 129 TYR A CB  1 
ATOM   978  C  CG  . TYR A 1 129 ? -1.579  10.965  -14.750 1.00 48.02 ? 129 TYR A CG  1 
ATOM   979  C  CD1 . TYR A 1 129 ? -1.892  12.053  -15.560 1.00 47.53 ? 129 TYR A CD1 1 
ATOM   980  C  CD2 . TYR A 1 129 ? -1.608  11.141  -13.368 1.00 46.82 ? 129 TYR A CD2 1 
ATOM   981  C  CE1 . TYR A 1 129 ? -2.221  13.286  -15.010 1.00 48.03 ? 129 TYR A CE1 1 
ATOM   982  C  CE2 . TYR A 1 129 ? -1.939  12.365  -12.806 1.00 48.15 ? 129 TYR A CE2 1 
ATOM   983  C  CZ  . TYR A 1 129 ? -2.244  13.437  -13.628 1.00 47.92 ? 129 TYR A CZ  1 
ATOM   984  O  OH  . TYR A 1 129 ? -2.574  14.654  -13.069 1.00 44.95 ? 129 TYR A OH  1 
ATOM   985  N  N   . PRO A 1 130 ? -2.027  7.400   -17.610 1.00 48.71 ? 130 PRO A N   1 
ATOM   986  C  CA  . PRO A 1 130 ? -1.537  6.264   -18.398 1.00 48.28 ? 130 PRO A CA  1 
ATOM   987  C  C   . PRO A 1 130 ? -0.026  6.428   -18.413 1.00 47.58 ? 130 PRO A C   1 
ATOM   988  O  O   . PRO A 1 130 ? 0.469   7.484   -18.789 1.00 48.34 ? 130 PRO A O   1 
ATOM   989  C  CB  . PRO A 1 130 ? -2.140  6.511   -19.777 1.00 48.28 ? 130 PRO A CB  1 
ATOM   990  C  CG  . PRO A 1 130 ? -3.396  7.280   -19.466 1.00 49.87 ? 130 PRO A CG  1 
ATOM   991  C  CD  . PRO A 1 130 ? -2.929  8.245   -18.410 1.00 48.07 ? 130 PRO A CD  1 
ATOM   992  N  N   . ILE A 1 131 ? 0.709   5.410   -17.988 1.00 46.69 ? 131 ILE A N   1 
ATOM   993  C  CA  . ILE A 1 131 ? 2.160   5.526   -17.969 1.00 46.88 ? 131 ILE A CA  1 
ATOM   994  C  C   . ILE A 1 131 ? 2.684   5.716   -19.390 1.00 48.30 ? 131 ILE A C   1 
ATOM   995  O  O   . ILE A 1 131 ? 2.388   4.922   -20.278 1.00 50.22 ? 131 ILE A O   1 
ATOM   996  C  CB  . ILE A 1 131 ? 2.823   4.282   -17.339 1.00 43.99 ? 131 ILE A CB  1 
ATOM   997  C  CG1 . ILE A 1 131 ? 2.372   4.124   -15.886 1.00 41.69 ? 131 ILE A CG1 1 
ATOM   998  C  CG2 . ILE A 1 131 ? 4.331   4.419   -17.403 1.00 41.43 ? 131 ILE A CG2 1 
ATOM   999  C  CD1 . ILE A 1 131 ? 2.729   2.778   -15.273 1.00 39.65 ? 131 ILE A CD1 1 
ATOM   1000 N  N   . VAL A 1 132 ? 3.451   6.783   -19.595 1.00 48.76 ? 132 VAL A N   1 
ATOM   1001 C  CA  . VAL A 1 132 ? 4.026   7.097   -20.899 1.00 48.45 ? 132 VAL A CA  1 
ATOM   1002 C  C   . VAL A 1 132 ? 5.483   7.494   -20.743 1.00 49.23 ? 132 VAL A C   1 
ATOM   1003 O  O   . VAL A 1 132 ? 6.125   7.915   -21.704 1.00 52.50 ? 132 VAL A O   1 
ATOM   1004 C  CB  . VAL A 1 132 ? 3.284   8.272   -21.587 1.00 47.40 ? 132 VAL A CB  1 
ATOM   1005 C  CG1 . VAL A 1 132 ? 1.981   7.791   -22.188 1.00 43.25 ? 132 VAL A CG1 1 
ATOM   1006 C  CG2 . VAL A 1 132 ? 3.033   9.387   -20.578 1.00 46.32 ? 132 VAL A CG2 1 
ATOM   1007 N  N   . GLY A 1 133 ? 5.993   7.360   -19.524 1.00 48.42 ? 133 GLY A N   1 
ATOM   1008 C  CA  . GLY A 1 133 ? 7.367   7.720   -19.239 1.00 47.02 ? 133 GLY A CA  1 
ATOM   1009 C  C   . GLY A 1 133 ? 7.627   7.784   -17.744 1.00 47.39 ? 133 GLY A C   1 
ATOM   1010 O  O   . GLY A 1 133 ? 6.745   7.480   -16.946 1.00 48.05 ? 133 GLY A O   1 
ATOM   1011 N  N   . PRO A 1 134 ? 8.830   8.193   -17.332 1.00 46.69 ? 134 PRO A N   1 
ATOM   1012 C  CA  . PRO A 1 134 ? 9.188   8.287   -15.916 1.00 45.81 ? 134 PRO A CA  1 
ATOM   1013 C  C   . PRO A 1 134 ? 8.424   9.361   -15.143 1.00 43.79 ? 134 PRO A C   1 
ATOM   1014 O  O   . PRO A 1 134 ? 8.153   10.438  -15.656 1.00 42.54 ? 134 PRO A O   1 
ATOM   1015 C  CB  . PRO A 1 134 ? 10.690  8.594   -15.954 1.00 46.83 ? 134 PRO A CB  1 
ATOM   1016 C  CG  . PRO A 1 134 ? 11.121  8.205   -17.342 1.00 48.85 ? 134 PRO A CG  1 
ATOM   1017 C  CD  . PRO A 1 134 ? 9.957   8.607   -18.181 1.00 47.30 ? 134 PRO A CD  1 
ATOM   1018 N  N   . VAL A 1 135 ? 8.075   9.052   -13.900 1.00 43.78 ? 135 VAL A N   1 
ATOM   1019 C  CA  . VAL A 1 135 ? 7.385   10.007  -13.038 1.00 43.56 ? 135 VAL A CA  1 
ATOM   1020 C  C   . VAL A 1 135 ? 8.189   10.139  -11.754 1.00 43.43 ? 135 VAL A C   1 
ATOM   1021 O  O   . VAL A 1 135 ? 8.500   9.146   -11.098 1.00 43.50 ? 135 VAL A O   1 
ATOM   1022 C  CB  . VAL A 1 135 ? 5.963   9.556   -12.670 1.00 41.87 ? 135 VAL A CB  1 
ATOM   1023 C  CG1 . VAL A 1 135 ? 5.347   10.554  -11.668 1.00 38.34 ? 135 VAL A CG1 1 
ATOM   1024 C  CG2 . VAL A 1 135 ? 5.110   9.473   -13.924 1.00 38.95 ? 135 VAL A CG2 1 
ATOM   1025 N  N   . PRO A 1 136 ? 8.542   11.374  -11.380 1.00 43.19 ? 136 PRO A N   1 
ATOM   1026 C  CA  . PRO A 1 136 ? 9.320   11.577  -10.155 1.00 42.29 ? 136 PRO A CA  1 
ATOM   1027 C  C   . PRO A 1 136 ? 8.465   11.503  -8.892  1.00 42.27 ? 136 PRO A C   1 
ATOM   1028 O  O   . PRO A 1 136 ? 7.244   11.664  -8.943  1.00 41.71 ? 136 PRO A O   1 
ATOM   1029 C  CB  . PRO A 1 136 ? 9.908   12.960  -10.365 1.00 41.74 ? 136 PRO A CB  1 
ATOM   1030 C  CG  . PRO A 1 136 ? 8.767   13.675  -11.054 1.00 42.99 ? 136 PRO A CG  1 
ATOM   1031 C  CD  . PRO A 1 136 ? 8.289   12.653  -12.071 1.00 41.77 ? 136 PRO A CD  1 
ATOM   1032 N  N   . GLY A 1 137 ? 9.116   11.243  -7.765  1.00 41.00 ? 137 GLY A N   1 
ATOM   1033 C  CA  . GLY A 1 137 ? 8.411   11.192  -6.502  1.00 39.50 ? 137 GLY A CA  1 
ATOM   1034 C  C   . GLY A 1 137 ? 7.598   9.954   -6.202  1.00 38.78 ? 137 GLY A C   1 
ATOM   1035 O  O   . GLY A 1 137 ? 7.720   8.931   -6.862  1.00 38.88 ? 137 GLY A O   1 
ATOM   1036 N  N   . VAL A 1 138 ? 6.749   10.078  -5.189  1.00 38.49 ? 138 VAL A N   1 
ATOM   1037 C  CA  . VAL A 1 138 ? 5.904   8.995   -4.723  1.00 39.33 ? 138 VAL A CA  1 
ATOM   1038 C  C   . VAL A 1 138 ? 4.675   8.749   -5.592  1.00 41.18 ? 138 VAL A C   1 
ATOM   1039 O  O   . VAL A 1 138 ? 4.121   9.671   -6.197  1.00 41.87 ? 138 VAL A O   1 
ATOM   1040 C  CB  . VAL A 1 138 ? 5.433   9.268   -3.289  1.00 39.61 ? 138 VAL A CB  1 
ATOM   1041 C  CG1 . VAL A 1 138 ? 6.626   9.334   -2.350  1.00 38.35 ? 138 VAL A CG1 1 
ATOM   1042 C  CG2 . VAL A 1 138 ? 4.658   10.571  -3.255  1.00 39.54 ? 138 VAL A CG2 1 
ATOM   1043 N  N   . GLY A 1 139 ? 4.246   7.494   -5.652  1.00 40.18 ? 139 GLY A N   1 
ATOM   1044 C  CA  . GLY A 1 139 ? 3.079   7.172   -6.442  1.00 39.90 ? 139 GLY A CA  1 
ATOM   1045 C  C   . GLY A 1 139 ? 2.690   5.717   -6.338  1.00 39.54 ? 139 GLY A C   1 
ATOM   1046 O  O   . GLY A 1 139 ? 3.386   4.899   -5.738  1.00 38.44 ? 139 GLY A O   1 
ATOM   1047 N  N   . VAL A 1 140 ? 1.542   5.398   -6.908  1.00 38.84 ? 140 VAL A N   1 
ATOM   1048 C  CA  . VAL A 1 140 ? 1.072   4.032   -6.907  1.00 40.71 ? 140 VAL A CA  1 
ATOM   1049 C  C   . VAL A 1 140 ? 0.998   3.624   -8.365  1.00 40.40 ? 140 VAL A C   1 
ATOM   1050 O  O   . VAL A 1 140 ? 0.265   4.215   -9.144  1.00 37.90 ? 140 VAL A O   1 
ATOM   1051 C  CB  . VAL A 1 140 ? -0.324  3.910   -6.252  1.00 42.26 ? 140 VAL A CB  1 
ATOM   1052 C  CG1 . VAL A 1 140 ? -0.762  2.450   -6.225  1.00 44.39 ? 140 VAL A CG1 1 
ATOM   1053 C  CG2 . VAL A 1 140 ? -0.282  4.465   -4.838  1.00 42.03 ? 140 VAL A CG2 1 
ATOM   1054 N  N   . TYR A 1 141 ? 1.802   2.635   -8.735  1.00 42.79 ? 141 TYR A N   1 
ATOM   1055 C  CA  . TYR A 1 141 ? 1.816   2.133   -10.097 1.00 43.12 ? 141 TYR A CA  1 
ATOM   1056 C  C   . TYR A 1 141 ? 0.879   0.959   -10.104 1.00 43.18 ? 141 TYR A C   1 
ATOM   1057 O  O   . TYR A 1 141 ? 0.790   0.243   -9.113  1.00 43.81 ? 141 TYR A O   1 
ATOM   1058 C  CB  . TYR A 1 141 ? 3.233   1.721   -10.475 1.00 44.77 ? 141 TYR A CB  1 
ATOM   1059 C  CG  . TYR A 1 141 ? 4.135   2.922   -10.576 1.00 47.73 ? 141 TYR A CG  1 
ATOM   1060 C  CD1 . TYR A 1 141 ? 4.432   3.489   -11.811 1.00 47.33 ? 141 TYR A CD1 1 
ATOM   1061 C  CD2 . TYR A 1 141 ? 4.622   3.551   -9.424  1.00 47.37 ? 141 TYR A CD2 1 
ATOM   1062 C  CE1 . TYR A 1 141 ? 5.185   4.656   -11.903 1.00 48.47 ? 141 TYR A CE1 1 
ATOM   1063 C  CE2 . TYR A 1 141 ? 5.378   4.719   -9.507  1.00 48.36 ? 141 TYR A CE2 1 
ATOM   1064 C  CZ  . TYR A 1 141 ? 5.653   5.268   -10.749 1.00 48.07 ? 141 TYR A CZ  1 
ATOM   1065 O  OH  . TYR A 1 141 ? 6.372   6.436   -10.847 1.00 48.82 ? 141 TYR A OH  1 
ATOM   1066 N  N   . ALA A 1 142 ? 0.169   0.754   -11.207 1.00 43.87 ? 142 ALA A N   1 
ATOM   1067 C  CA  . ALA A 1 142 ? -0.784  -0.341  -11.240 1.00 42.52 ? 142 ALA A CA  1 
ATOM   1068 C  C   . ALA A 1 142 ? -1.222  -0.785  -12.617 1.00 42.55 ? 142 ALA A C   1 
ATOM   1069 O  O   . ALA A 1 142 ? -0.905  -0.162  -13.627 1.00 42.06 ? 142 ALA A O   1 
ATOM   1070 C  CB  . ALA A 1 142 ? -2.016  0.054   -10.425 1.00 40.01 ? 142 ALA A CB  1 
ATOM   1071 N  N   . ASN A 1 143 ? -1.945  -1.898  -12.628 1.00 43.55 ? 143 ASN A N   1 
ATOM   1072 C  CA  . ASN A 1 143 ? -2.547  -2.456  -13.828 1.00 45.25 ? 143 ASN A CA  1 
ATOM   1073 C  C   . ASN A 1 143 ? -3.885  -2.991  -13.334 1.00 45.95 ? 143 ASN A C   1 
ATOM   1074 O  O   . ASN A 1 143 ? -4.375  -2.527  -12.305 1.00 44.77 ? 143 ASN A O   1 
ATOM   1075 C  CB  . ASN A 1 143 ? -1.664  -3.541  -14.491 1.00 45.25 ? 143 ASN A CB  1 
ATOM   1076 C  CG  . ASN A 1 143 ? -1.370  -4.737  -13.596 1.00 44.05 ? 143 ASN A CG  1 
ATOM   1077 O  OD1 . ASN A 1 143 ? -0.483  -5.533  -13.907 1.00 46.46 ? 143 ASN A OD1 1 
ATOM   1078 N  ND2 . ASN A 1 143 ? -2.105  -4.878  -12.505 1.00 43.51 ? 143 ASN A ND2 1 
ATOM   1079 N  N   . SER A 1 144 ? -4.474  -3.953  -14.030 1.00 48.31 ? 144 SER A N   1 
ATOM   1080 C  CA  . SER A 1 144 ? -5.778  -4.470  -13.625 1.00 49.44 ? 144 SER A CA  1 
ATOM   1081 C  C   . SER A 1 144 ? -5.803  -5.466  -12.459 1.00 49.61 ? 144 SER A C   1 
ATOM   1082 O  O   . SER A 1 144 ? -6.877  -5.825  -11.971 1.00 50.19 ? 144 SER A O   1 
ATOM   1083 C  CB  . SER A 1 144 ? -6.485  -5.082  -14.841 1.00 50.42 ? 144 SER A CB  1 
ATOM   1084 O  OG  . SER A 1 144 ? -5.749  -6.171  -15.376 1.00 52.35 ? 144 SER A OG  1 
ATOM   1085 N  N   . LEU A 1 145 ? -4.636  -5.896  -11.992 1.00 49.41 ? 145 LEU A N   1 
ATOM   1086 C  CA  . LEU A 1 145 ? -4.578  -6.857  -10.892 1.00 47.68 ? 145 LEU A CA  1 
ATOM   1087 C  C   . LEU A 1 145 ? -3.656  -6.485  -9.748  1.00 46.18 ? 145 LEU A C   1 
ATOM   1088 O  O   . LEU A 1 145 ? -3.863  -6.930  -8.620  1.00 47.03 ? 145 LEU A O   1 
ATOM   1089 C  CB  . LEU A 1 145 ? -4.154  -8.233  -11.419 1.00 48.81 ? 145 LEU A CB  1 
ATOM   1090 C  CG  . LEU A 1 145 ? -5.251  -9.071  -12.088 1.00 51.23 ? 145 LEU A CG  1 
ATOM   1091 C  CD1 . LEU A 1 145 ? -4.642  -9.962  -13.163 1.00 51.54 ? 145 LEU A CD1 1 
ATOM   1092 C  CD2 . LEU A 1 145 ? -5.984  -9.895  -11.030 1.00 49.17 ? 145 LEU A CD2 1 
ATOM   1093 N  N   . HIS A 1 146 ? -2.639  -5.673  -10.017 1.00 43.97 ? 146 HIS A N   1 
ATOM   1094 C  CA  . HIS A 1 146 ? -1.693  -5.333  -8.963  1.00 41.95 ? 146 HIS A CA  1 
ATOM   1095 C  C   . HIS A 1 146 ? -1.328  -3.865  -8.847  1.00 41.28 ? 146 HIS A C   1 
ATOM   1096 O  O   . HIS A 1 146 ? -1.621  -3.064  -9.729  1.00 42.86 ? 146 HIS A O   1 
ATOM   1097 C  CB  . HIS A 1 146 ? -0.430  -6.153  -9.177  1.00 41.27 ? 146 HIS A CB  1 
ATOM   1098 C  CG  . HIS A 1 146 ? -0.702  -7.585  -9.516  1.00 43.49 ? 146 HIS A CG  1 
ATOM   1099 N  ND1 . HIS A 1 146 ? -1.067  -8.518  -8.570  1.00 41.21 ? 146 HIS A ND1 1 
ATOM   1100 C  CD2 . HIS A 1 146 ? -0.702  -8.235  -10.704 1.00 42.63 ? 146 HIS A CD2 1 
ATOM   1101 C  CE1 . HIS A 1 146 ? -1.275  -9.681  -9.158  1.00 38.72 ? 146 HIS A CE1 1 
ATOM   1102 N  NE2 . HIS A 1 146 ? -1.062  -9.536  -10.453 1.00 41.75 ? 146 HIS A NE2 1 
ATOM   1103 N  N   . VAL A 1 147 ? -0.687  -3.522  -7.736  1.00 39.85 ? 147 VAL A N   1 
ATOM   1104 C  CA  . VAL A 1 147 ? -0.235  -2.160  -7.493  1.00 37.68 ? 147 VAL A CA  1 
ATOM   1105 C  C   . VAL A 1 147 ? 1.130   -2.221  -6.822  1.00 38.27 ? 147 VAL A C   1 
ATOM   1106 O  O   . VAL A 1 147 ? 1.517   -3.254  -6.274  1.00 37.07 ? 147 VAL A O   1 
ATOM   1107 C  CB  . VAL A 1 147 ? -1.203  -1.357  -6.567  1.00 36.75 ? 147 VAL A CB  1 
ATOM   1108 C  CG1 . VAL A 1 147 ? -2.592  -1.308  -7.173  1.00 34.22 ? 147 VAL A CG1 1 
ATOM   1109 C  CG2 . VAL A 1 147 ? -1.233  -1.959  -5.178  1.00 34.20 ? 147 VAL A CG2 1 
ATOM   1110 N  N   . SER A 1 148 ? 1.852   -1.108  -6.868  1.00 38.70 ? 148 SER A N   1 
ATOM   1111 C  CA  . SER A 1 148 ? 3.172   -1.009  -6.259  1.00 38.17 ? 148 SER A CA  1 
ATOM   1112 C  C   . SER A 1 148 ? 3.505   0.462   -6.076  1.00 39.56 ? 148 SER A C   1 
ATOM   1113 O  O   . SER A 1 148 ? 2.864   1.334   -6.677  1.00 38.17 ? 148 SER A O   1 
ATOM   1114 C  CB  . SER A 1 148 ? 4.231   -1.667  -7.151  1.00 38.11 ? 148 SER A CB  1 
ATOM   1115 O  OG  . SER A 1 148 ? 5.508   -1.642  -6.532  1.00 38.54 ? 148 SER A OG  1 
ATOM   1116 N  N   . ASP A 1 149 ? 4.506   0.740   -5.246  1.00 39.98 ? 149 ASP A N   1 
ATOM   1117 C  CA  . ASP A 1 149 ? 4.913   2.118   -5.009  1.00 42.23 ? 149 ASP A CA  1 
ATOM   1118 C  C   . ASP A 1 149 ? 6.017   2.506   -5.996  1.00 42.01 ? 149 ASP A C   1 
ATOM   1119 O  O   . ASP A 1 149 ? 6.504   3.633   -6.011  1.00 42.51 ? 149 ASP A O   1 
ATOM   1120 C  CB  . ASP A 1 149 ? 5.369   2.289   -3.553  1.00 40.93 ? 149 ASP A CB  1 
ATOM   1121 C  CG  . ASP A 1 149 ? 6.659   1.556   -3.247  1.00 43.74 ? 149 ASP A CG  1 
ATOM   1122 O  OD1 . ASP A 1 149 ? 6.785   0.362   -3.597  1.00 47.14 ? 149 ASP A OD1 1 
ATOM   1123 O  OD2 . ASP A 1 149 ? 7.548   2.181   -2.638  1.00 43.22 ? 149 ASP A OD2 1 
ATOM   1124 N  N   . LYS A 1 150 ? 6.391   1.552   -6.836  1.00 43.31 ? 150 LYS A N   1 
ATOM   1125 C  CA  . LYS A 1 150 ? 7.417   1.767   -7.848  1.00 44.74 ? 150 LYS A CA  1 
ATOM   1126 C  C   . LYS A 1 150 ? 6.969   1.117   -9.156  1.00 43.52 ? 150 LYS A C   1 
ATOM   1127 O  O   . LYS A 1 150 ? 6.141   0.210   -9.153  1.00 42.15 ? 150 LYS A O   1 
ATOM   1128 C  CB  . LYS A 1 150 ? 8.752   1.171   -7.384  1.00 46.06 ? 150 LYS A CB  1 
ATOM   1129 C  CG  . LYS A 1 150 ? 9.491   2.022   -6.353  1.00 50.22 ? 150 LYS A CG  1 
ATOM   1130 C  CD  . LYS A 1 150 ? 10.038  3.296   -6.996  1.00 54.32 ? 150 LYS A CD  1 
ATOM   1131 C  CE  . LYS A 1 150 ? 10.909  4.109   -6.044  1.00 57.12 ? 150 LYS A CE  1 
ATOM   1132 N  NZ  . LYS A 1 150 ? 10.121  4.693   -4.921  1.00 61.92 ? 150 LYS A NZ  1 
ATOM   1133 N  N   . PRO A 1 151 ? 7.498   1.591   -10.294 1.00 42.86 ? 151 PRO A N   1 
ATOM   1134 C  CA  . PRO A 1 151 ? 7.139   1.039   -11.602 1.00 42.48 ? 151 PRO A CA  1 
ATOM   1135 C  C   . PRO A 1 151 ? 7.493   -0.438  -11.680 1.00 42.30 ? 151 PRO A C   1 
ATOM   1136 O  O   . PRO A 1 151 ? 8.397   -0.900  -10.984 1.00 43.31 ? 151 PRO A O   1 
ATOM   1137 C  CB  . PRO A 1 151 ? 7.982   1.869   -12.568 1.00 41.94 ? 151 PRO A CB  1 
ATOM   1138 C  CG  . PRO A 1 151 ? 8.165   3.156   -11.849 1.00 39.53 ? 151 PRO A CG  1 
ATOM   1139 C  CD  . PRO A 1 151 ? 8.453   2.699   -10.447 1.00 40.91 ? 151 PRO A CD  1 
ATOM   1140 N  N   . PHE A 1 152 ? 6.775   -1.175  -12.517 1.00 41.59 ? 152 PHE A N   1 
ATOM   1141 C  CA  . PHE A 1 152 ? 7.046   -2.596  -12.693 1.00 43.78 ? 152 PHE A CA  1 
ATOM   1142 C  C   . PHE A 1 152 ? 6.596   -3.085  -14.063 1.00 46.43 ? 152 PHE A C   1 
ATOM   1143 O  O   . PHE A 1 152 ? 5.744   -2.473  -14.704 1.00 46.75 ? 152 PHE A O   1 
ATOM   1144 C  CB  . PHE A 1 152 ? 6.377   -3.441  -11.586 1.00 42.94 ? 152 PHE A CB  1 
ATOM   1145 C  CG  . PHE A 1 152 ? 4.863   -3.355  -11.544 1.00 42.02 ? 152 PHE A CG  1 
ATOM   1146 C  CD1 . PHE A 1 152 ? 4.224   -2.399  -10.754 1.00 40.64 ? 152 PHE A CD1 1 
ATOM   1147 C  CD2 . PHE A 1 152 ? 4.075   -4.269  -12.257 1.00 41.84 ? 152 PHE A CD2 1 
ATOM   1148 C  CE1 . PHE A 1 152 ? 2.825   -2.355  -10.666 1.00 42.43 ? 152 PHE A CE1 1 
ATOM   1149 C  CE2 . PHE A 1 152 ? 2.670   -4.241  -12.183 1.00 40.97 ? 152 PHE A CE2 1 
ATOM   1150 C  CZ  . PHE A 1 152 ? 2.042   -3.285  -11.386 1.00 43.14 ? 152 PHE A CZ  1 
ATOM   1151 N  N   . PRO A 1 153 ? 7.189   -4.183  -14.543 1.00 48.26 ? 153 PRO A N   1 
ATOM   1152 C  CA  . PRO A 1 153 ? 6.822   -4.737  -15.847 1.00 48.96 ? 153 PRO A CA  1 
ATOM   1153 C  C   . PRO A 1 153 ? 5.330   -5.067  -15.851 1.00 49.96 ? 153 PRO A C   1 
ATOM   1154 O  O   . PRO A 1 153 ? 4.881   -5.929  -15.096 1.00 51.08 ? 153 PRO A O   1 
ATOM   1155 C  CB  . PRO A 1 153 ? 7.688   -5.989  -15.938 1.00 49.22 ? 153 PRO A CB  1 
ATOM   1156 C  CG  . PRO A 1 153 ? 8.921   -5.587  -15.186 1.00 48.88 ? 153 PRO A CG  1 
ATOM   1157 C  CD  . PRO A 1 153 ? 8.329   -4.916  -13.967 1.00 49.41 ? 153 PRO A CD  1 
ATOM   1158 N  N   . GLY A 1 154 ? 4.568   -4.378  -16.693 1.00 49.47 ? 154 GLY A N   1 
ATOM   1159 C  CA  . GLY A 1 154 ? 3.141   -4.625  -16.749 1.00 49.43 ? 154 GLY A CA  1 
ATOM   1160 C  C   . GLY A 1 154 ? 2.302   -3.428  -16.335 1.00 50.53 ? 154 GLY A C   1 
ATOM   1161 O  O   . GLY A 1 154 ? 1.231   -3.211  -16.893 1.00 52.61 ? 154 GLY A O   1 
ATOM   1162 N  N   . ALA A 1 155 ? 2.773   -2.650  -15.363 1.00 50.30 ? 155 ALA A N   1 
ATOM   1163 C  CA  . ALA A 1 155 ? 2.025   -1.477  -14.903 1.00 49.11 ? 155 ALA A CA  1 
ATOM   1164 C  C   . ALA A 1 155 ? 1.578   -0.616  -16.088 1.00 48.81 ? 155 ALA A C   1 
ATOM   1165 O  O   . ALA A 1 155 ? 2.336   -0.401  -17.031 1.00 48.55 ? 155 ALA A O   1 
ATOM   1166 C  CB  . ALA A 1 155 ? 2.874   -0.655  -13.941 1.00 46.24 ? 155 ALA A CB  1 
ATOM   1167 N  N   . THR A 1 156 ? 0.346   -0.121  -16.032 1.00 48.24 ? 156 THR A N   1 
ATOM   1168 C  CA  . THR A 1 156 ? -0.196  0.696   -17.109 1.00 48.16 ? 156 THR A CA  1 
ATOM   1169 C  C   . THR A 1 156 ? -0.623  2.074   -16.625 1.00 47.74 ? 156 THR A C   1 
ATOM   1170 O  O   . THR A 1 156 ? -0.794  2.990   -17.425 1.00 48.82 ? 156 THR A O   1 
ATOM   1171 C  CB  . THR A 1 156 ? -1.428  0.021   -17.751 1.00 47.64 ? 156 THR A CB  1 
ATOM   1172 O  OG1 . THR A 1 156 ? -2.513  0.036   -16.818 1.00 47.98 ? 156 THR A OG1 1 
ATOM   1173 C  CG2 . THR A 1 156 ? -1.121  -1.423  -18.118 1.00 45.51 ? 156 THR A CG2 1 
ATOM   1174 N  N   . HIS A 1 157 ? -0.798  2.222   -15.318 1.00 46.96 ? 157 HIS A N   1 
ATOM   1175 C  CA  . HIS A 1 157 ? -1.220  3.502   -14.765 1.00 47.35 ? 157 HIS A CA  1 
ATOM   1176 C  C   . HIS A 1 157 ? -0.478  3.906   -13.503 1.00 47.13 ? 157 HIS A C   1 
ATOM   1177 O  O   . HIS A 1 157 ? 0.022   3.064   -12.760 1.00 47.27 ? 157 HIS A O   1 
ATOM   1178 C  CB  . HIS A 1 157 ? -2.720  3.466   -14.483 1.00 49.30 ? 157 HIS A CB  1 
ATOM   1179 C  CG  . HIS A 1 157 ? -3.549  3.290   -15.713 1.00 51.97 ? 157 HIS A CG  1 
ATOM   1180 N  ND1 . HIS A 1 157 ? -3.810  4.324   -16.584 1.00 52.98 ? 157 HIS A ND1 1 
ATOM   1181 C  CD2 . HIS A 1 157 ? -4.101  2.183   -16.262 1.00 51.97 ? 157 HIS A CD2 1 
ATOM   1182 C  CE1 . HIS A 1 157 ? -4.482  3.861   -17.622 1.00 53.05 ? 157 HIS A CE1 1 
ATOM   1183 N  NE2 . HIS A 1 157 ? -4.671  2.565   -17.452 1.00 54.21 ? 157 HIS A NE2 1 
ATOM   1184 N  N   . VAL A 1 158 ? -0.406  5.212   -13.275 1.00 46.37 ? 158 VAL A N   1 
ATOM   1185 C  CA  . VAL A 1 158 ? 0.251   5.736   -12.090 1.00 43.76 ? 158 VAL A CA  1 
ATOM   1186 C  C   . VAL A 1 158 ? -0.654  6.766   -11.433 1.00 43.87 ? 158 VAL A C   1 
ATOM   1187 O  O   . VAL A 1 158 ? -1.170  7.667   -12.087 1.00 43.85 ? 158 VAL A O   1 
ATOM   1188 C  CB  . VAL A 1 158 ? 1.605   6.380   -12.433 1.00 43.25 ? 158 VAL A CB  1 
ATOM   1189 C  CG1 . VAL A 1 158 ? 1.407   7.522   -13.413 1.00 40.94 ? 158 VAL A CG1 1 
ATOM   1190 C  CG2 . VAL A 1 158 ? 2.289   6.861   -11.156 1.00 43.58 ? 158 VAL A CG2 1 
ATOM   1191 N  N   . LEU A 1 159 ? -0.856  6.602   -10.131 1.00 43.48 ? 159 LEU A N   1 
ATOM   1192 C  CA  . LEU A 1 159 ? -1.692  7.495   -9.340  1.00 43.31 ? 159 LEU A CA  1 
ATOM   1193 C  C   . LEU A 1 159 ? -0.782  8.519   -8.670  1.00 44.09 ? 159 LEU A C   1 
ATOM   1194 O  O   . LEU A 1 159 ? 0.089   8.160   -7.867  1.00 44.61 ? 159 LEU A O   1 
ATOM   1195 C  CB  . LEU A 1 159 ? -2.441  6.688   -8.280  1.00 41.73 ? 159 LEU A CB  1 
ATOM   1196 C  CG  . LEU A 1 159 ? -3.314  7.426   -7.266  1.00 44.01 ? 159 LEU A CG  1 
ATOM   1197 C  CD1 . LEU A 1 159 ? -4.488  8.079   -7.969  1.00 42.37 ? 159 LEU A CD1 1 
ATOM   1198 C  CD2 . LEU A 1 159 ? -3.806  6.438   -6.210  1.00 43.85 ? 159 LEU A CD2 1 
ATOM   1199 N  N   . THR A 1 160 ? -0.967  9.793   -9.001  1.00 42.45 ? 160 THR A N   1 
ATOM   1200 C  CA  . THR A 1 160 ? -0.133  10.819  -8.399  1.00 42.01 ? 160 THR A CA  1 
ATOM   1201 C  C   . THR A 1 160 ? -0.871  12.129  -8.187  1.00 42.14 ? 160 THR A C   1 
ATOM   1202 O  O   . THR A 1 160 ? -1.859  12.421  -8.854  1.00 41.95 ? 160 THR A O   1 
ATOM   1203 C  CB  . THR A 1 160 ? 1.123   11.086  -9.256  1.00 42.76 ? 160 THR A CB  1 
ATOM   1204 O  OG1 . THR A 1 160 ? 1.979   12.012  -8.578  1.00 39.56 ? 160 THR A OG1 1 
ATOM   1205 C  CG2 . THR A 1 160 ? 0.731   11.662  -10.611 1.00 42.13 ? 160 THR A CG2 1 
ATOM   1206 N  N   . ASN A 1 161 ? -0.379  12.916  -7.243  1.00 43.08 ? 161 ASN A N   1 
ATOM   1207 C  CA  . ASN A 1 161 ? -0.978  14.207  -6.947  1.00 43.90 ? 161 ASN A CA  1 
ATOM   1208 C  C   . ASN A 1 161 ? -0.146  15.288  -7.611  1.00 42.39 ? 161 ASN A C   1 
ATOM   1209 O  O   . ASN A 1 161 ? -0.383  16.473  -7.424  1.00 45.00 ? 161 ASN A O   1 
ATOM   1210 C  CB  . ASN A 1 161 ? -1.046  14.447  -5.431  1.00 44.36 ? 161 ASN A CB  1 
ATOM   1211 C  CG  . ASN A 1 161 ? 0.326   14.510  -4.779  1.00 44.68 ? 161 ASN A CG  1 
ATOM   1212 O  OD1 . ASN A 1 161 ? 0.445   14.875  -3.610  1.00 47.28 ? 161 ASN A OD1 1 
ATOM   1213 N  ND2 . ASN A 1 161 ? 1.363   14.148  -5.525  1.00 44.10 ? 161 ASN A ND2 1 
ATOM   1214 N  N   . LEU A 1 162 ? 0.829   14.855  -8.393  1.00 40.95 ? 162 LEU A N   1 
ATOM   1215 C  CA  . LEU A 1 162 ? 1.725   15.748  -9.110  1.00 43.90 ? 162 LEU A CA  1 
ATOM   1216 C  C   . LEU A 1 162 ? 1.006   16.321  -10.344 1.00 44.61 ? 162 LEU A C   1 
ATOM   1217 O  O   . LEU A 1 162 ? 0.308   15.595  -11.057 1.00 46.86 ? 162 LEU A O   1 
ATOM   1218 C  CB  . LEU A 1 162 ? 2.963   14.948  -9.526  1.00 43.29 ? 162 LEU A CB  1 
ATOM   1219 C  CG  . LEU A 1 162 ? 4.378   15.516  -9.514  1.00 42.31 ? 162 LEU A CG  1 
ATOM   1220 C  CD1 . LEU A 1 162 ? 4.676   16.220  -8.204  1.00 42.60 ? 162 LEU A CD1 1 
ATOM   1221 C  CD2 . LEU A 1 162 ? 5.347   14.369  -9.724  1.00 39.64 ? 162 LEU A CD2 1 
ATOM   1222 N  N   . PRO A 1 163 ? 1.145   17.632  -10.600 1.00 45.47 ? 163 PRO A N   1 
ATOM   1223 C  CA  . PRO A 1 163 ? 0.487   18.244  -11.767 1.00 45.91 ? 163 PRO A CA  1 
ATOM   1224 C  C   . PRO A 1 163 ? 1.139   17.835  -13.095 1.00 47.41 ? 163 PRO A C   1 
ATOM   1225 O  O   . PRO A 1 163 ? 1.776   18.651  -13.763 1.00 47.71 ? 163 PRO A O   1 
ATOM   1226 C  CB  . PRO A 1 163 ? 0.614   19.739  -11.486 1.00 44.19 ? 163 PRO A CB  1 
ATOM   1227 C  CG  . PRO A 1 163 ? 1.881   19.829  -10.693 1.00 44.27 ? 163 PRO A CG  1 
ATOM   1228 C  CD  . PRO A 1 163 ? 1.774   18.659  -9.750  1.00 45.24 ? 163 PRO A CD  1 
ATOM   1229 N  N   . LEU A 1 164 ? 0.956   16.572  -13.474 1.00 48.65 ? 164 LEU A N   1 
ATOM   1230 C  CA  . LEU A 1 164 ? 1.543   16.024  -14.693 1.00 52.92 ? 164 LEU A CA  1 
ATOM   1231 C  C   . LEU A 1 164 ? 1.062   16.633  -16.014 1.00 55.11 ? 164 LEU A C   1 
ATOM   1232 O  O   . LEU A 1 164 ? -0.001  17.251  -16.070 1.00 56.05 ? 164 LEU A O   1 
ATOM   1233 C  CB  . LEU A 1 164 ? 1.340   14.505  -14.718 1.00 52.51 ? 164 LEU A CB  1 
ATOM   1234 C  CG  . LEU A 1 164 ? 2.031   13.740  -13.585 1.00 53.20 ? 164 LEU A CG  1 
ATOM   1235 C  CD1 . LEU A 1 164 ? 1.891   12.240  -13.833 1.00 53.46 ? 164 LEU A CD1 1 
ATOM   1236 C  CD2 . LEU A 1 164 ? 3.501   14.136  -13.506 1.00 47.83 ? 164 LEU A CD2 1 
ATOM   1237 N  N   . PRO A 1 165 ? 1.846   16.456  -17.097 1.00 57.56 ? 165 PRO A N   1 
ATOM   1238 C  CA  . PRO A 1 165 ? 1.540   16.973  -18.436 1.00 59.19 ? 165 PRO A CA  1 
ATOM   1239 C  C   . PRO A 1 165 ? 0.481   16.144  -19.166 1.00 60.60 ? 165 PRO A C   1 
ATOM   1240 O  O   . PRO A 1 165 ? -0.297  16.678  -19.952 1.00 60.54 ? 165 PRO A O   1 
ATOM   1241 C  CB  . PRO A 1 165 ? 2.893   16.922  -19.132 1.00 57.47 ? 165 PRO A CB  1 
ATOM   1242 C  CG  . PRO A 1 165 ? 3.443   15.647  -18.621 1.00 59.42 ? 165 PRO A CG  1 
ATOM   1243 C  CD  . PRO A 1 165 ? 3.136   15.738  -17.120 1.00 59.49 ? 165 PRO A CD  1 
ATOM   1244 N  N   . GLN A 1 166 ? 0.463   14.840  -18.914 1.00 62.44 ? 166 GLN A N   1 
ATOM   1245 C  CA  . GLN A 1 166 ? -0.520  13.966  -19.541 1.00 64.47 ? 166 GLN A CA  1 
ATOM   1246 C  C   . GLN A 1 166 ? -1.907  14.442  -19.139 1.00 64.94 ? 166 GLN A C   1 
ATOM   1247 O  O   . GLN A 1 166 ? -2.050  15.445  -18.438 1.00 65.58 ? 166 GLN A O   1 
ATOM   1248 C  CB  . GLN A 1 166 ? -0.342  12.512  -19.083 1.00 65.93 ? 166 GLN A CB  1 
ATOM   1249 C  CG  . GLN A 1 166 ? 1.003   11.902  -19.422 1.00 67.82 ? 166 GLN A CG  1 
ATOM   1250 C  CD  . GLN A 1 166 ? 1.812   11.545  -18.189 1.00 69.21 ? 166 GLN A CD  1 
ATOM   1251 O  OE1 . GLN A 1 166 ? 1.434   10.659  -17.420 1.00 67.71 ? 166 GLN A OE1 1 
ATOM   1252 N  NE2 . GLN A 1 166 ? 2.931   12.241  -17.992 1.00 70.35 ? 166 GLN A NE2 1 
ATOM   1253 N  N   . ARG A 1 167 ? -2.927  13.710  -19.573 1.00 65.69 ? 167 ARG A N   1 
ATOM   1254 C  CA  . ARG A 1 167 ? -4.298  14.068  -19.252 1.00 66.17 ? 167 ARG A CA  1 
ATOM   1255 C  C   . ARG A 1 167 ? -4.835  13.085  -18.225 1.00 64.38 ? 167 ARG A C   1 
ATOM   1256 O  O   . ARG A 1 167 ? -4.855  11.877  -18.457 1.00 63.82 ? 167 ARG A O   1 
ATOM   1257 C  CB  . ARG A 1 167 ? -5.161  14.036  -20.517 1.00 69.80 ? 167 ARG A CB  1 
ATOM   1258 C  CG  . ARG A 1 167 ? -4.379  14.309  -21.799 1.00 75.60 ? 167 ARG A CG  1 
ATOM   1259 C  CD  . ARG A 1 167 ? -5.286  14.702  -22.964 1.00 80.59 ? 167 ARG A CD  1 
ATOM   1260 N  NE  . ARG A 1 167 ? -6.574  14.012  -22.929 1.00 83.79 ? 167 ARG A NE  1 
ATOM   1261 C  CZ  . ARG A 1 167 ? -7.726  14.602  -22.625 1.00 84.79 ? 167 ARG A CZ  1 
ATOM   1262 N  NH1 . ARG A 1 167 ? -8.853  13.900  -22.612 1.00 85.40 ? 167 ARG A NH1 1 
ATOM   1263 N  NH2 . ARG A 1 167 ? -7.751  15.899  -22.346 1.00 84.13 ? 167 ARG A NH2 1 
ATOM   1264 N  N   . PRO A 1 168 ? -5.282  13.594  -17.070 1.00 63.07 ? 168 PRO A N   1 
ATOM   1265 C  CA  . PRO A 1 168 ? -5.816  12.729  -16.017 1.00 63.57 ? 168 PRO A CA  1 
ATOM   1266 C  C   . PRO A 1 168 ? -7.025  11.917  -16.457 1.00 64.05 ? 168 PRO A C   1 
ATOM   1267 O  O   . PRO A 1 168 ? -7.741  12.304  -17.380 1.00 65.66 ? 168 PRO A O   1 
ATOM   1268 C  CB  . PRO A 1 168 ? -6.155  13.714  -14.899 1.00 63.10 ? 168 PRO A CB  1 
ATOM   1269 C  CG  . PRO A 1 168 ? -6.518  14.952  -15.650 1.00 62.47 ? 168 PRO A CG  1 
ATOM   1270 C  CD  . PRO A 1 168 ? -5.441  15.013  -16.710 1.00 62.53 ? 168 PRO A CD  1 
ATOM   1271 N  N   . LYS A 1 169 ? -7.228  10.780  -15.794 1.00 63.66 ? 169 LYS A N   1 
ATOM   1272 C  CA  . LYS A 1 169 ? -8.355  9.892   -16.056 1.00 62.71 ? 169 LYS A CA  1 
ATOM   1273 C  C   . LYS A 1 169 ? -9.541  10.440  -15.260 1.00 62.45 ? 169 LYS A C   1 
ATOM   1274 O  O   . LYS A 1 169 ? -9.370  10.886  -14.129 1.00 63.63 ? 169 LYS A O   1 
ATOM   1275 C  CB  . LYS A 1 169 ? -8.025  8.486   -15.566 1.00 63.08 ? 169 LYS A CB  1 
ATOM   1276 C  CG  . LYS A 1 169 ? -7.728  7.474   -16.652 1.00 64.83 ? 169 LYS A CG  1 
ATOM   1277 C  CD  . LYS A 1 169 ? -6.595  7.907   -17.537 1.00 67.71 ? 169 LYS A CD  1 
ATOM   1278 C  CE  . LYS A 1 169 ? -7.099  8.090   -18.956 1.00 70.48 ? 169 LYS A CE  1 
ATOM   1279 N  NZ  . LYS A 1 169 ? -7.727  6.846   -19.485 1.00 68.76 ? 169 LYS A NZ  1 
ATOM   1280 N  N   . PRO A 1 170 ? -10.758 10.420  -15.834 1.00 62.19 ? 170 PRO A N   1 
ATOM   1281 C  CA  . PRO A 1 170 ? -11.917 10.937  -15.097 1.00 61.18 ? 170 PRO A CA  1 
ATOM   1282 C  C   . PRO A 1 170 ? -11.955 10.328  -13.700 1.00 62.01 ? 170 PRO A C   1 
ATOM   1283 O  O   . PRO A 1 170 ? -11.315 9.310   -13.456 1.00 62.48 ? 170 PRO A O   1 
ATOM   1284 C  CB  . PRO A 1 170 ? -13.085 10.497  -15.962 1.00 59.92 ? 170 PRO A CB  1 
ATOM   1285 C  CG  . PRO A 1 170 ? -12.505 10.568  -17.340 1.00 59.44 ? 170 PRO A CG  1 
ATOM   1286 C  CD  . PRO A 1 170 ? -11.165 9.915   -17.155 1.00 60.78 ? 170 PRO A CD  1 
ATOM   1287 N  N   . GLU A 1 171 ? -12.692 10.932  -12.778 1.00 62.38 ? 171 GLU A N   1 
ATOM   1288 C  CA  . GLU A 1 171 ? -12.726 10.382  -11.433 1.00 64.14 ? 171 GLU A CA  1 
ATOM   1289 C  C   . GLU A 1 171 ? -13.421 9.036   -11.278 1.00 64.03 ? 171 GLU A C   1 
ATOM   1290 O  O   . GLU A 1 171 ? -13.342 8.418   -10.221 1.00 63.56 ? 171 GLU A O   1 
ATOM   1291 C  CB  . GLU A 1 171 ? -13.322 11.387  -10.456 1.00 65.57 ? 171 GLU A CB  1 
ATOM   1292 C  CG  . GLU A 1 171 ? -14.633 11.982  -10.855 1.00 69.75 ? 171 GLU A CG  1 
ATOM   1293 C  CD  . GLU A 1 171 ? -15.049 13.068  -9.888  1.00 72.64 ? 171 GLU A CD  1 
ATOM   1294 O  OE1 . GLU A 1 171 ? -15.072 12.792  -8.665  1.00 72.78 ? 171 GLU A OE1 1 
ATOM   1295 O  OE2 . GLU A 1 171 ? -15.348 14.195  -10.348 1.00 74.31 ? 171 GLU A OE2 1 
ATOM   1296 N  N   . ASP A 1 172 ? -14.101 8.573   -12.317 1.00 64.40 ? 172 ASP A N   1 
ATOM   1297 C  CA  . ASP A 1 172 ? -14.765 7.277   -12.223 1.00 65.60 ? 172 ASP A CA  1 
ATOM   1298 C  C   . ASP A 1 172 ? -13.795 6.151   -12.595 1.00 62.87 ? 172 ASP A C   1 
ATOM   1299 O  O   . ASP A 1 172 ? -14.076 4.977   -12.356 1.00 62.04 ? 172 ASP A O   1 
ATOM   1300 C  CB  . ASP A 1 172 ? -16.012 7.217   -13.128 1.00 69.06 ? 172 ASP A CB  1 
ATOM   1301 C  CG  . ASP A 1 172 ? -16.045 8.330   -14.171 1.00 73.45 ? 172 ASP A CG  1 
ATOM   1302 O  OD1 . ASP A 1 172 ? -16.236 9.507   -13.789 1.00 75.81 ? 172 ASP A OD1 1 
ATOM   1303 O  OD2 . ASP A 1 172 ? -15.880 8.028   -15.376 1.00 75.45 ? 172 ASP A OD2 1 
ATOM   1304 N  N   . PHE A 1 173 ? -12.645 6.521   -13.155 1.00 58.84 ? 173 PHE A N   1 
ATOM   1305 C  CA  . PHE A 1 173 ? -11.652 5.545   -13.573 1.00 57.58 ? 173 PHE A CA  1 
ATOM   1306 C  C   . PHE A 1 173 ? -10.736 5.012   -12.478 1.00 57.53 ? 173 PHE A C   1 
ATOM   1307 O  O   . PHE A 1 173 ? -10.296 5.749   -11.589 1.00 58.56 ? 173 PHE A O   1 
ATOM   1308 C  CB  . PHE A 1 173 ? -10.766 6.113   -14.685 1.00 57.26 ? 173 PHE A CB  1 
ATOM   1309 C  CG  . PHE A 1 173 ? -9.781  5.121   -15.225 1.00 58.83 ? 173 PHE A CG  1 
ATOM   1310 C  CD1 . PHE A 1 173 ? -10.153 4.236   -16.229 1.00 57.04 ? 173 PHE A CD1 1 
ATOM   1311 C  CD2 . PHE A 1 173 ? -8.504  5.015   -14.678 1.00 60.88 ? 173 PHE A CD2 1 
ATOM   1312 C  CE1 . PHE A 1 173 ? -9.273  3.257   -16.680 1.00 58.24 ? 173 PHE A CE1 1 
ATOM   1313 C  CE2 . PHE A 1 173 ? -7.612  4.034   -15.125 1.00 60.57 ? 173 PHE A CE2 1 
ATOM   1314 C  CZ  . PHE A 1 173 ? -8.002  3.153   -16.127 1.00 59.02 ? 173 PHE A CZ  1 
ATOM   1315 N  N   . CYS A 1 174 ? -10.444 3.719   -12.584 1.00 56.25 ? 174 CYS A N   1 
ATOM   1316 C  CA  . CYS A 1 174 ? -9.556  3.010   -11.672 1.00 55.64 ? 174 CYS A CA  1 
ATOM   1317 C  C   . CYS A 1 174 ? -9.012  1.826   -12.467 1.00 55.61 ? 174 CYS A C   1 
ATOM   1318 O  O   . CYS A 1 174 ? -9.779  1.005   -12.956 1.00 57.70 ? 174 CYS A O   1 
ATOM   1319 C  CB  . CYS A 1 174 ? -10.315 2.505   -10.439 1.00 52.86 ? 174 CYS A CB  1 
ATOM   1320 S  SG  . CYS A 1 174 ? -9.256  1.723   -9.178  1.00 51.35 ? 174 CYS A SG  1 
ATOM   1321 N  N   . PRO A 1 175 ? -7.684  1.725   -12.608 1.00 55.89 ? 175 PRO A N   1 
ATOM   1322 C  CA  . PRO A 1 175 ? -7.052  0.633   -13.358 1.00 54.44 ? 175 PRO A CA  1 
ATOM   1323 C  C   . PRO A 1 175 ? -7.480  -0.775  -12.952 1.00 53.05 ? 175 PRO A C   1 
ATOM   1324 O  O   . PRO A 1 175 ? -7.413  -1.705  -13.751 1.00 51.70 ? 175 PRO A O   1 
ATOM   1325 C  CB  . PRO A 1 175 ? -5.562  0.863   -13.106 1.00 54.68 ? 175 PRO A CB  1 
ATOM   1326 C  CG  . PRO A 1 175 ? -5.480  2.350   -12.954 1.00 55.71 ? 175 PRO A CG  1 
ATOM   1327 C  CD  . PRO A 1 175 ? -6.667  2.640   -12.064 1.00 54.98 ? 175 PRO A CD  1 
ATOM   1328 N  N   . PHE A 1 176 ? -7.932  -0.926  -11.715 1.00 52.57 ? 176 PHE A N   1 
ATOM   1329 C  CA  . PHE A 1 176 ? -8.308  -2.240  -11.208 1.00 53.83 ? 176 PHE A CA  1 
ATOM   1330 C  C   . PHE A 1 176 ? -9.635  -2.278  -10.456 1.00 55.01 ? 176 PHE A C   1 
ATOM   1331 O  O   . PHE A 1 176 ? -10.213 -1.240  -10.119 1.00 55.55 ? 176 PHE A O   1 
ATOM   1332 C  CB  . PHE A 1 176 ? -7.201  -2.740  -10.282 1.00 52.14 ? 176 PHE A CB  1 
ATOM   1333 C  CG  . PHE A 1 176 ? -6.846  -1.755  -9.201  1.00 51.97 ? 176 PHE A CG  1 
ATOM   1334 C  CD1 . PHE A 1 176 ? -7.633  -1.636  -8.061  1.00 52.22 ? 176 PHE A CD1 1 
ATOM   1335 C  CD2 . PHE A 1 176 ? -5.750  -0.909  -9.346  1.00 50.61 ? 176 PHE A CD2 1 
ATOM   1336 C  CE1 . PHE A 1 176 ? -7.333  -0.689  -7.085  1.00 54.05 ? 176 PHE A CE1 1 
ATOM   1337 C  CE2 . PHE A 1 176 ? -5.446  0.040   -8.376  1.00 50.48 ? 176 PHE A CE2 1 
ATOM   1338 C  CZ  . PHE A 1 176 ? -6.237  0.150   -7.245  1.00 51.61 ? 176 PHE A CZ  1 
ATOM   1339 N  N   . GLU A 1 177 ? -10.096 -3.498  -10.196 1.00 54.15 ? 177 GLU A N   1 
ATOM   1340 C  CA  . GLU A 1 177 ? -11.329 -3.743  -9.463  1.00 53.99 ? 177 GLU A CA  1 
ATOM   1341 C  C   . GLU A 1 177 ? -10.916 -4.337  -8.128  1.00 52.42 ? 177 GLU A C   1 
ATOM   1342 O  O   . GLU A 1 177 ? -11.536 -4.101  -7.098  1.00 52.22 ? 177 GLU A O   1 
ATOM   1343 C  CB  . GLU A 1 177 ? -12.196 -4.748  -10.213 1.00 57.28 ? 177 GLU A CB  1 
ATOM   1344 C  CG  . GLU A 1 177 ? -12.798 -4.215  -11.489 1.00 60.77 ? 177 GLU A CG  1 
ATOM   1345 C  CD  . GLU A 1 177 ? -13.824 -3.151  -11.202 1.00 63.90 ? 177 GLU A CD  1 
ATOM   1346 O  OE1 . GLU A 1 177 ? -13.428 -2.014  -10.863 1.00 65.10 ? 177 GLU A OE1 1 
ATOM   1347 O  OE2 . GLU A 1 177 ? -15.031 -3.464  -11.295 1.00 64.25 ? 177 GLU A OE2 1 
ATOM   1348 N  N   . CYS A 1 178 ? -9.848  -5.117  -8.167  1.00 50.99 ? 178 CYS A N   1 
ATOM   1349 C  CA  . CYS A 1 178 ? -9.334  -5.754  -6.974  1.00 51.50 ? 178 CYS A CA  1 
ATOM   1350 C  C   . CYS A 1 178 ? -7.840  -6.007  -7.116  1.00 51.94 ? 178 CYS A C   1 
ATOM   1351 O  O   . CYS A 1 178 ? -7.415  -6.959  -7.768  1.00 51.09 ? 178 CYS A O   1 
ATOM   1352 C  CB  . CYS A 1 178 ? -10.066 -7.072  -6.724  1.00 50.90 ? 178 CYS A CB  1 
ATOM   1353 S  SG  . CYS A 1 178 ? -9.405  -8.034  -5.359  1.00 53.30 ? 178 CYS A SG  1 
ATOM   1354 N  N   . ALA A 1 179 ? -7.047  -5.132  -6.514  1.00 51.24 ? 179 ALA A N   1 
ATOM   1355 C  CA  . ALA A 1 179 ? -5.609  -5.279  -6.550  1.00 49.84 ? 179 ALA A CA  1 
ATOM   1356 C  C   . ALA A 1 179 ? -5.232  -5.995  -5.263  1.00 50.24 ? 179 ALA A C   1 
ATOM   1357 O  O   . ALA A 1 179 ? -5.532  -5.528  -4.163  1.00 50.05 ? 179 ALA A O   1 
ATOM   1358 C  CB  . ALA A 1 179 ? -4.936  -3.911  -6.628  1.00 49.00 ? 179 ALA A CB  1 
ATOM   1359 N  N   . MET A 1 180 ? -4.597  -7.149  -5.408  1.00 50.25 ? 180 MET A N   1 
ATOM   1360 C  CA  . MET A 1 180 ? -4.172  -7.948  -4.267  1.00 51.07 ? 180 MET A CA  1 
ATOM   1361 C  C   . MET A 1 180 ? -2.789  -8.453  -4.593  1.00 51.09 ? 180 MET A C   1 
ATOM   1362 O  O   . MET A 1 180 ? -1.969  -8.643  -3.667  1.00 51.14 ? 180 MET A O   1 
ATOM   1363 C  CB  . MET A 1 180 ? -5.086  -9.153  -4.057  1.00 50.41 ? 180 MET A CB  1 
ATOM   1364 C  CG  . MET A 1 180 ? -6.508  -8.835  -3.693  1.00 53.16 ? 180 MET A CG  1 
ATOM   1365 S  SD  . MET A 1 180 ? -7.254  -10.305 -2.975  1.00 57.23 ? 180 MET A SD  1 
ATOM   1366 C  CE  . MET A 1 180 ? -7.497  -11.302 -4.448  1.00 59.59 ? 180 MET A CE  1 
ATOM   1367 O  OXT . MET A 1 180 ? -2.578  -8.675  -5.799  1.00 51.62 ? 180 MET A OXT 1 
HETATM 1368 ZN ZN  . ZN  B 2 .   ? -0.632  -8.306  -6.406  1.00 64.76 ? 181 ZN  A ZN  1 
HETATM 1369 ZN ZN  . ZN  C 2 .   ? 6.805   1.018   15.359  1.00 68.71 ? 182 ZN  A ZN  1 
HETATM 1370 O  O   . HOH D 3 .   ? -4.381  -10.444 1.019   1.00 46.71 ? 183 HOH A O   1 
HETATM 1371 O  O   . HOH D 3 .   ? 7.646   -1.913  -2.541  1.00 47.93 ? 184 HOH A O   1 
HETATM 1372 O  O   . HOH D 3 .   ? -5.944  -9.791  10.148  1.00 48.81 ? 185 HOH A O   1 
HETATM 1373 O  O   . HOH D 3 .   ? -8.964  -15.110 2.470   1.00 58.65 ? 186 HOH A O   1 
HETATM 1374 O  O   . HOH D 3 .   ? -8.035  10.057  -12.105 1.00 44.05 ? 187 HOH A O   1 
HETATM 1375 O  O   . HOH D 3 .   ? 2.207   8.063   12.181  1.00 59.91 ? 188 HOH A O   1 
HETATM 1376 O  O   . HOH D 3 .   ? 6.214   5.896   -4.228  1.00 43.21 ? 189 HOH A O   1 
HETATM 1377 O  O   . HOH D 3 .   ? -3.247  -4.646  14.794  1.00 52.46 ? 190 HOH A O   1 
HETATM 1378 O  O   . HOH D 3 .   ? -2.896  -13.914 17.953  1.00 59.53 ? 191 HOH A O   1 
HETATM 1379 O  O   . HOH D 3 .   ? 17.715  0.258   11.290  1.00 60.38 ? 192 HOH A O   1 
HETATM 1380 O  O   . HOH D 3 .   ? 4.411   15.571  6.804   1.00 55.13 ? 193 HOH A O   1 
HETATM 1381 O  O   . HOH D 3 .   ? -9.191  13.102  -20.046 1.00 84.02 ? 194 HOH A O   1 
HETATM 1382 O  O   . HOH D 3 .   ? 9.972   7.223   -4.017  1.00 57.66 ? 195 HOH A O   1 
HETATM 1383 O  O   . HOH D 3 .   ? 8.037   4.808   -1.897  1.00 50.05 ? 196 HOH A O   1 
HETATM 1384 O  O   . HOH D 3 .   ? 6.673   12.676  -4.262  1.00 30.51 ? 197 HOH A O   1 
HETATM 1385 O  O   . HOH D 3 .   ? -2.242  14.966  -10.159 1.00 39.21 ? 198 HOH A O   1 
HETATM 1386 O  O   . HOH D 3 .   ? 2.868   1.434   1.439   1.00 38.24 ? 199 HOH A O   1 
HETATM 1387 O  O   . HOH D 3 .   ? -0.623  2.711   -20.614 1.00 55.31 ? 200 HOH A O   1 
HETATM 1388 O  O   . HOH D 3 .   ? -3.750  17.788  -10.351 1.00 75.46 ? 201 HOH A O   1 
HETATM 1389 O  O   . HOH D 3 .   ? 0.381   -11.249 19.994  1.00 68.08 ? 202 HOH A O   1 
HETATM 1390 O  O   . HOH D 3 .   ? 5.430   11.702  -18.902 1.00 72.19 ? 203 HOH A O   1 
HETATM 1391 O  O   . HOH D 3 .   ? -11.498 9.422   -4.333  1.00 60.30 ? 204 HOH A O   1 
HETATM 1392 O  O   . HOH D 3 .   ? 10.576  -23.034 21.521  1.00 88.43 ? 205 HOH A O   1 
HETATM 1393 O  O   . HOH D 3 .   ? -11.950 -0.877  -12.647 1.00 48.40 ? 206 HOH A O   1 
HETATM 1394 O  O   . HOH D 3 .   ? -4.563  17.215  3.553   1.00 49.18 ? 207 HOH A O   1 
HETATM 1395 O  O   . HOH D 3 .   ? 11.990  2.119   1.792   1.00 48.23 ? 208 HOH A O   1 
HETATM 1396 O  O   . HOH D 3 .   ? 7.077   -13.044 -12.436 1.00 58.26 ? 209 HOH A O   1 
HETATM 1397 O  O   . HOH D 3 .   ? 4.584   11.421  -7.889  1.00 42.09 ? 210 HOH A O   1 
HETATM 1398 O  O   . HOH D 3 .   ? 1.757   -16.091 16.705  1.00 56.83 ? 211 HOH A O   1 
HETATM 1399 O  O   . HOH D 3 .   ? -11.968 7.848   -6.795  1.00 60.36 ? 212 HOH A O   1 
HETATM 1400 O  O   . HOH D 3 .   ? -9.120  8.115   -7.755  1.00 50.88 ? 213 HOH A O   1 
HETATM 1401 O  O   . HOH D 3 .   ? 15.076  1.324   1.915   1.00 58.93 ? 214 HOH A O   1 
HETATM 1402 O  O   . HOH D 3 .   ? 2.936   -16.219 22.783  1.00 59.72 ? 215 HOH A O   1 
HETATM 1403 O  O   . HOH D 3 .   ? -13.189 11.663  -3.238  1.00 62.14 ? 216 HOH A O   1 
HETATM 1404 O  O   . HOH D 3 .   ? -6.530  -7.525  15.485  1.00 60.55 ? 217 HOH A O   1 
HETATM 1405 O  O   . HOH D 3 .   ? -16.889 1.569   -8.212  1.00 75.81 ? 218 HOH A O   1 
HETATM 1406 O  O   . HOH D 3 .   ? -14.974 14.166  -6.310  1.00 53.33 ? 219 HOH A O   1 
HETATM 1407 O  O   . HOH D 3 .   ? -8.845  -6.675  -10.489 1.00 52.73 ? 220 HOH A O   1 
HETATM 1408 O  O   . HOH D 3 .   ? -6.770  -10.489 1.406   1.00 50.26 ? 221 HOH A O   1 
HETATM 1409 O  O   . HOH D 3 .   ? 3.472   -5.349  -6.760  1.00 43.77 ? 222 HOH A O   1 
HETATM 1410 O  O   . HOH D 3 .   ? -10.777 9.691   3.836   1.00 54.86 ? 223 HOH A O   1 
HETATM 1411 O  O   . HOH D 3 .   ? 8.814   -16.244 21.894  1.00 59.53 ? 224 HOH A O   1 
HETATM 1412 O  O   . HOH D 3 .   ? -2.552  17.685  -14.218 1.00 40.51 ? 225 HOH A O   1 
HETATM 1413 O  O   . HOH D 3 .   ? 8.930   -7.813  1.254   1.00 55.50 ? 226 HOH A O   1 
HETATM 1414 O  O   . HOH D 3 .   ? 6.639   5.372   -15.089 1.00 57.43 ? 227 HOH A O   1 
HETATM 1415 O  O   . HOH D 3 .   ? -9.983  -3.082  -14.239 1.00 49.97 ? 228 HOH A O   1 
HETATM 1416 O  O   . HOH D 3 .   ? -6.181  -17.091 12.602  1.00 55.00 ? 229 HOH A O   1 
HETATM 1417 O  O   . HOH D 3 .   ? 1.122   -11.943 -10.942 1.00 48.37 ? 230 HOH A O   1 
HETATM 1418 O  O   . HOH D 3 .   ? 11.359  -17.837 7.353   1.00 56.79 ? 231 HOH A O   1 
HETATM 1419 O  O   . HOH D 3 .   ? -15.352 -2.905  -4.605  1.00 52.81 ? 232 HOH A O   1 
HETATM 1420 O  O   . HOH D 3 .   ? 10.198  -12.838 -9.579  1.00 67.81 ? 233 HOH A O   1 
# 
